data_5CJO
#
_entry.id   5CJO
#
_cell.length_a   75.689
_cell.length_b   109.218
_cell.length_c   263.405
_cell.angle_alpha   90.00
_cell.angle_beta   90.00
_cell.angle_gamma   90.00
#
_symmetry.space_group_name_H-M   'P 2 21 21'
#
loop_
_entity.id
_entity.type
_entity.pdbx_description
1 polymer 'Insulin-degrading enzyme'
2 polymer 'FAB Heavy chain with engineered elbow'
3 polymer 'FAB light chain'
4 polymer Insulin
5 non-polymer '4-(2-HYDROXYETHYL)-1-PIPERAZINE ETHANESULFONIC ACID'
6 non-polymer 'ZINC ION'
#
loop_
_entity_poly.entity_id
_entity_poly.type
_entity_poly.pdbx_seq_one_letter_code
_entity_poly.pdbx_strand_id
1 'polypeptide(L)'
;MHHHHHHAAGIPMNNPAIKRIGNHITKSPEDKREYRGLELANGIKVLLISDPTTDKSSAALDVHIGSLSDPPNIAGLSHF
LQHMLFLGTKKYPKENEYSQFLSEHAGSSNAFTSGEHTNYYFDVSHEHLEGALDRFAQFFLSPLFDESAKDREVNAVDSE
HEKNVMNDAWRLFQLEKATGNPKHPFSKFGTGNKYTLETRPNQEGIDVRQELLKFHSAYYSSNLMAVVVLGRESLDDLTN
LVVKLFSEVENKNVPLPEFPEHPFQEEHLKQLYKIVPIKDIRNLYVTFPIPDLQKYYKSNPGHYLGHLIGHEGPGSLLSE
LKSKGWVNTLVGGQKEGARGFMFFIINVDLTEEGLLHVEDIILHMFQYIQKLRAEGPQEWVFQELKDLNAVAFRFKDKER
PRGYTSKIAGILHYYPLEEVLTAEYLLEEFRPDLIEMVLDKLRPENVRVAIVSKSFEGKTDRTEEWYGTQYKQEAIPDEV
IKKWQNADLNGKFKLPTKNEFIPTNFEILPLEKEATPYPALIKDTAMSKLWFKQDDKFFLPKANLNFEFFSPFAYVDPLH
SNMAYLYLELLKDSLNEYAYAAELAGLSYDLQNTIYGMYLSVKGYNDKQPILLKKIIEKMATFEIDEKRFEIIKEAYMRS
LNNFRAEQPHQHAMYYLRLLMTEVAWTKDELKEALDDVTLPRLKAFIPQLLSRLHIEALLHGNITKQAALGIMQMVEDTL
IEHAHTKPLLPSQLVRYREVQLPDRGWFVYQQRNEVHNNSGIEIYYQTDMQSTSENMFLELFAQIISEPAFNTLRTKEQL
GYIVFSGPRRANGIQGLRFIIQSEKPPHYLESRVEAFLITMEKSIEDMTEEAFQKHIQALAIRRLDKPKKLSAESAKYWG
EIISQQYNFDRDNTEVAYLKTLTKEDIIKFYKEMLAVDAPRRHKVSVHVLAREMDSNPVVGEFPAQNDINLSQAPALPQP
EVIQNMTEFKRGLPLFPLVKPHINFMAAKL
;
A
2 'polypeptide(L)'
;EISEVQLVESGGGLVQPGGSLRLSCAASGFNVSSYSIHWVRQAPGKGLEWVASISSYYGSTSYADSVKGRFTISADTSKN
TAYLQMNSLRAEDTAVYYCARDRVMYYWSFSKYGYPYGMDYWGQGTLVTVFNQIKGPSVFPLAPSSKSTSGGTAALGCLV
KDYFPEPVTVSWNSGALTSGVHTFPAVLQSSGLYSLSSVVTVPSSSLGTQTYICNVNHKPSNTKVDKKVEPKSCDKTHT
;
H
3 'polypeptide(L)'
;SDIQMTQSPSSLSASVGDRVTITCRASQSVSSAVAWYQQKPGKAPKLLIYSTSSLYSGVPSRFSGSRSGTDFTLTISSLQ
PEDFATYYCQQSSPSFLITFGQGTKVEIKRTVAAPSVFIFPPSDSQLKSGTASVVCLLNNFYPREAKVQWKVDNALQSGN
SQESVTEQDSKDSTYSLSSTLTLSKADYEKHKVYACEVTHQGLSSPVTKSFNRGEC
;
L
4 'polypeptide(L)' GIVEQCCTSICSLYQLENYC a
#
loop_
_chem_comp.id
_chem_comp.type
_chem_comp.name
_chem_comp.formula
EPE non-polymer '4-(2-HYDROXYETHYL)-1-PIPERAZINE ETHANESULFONIC ACID' 'C8 H18 N2 O4 S'
ZN non-polymer 'ZINC ION' 'Zn 2'
#
# COMPACT_ATOMS: atom_id res chain seq x y z
N ASN A 14 13.82 -15.45 28.60
CA ASN A 14 14.91 -16.22 28.01
C ASN A 14 16.15 -15.36 27.77
N ASN A 15 16.24 -14.79 26.57
CA ASN A 15 17.43 -14.07 26.14
C ASN A 15 17.40 -12.60 26.54
N PRO A 16 18.44 -12.15 27.27
CA PRO A 16 18.59 -10.76 27.68
C PRO A 16 18.76 -9.81 26.50
N ALA A 17 19.30 -10.33 25.40
CA ALA A 17 19.55 -9.52 24.21
C ALA A 17 18.30 -9.40 23.34
N ILE A 18 17.26 -10.14 23.71
CA ILE A 18 16.00 -10.11 22.96
C ILE A 18 14.86 -9.52 23.79
N LYS A 19 14.31 -8.41 23.33
CA LYS A 19 13.22 -7.74 24.04
C LYS A 19 11.91 -8.51 23.89
N ARG A 20 11.66 -9.01 22.68
CA ARG A 20 10.43 -9.77 22.41
C ARG A 20 10.53 -10.58 21.12
N ILE A 21 9.61 -11.53 20.97
CA ILE A 21 9.52 -12.31 19.75
C ILE A 21 8.06 -12.36 19.29
N GLY A 22 7.80 -11.75 18.13
CA GLY A 22 6.45 -11.65 17.61
C GLY A 22 5.83 -13.00 17.25
N ASN A 23 4.53 -13.00 17.04
CA ASN A 23 3.80 -14.22 16.69
C ASN A 23 3.94 -14.54 15.20
N HIS A 24 3.22 -15.57 14.77
CA HIS A 24 3.26 -16.00 13.38
C HIS A 24 3.26 -14.81 12.42
N ILE A 25 4.26 -14.75 11.56
CA ILE A 25 4.33 -13.72 10.54
C ILE A 25 3.43 -14.18 9.40
N THR A 26 2.33 -13.46 9.19
CA THR A 26 1.37 -13.82 8.15
C THR A 26 2.02 -13.77 6.77
N LYS A 27 1.93 -14.88 6.06
CA LYS A 27 2.51 -14.99 4.72
C LYS A 27 1.52 -15.64 3.76
N SER A 28 1.83 -15.59 2.47
CA SER A 28 1.02 -16.28 1.48
C SER A 28 1.16 -17.78 1.66
N PRO A 29 0.05 -18.51 1.48
CA PRO A 29 0.06 -19.98 1.59
C PRO A 29 1.00 -20.64 0.58
N GLU A 30 1.36 -19.92 -0.47
CA GLU A 30 2.27 -20.44 -1.50
C GLU A 30 3.73 -20.20 -1.11
N ASP A 31 3.95 -19.30 -0.16
CA ASP A 31 5.30 -19.00 0.32
C ASP A 31 5.84 -20.15 1.15
N LYS A 32 6.91 -20.78 0.68
CA LYS A 32 7.50 -21.92 1.36
C LYS A 32 8.71 -21.51 2.20
N ARG A 33 8.98 -20.22 2.24
CA ARG A 33 9.99 -19.67 3.14
C ARG A 33 9.39 -19.53 4.53
N GLU A 34 10.24 -19.51 5.55
CA GLU A 34 9.76 -19.40 6.92
C GLU A 34 10.25 -18.12 7.57
N TYR A 35 9.36 -17.44 8.29
CA TYR A 35 9.64 -16.11 8.83
C TYR A 35 9.56 -16.05 10.34
N ARG A 36 10.53 -15.36 10.94
CA ARG A 36 10.50 -15.08 12.37
C ARG A 36 10.85 -13.61 12.63
N GLY A 37 9.95 -12.92 13.33
CA GLY A 37 10.20 -11.53 13.69
C GLY A 37 10.56 -11.40 15.16
N LEU A 38 11.46 -10.48 15.46
CA LEU A 38 11.88 -10.25 16.85
C LEU A 38 12.45 -8.85 17.03
N GLU A 39 12.52 -8.40 18.28
CA GLU A 39 13.09 -7.10 18.60
C GLU A 39 14.19 -7.24 19.64
N LEU A 40 15.37 -6.69 19.32
CA LEU A 40 16.52 -6.80 20.19
C LEU A 40 16.42 -5.87 21.40
N ALA A 41 17.32 -6.06 22.37
CA ALA A 41 17.32 -5.25 23.58
C ALA A 41 17.68 -3.80 23.28
N ASN A 42 18.54 -3.60 22.28
CA ASN A 42 18.94 -2.26 21.89
C ASN A 42 17.97 -1.64 20.87
N GLY A 43 16.81 -2.27 20.71
CA GLY A 43 15.72 -1.68 19.97
C GLY A 43 15.67 -1.95 18.48
N ILE A 44 16.56 -2.83 18.01
CA ILE A 44 16.59 -3.15 16.58
C ILE A 44 15.50 -4.15 16.20
N LYS A 45 14.60 -3.74 15.33
CA LYS A 45 13.55 -4.63 14.83
C LYS A 45 14.14 -5.59 13.78
N VAL A 46 13.96 -6.88 13.99
CA VAL A 46 14.60 -7.88 13.14
C VAL A 46 13.58 -8.85 12.53
N LEU A 47 13.77 -9.16 11.24
CA LEU A 47 13.01 -10.21 10.59
C LEU A 47 13.93 -11.26 9.99
N LEU A 48 13.74 -12.52 10.39
CA LEU A 48 14.58 -13.61 9.91
C LEU A 48 13.83 -14.46 8.89
N ILE A 49 14.44 -14.66 7.72
CA ILE A 49 13.83 -15.45 6.67
C ILE A 49 14.67 -16.69 6.37
N SER A 50 14.09 -17.87 6.57
CA SER A 50 14.81 -19.11 6.34
C SER A 50 14.35 -19.80 5.07
N ASP A 51 15.24 -19.89 4.09
CA ASP A 51 14.94 -20.56 2.83
C ASP A 51 16.07 -21.52 2.46
N PRO A 52 15.90 -22.81 2.79
CA PRO A 52 16.90 -23.86 2.59
C PRO A 52 17.28 -24.12 1.13
N THR A 53 16.57 -23.49 0.20
CA THR A 53 16.83 -23.69 -1.23
C THR A 53 17.71 -22.58 -1.80
N THR A 54 17.79 -21.47 -1.09
CA THR A 54 18.45 -20.26 -1.59
C THR A 54 19.95 -20.46 -1.84
N ASP A 55 20.38 -20.16 -3.06
CA ASP A 55 21.78 -20.22 -3.43
C ASP A 55 22.55 -19.01 -2.90
N LYS A 56 21.87 -17.86 -2.90
CA LYS A 56 22.49 -16.61 -2.47
C LYS A 56 21.85 -16.04 -1.21
N SER A 57 22.46 -16.29 -0.06
CA SER A 57 22.00 -15.69 1.19
C SER A 57 22.10 -14.17 1.12
N SER A 58 21.17 -13.47 1.76
CA SER A 58 21.14 -12.01 1.71
C SER A 58 20.76 -11.38 3.04
N ALA A 59 21.12 -10.12 3.21
CA ALA A 59 20.79 -9.37 4.42
C ALA A 59 20.76 -7.87 4.14
N ALA A 60 20.04 -7.13 4.97
CA ALA A 60 19.90 -5.68 4.78
C ALA A 60 19.61 -4.95 6.08
N LEU A 61 20.04 -3.69 6.15
CA LEU A 61 19.76 -2.85 7.31
C LEU A 61 19.26 -1.48 6.86
N ASP A 62 18.17 -1.01 7.47
CA ASP A 62 17.60 0.28 7.12
C ASP A 62 17.56 1.21 8.33
N VAL A 63 18.23 2.35 8.20
CA VAL A 63 18.23 3.36 9.26
C VAL A 63 17.20 4.45 8.95
N HIS A 64 16.36 4.77 9.92
CA HIS A 64 15.30 5.75 9.72
C HIS A 64 15.85 7.18 9.86
N ILE A 65 16.89 7.48 9.08
CA ILE A 65 17.46 8.82 9.00
C ILE A 65 17.89 9.08 7.56
N GLY A 66 17.40 10.17 6.99
CA GLY A 66 17.67 10.48 5.59
C GLY A 66 18.43 11.78 5.39
N SER A 67 18.18 12.41 4.25
CA SER A 67 18.87 13.66 3.91
C SER A 67 18.14 14.87 4.47
N LEU A 68 16.97 14.64 5.06
CA LEU A 68 16.22 15.71 5.72
C LEU A 68 16.84 16.05 7.06
N SER A 69 17.81 15.25 7.49
CA SER A 69 18.47 15.44 8.77
C SER A 69 19.93 15.87 8.61
N ASP A 70 20.25 16.41 7.43
CA ASP A 70 21.60 16.94 7.19
C ASP A 70 21.81 18.23 7.97
N PRO A 71 23.05 18.48 8.39
CA PRO A 71 23.38 19.82 8.91
C PRO A 71 23.11 20.87 7.85
N PRO A 72 22.58 22.04 8.24
CA PRO A 72 22.17 23.10 7.32
C PRO A 72 23.30 23.60 6.41
N ASN A 73 24.54 23.37 6.82
CA ASN A 73 25.70 23.85 6.07
C ASN A 73 26.33 22.79 5.17
N ILE A 74 26.40 21.55 5.66
CA ILE A 74 26.95 20.46 4.87
C ILE A 74 25.82 19.66 4.21
N ALA A 75 25.33 20.16 3.07
CA ALA A 75 24.23 19.52 2.37
C ALA A 75 24.61 18.14 1.87
N GLY A 76 23.74 17.16 2.13
CA GLY A 76 23.96 15.80 1.68
C GLY A 76 25.03 15.05 2.46
N LEU A 77 25.17 15.39 3.74
CA LEU A 77 26.13 14.71 4.59
C LEU A 77 25.73 13.25 4.81
N SER A 78 24.42 13.02 4.90
CA SER A 78 23.90 11.67 5.05
C SER A 78 24.23 10.81 3.84
N HIS A 79 24.12 11.41 2.66
CA HIS A 79 24.46 10.73 1.42
C HIS A 79 25.95 10.39 1.39
N PHE A 80 26.77 11.34 1.84
CA PHE A 80 28.22 11.17 1.85
C PHE A 80 28.61 10.05 2.83
N LEU A 81 27.93 9.98 3.96
CA LEU A 81 28.22 8.97 4.98
C LEU A 81 27.93 7.57 4.45
N GLN A 82 26.90 7.46 3.62
CA GLN A 82 26.55 6.18 3.00
C GLN A 82 27.71 5.62 2.19
N HIS A 83 28.32 6.46 1.37
CA HIS A 83 29.47 6.07 0.57
C HIS A 83 30.66 5.66 1.44
N MET A 84 30.84 6.36 2.55
CA MET A 84 32.03 6.20 3.39
C MET A 84 32.03 4.94 4.25
N LEU A 85 30.85 4.42 4.57
CA LEU A 85 30.75 3.23 5.41
C LEU A 85 31.33 2.00 4.70
N PHE A 86 31.26 2.00 3.38
CA PHE A 86 31.77 0.89 2.58
C PHE A 86 33.29 0.82 2.60
N LEU A 87 33.93 1.96 2.81
CA LEU A 87 35.38 2.08 2.61
C LEU A 87 36.21 1.72 3.83
N GLY A 88 35.61 1.02 4.79
CA GLY A 88 36.40 0.49 5.90
C GLY A 88 35.83 0.67 7.29
N THR A 89 36.05 -0.34 8.12
CA THR A 89 35.74 -0.29 9.54
C THR A 89 36.99 -0.67 10.31
N LYS A 90 37.01 -0.45 11.62
CA LYS A 90 38.22 -0.69 12.40
C LYS A 90 38.53 -2.16 12.58
N LYS A 91 37.50 -3.01 12.47
CA LYS A 91 37.69 -4.45 12.54
C LYS A 91 38.22 -4.98 11.20
N TYR A 92 37.69 -4.42 10.11
CA TYR A 92 38.14 -4.77 8.76
C TYR A 92 38.66 -3.51 8.07
N PRO A 93 39.92 -3.14 8.36
CA PRO A 93 40.51 -1.84 8.01
C PRO A 93 40.84 -1.64 6.53
N LYS A 94 41.07 -2.71 5.77
CA LYS A 94 41.40 -2.57 4.36
C LYS A 94 40.25 -1.92 3.62
N GLU A 95 40.56 -0.90 2.83
CA GLU A 95 39.56 -0.04 2.20
C GLU A 95 38.50 -0.80 1.41
N ASN A 96 38.92 -1.79 0.64
CA ASN A 96 37.98 -2.56 -0.19
C ASN A 96 37.79 -3.99 0.30
N GLU A 97 37.98 -4.21 1.61
CA GLU A 97 37.80 -5.53 2.20
C GLU A 97 36.39 -6.05 2.00
N TYR A 98 35.40 -5.19 2.22
CA TYR A 98 34.00 -5.55 2.11
C TYR A 98 33.62 -5.92 0.68
N SER A 99 33.99 -5.07 -0.28
CA SER A 99 33.65 -5.28 -1.68
C SER A 99 34.37 -6.49 -2.27
N GLN A 100 35.62 -6.68 -1.86
CA GLN A 100 36.43 -7.79 -2.36
C GLN A 100 35.88 -9.14 -1.91
N PHE A 101 35.44 -9.20 -0.66
CA PHE A 101 34.94 -10.45 -0.08
C PHE A 101 33.69 -10.94 -0.80
N LEU A 102 32.76 -10.03 -1.06
CA LEU A 102 31.52 -10.38 -1.74
C LEU A 102 31.79 -10.82 -3.17
N SER A 103 32.70 -10.12 -3.84
CA SER A 103 33.04 -10.42 -5.22
C SER A 103 33.73 -11.77 -5.35
N GLU A 104 34.39 -12.20 -4.26
CA GLU A 104 35.07 -13.49 -4.25
C GLU A 104 34.15 -14.62 -3.81
N HIS A 105 32.91 -14.27 -3.47
CA HIS A 105 31.95 -15.27 -3.02
C HIS A 105 30.57 -15.06 -3.65
N ALA A 106 30.58 -14.71 -4.94
CA ALA A 106 29.35 -14.64 -5.74
C ALA A 106 28.34 -13.63 -5.21
N GLY A 107 28.81 -12.59 -4.52
CA GLY A 107 27.92 -11.62 -3.92
C GLY A 107 28.05 -10.21 -4.47
N SER A 108 27.05 -9.39 -4.20
CA SER A 108 27.07 -7.99 -4.59
C SER A 108 26.58 -7.11 -3.43
N SER A 109 26.67 -5.80 -3.60
CA SER A 109 26.24 -4.86 -2.57
C SER A 109 25.81 -3.53 -3.17
N ASN A 110 24.93 -2.83 -2.46
CA ASN A 110 24.38 -1.57 -2.93
C ASN A 110 23.62 -0.85 -1.82
N ALA A 111 23.46 0.47 -1.95
CA ALA A 111 22.78 1.24 -0.92
C ALA A 111 22.12 2.50 -1.50
N PHE A 112 21.27 3.14 -0.72
CA PHE A 112 20.68 4.42 -1.12
C PHE A 112 20.27 5.27 0.07
N THR A 113 20.08 6.56 -0.19
CA THR A 113 19.70 7.51 0.86
C THR A 113 18.51 8.37 0.42
N SER A 114 17.34 8.11 1.01
CA SER A 114 16.15 8.89 0.71
C SER A 114 16.03 10.04 1.70
N GLY A 115 14.82 10.59 1.80
CA GLY A 115 14.58 11.70 2.70
C GLY A 115 14.56 11.29 4.16
N GLU A 116 14.18 10.03 4.41
CA GLU A 116 14.05 9.55 5.78
C GLU A 116 14.78 8.23 6.02
N HIS A 117 15.32 7.63 4.97
CA HIS A 117 15.96 6.33 5.10
C HIS A 117 17.36 6.26 4.52
N THR A 118 18.18 5.38 5.08
CA THR A 118 19.46 5.03 4.50
C THR A 118 19.58 3.51 4.51
N ASN A 119 19.36 2.90 3.35
CA ASN A 119 19.22 1.45 3.25
C ASN A 119 20.45 0.77 2.66
N TYR A 120 21.02 -0.16 3.42
CA TYR A 120 22.17 -0.93 2.97
C TYR A 120 21.78 -2.40 2.79
N TYR A 121 22.30 -3.06 1.76
CA TYR A 121 21.98 -4.46 1.51
C TYR A 121 23.06 -5.19 0.73
N PHE A 122 22.98 -6.52 0.74
CA PHE A 122 23.93 -7.36 0.03
C PHE A 122 23.41 -8.79 -0.13
N ASP A 123 23.96 -9.52 -1.10
CA ASP A 123 23.78 -10.95 -1.17
C ASP A 123 25.14 -11.63 -1.21
N VAL A 124 25.15 -12.95 -1.04
CA VAL A 124 26.40 -13.72 -0.99
C VAL A 124 26.07 -15.21 -1.05
N SER A 125 27.04 -16.03 -1.43
CA SER A 125 26.87 -17.48 -1.42
C SER A 125 26.41 -17.93 -0.03
N HIS A 126 25.42 -18.82 0.00
CA HIS A 126 24.77 -19.22 1.25
C HIS A 126 25.73 -19.77 2.29
N GLU A 127 26.87 -20.28 1.84
CA GLU A 127 27.86 -20.85 2.74
C GLU A 127 28.68 -19.77 3.46
N HIS A 128 28.62 -18.55 2.94
CA HIS A 128 29.41 -17.46 3.49
C HIS A 128 28.55 -16.31 4.01
N LEU A 129 27.38 -16.63 4.54
CA LEU A 129 26.46 -15.62 5.07
C LEU A 129 27.07 -14.88 6.25
N GLU A 130 27.66 -15.63 7.18
CA GLU A 130 28.21 -15.04 8.40
C GLU A 130 29.43 -14.16 8.12
N GLY A 131 30.33 -14.66 7.28
CA GLY A 131 31.55 -13.94 6.95
C GLY A 131 31.28 -12.56 6.36
N ALA A 132 30.18 -12.43 5.64
CA ALA A 132 29.79 -11.16 5.04
C ALA A 132 29.01 -10.31 6.02
N LEU A 133 28.09 -10.94 6.74
CA LEU A 133 27.25 -10.25 7.71
C LEU A 133 28.10 -9.62 8.81
N ASP A 134 29.19 -10.29 9.18
CA ASP A 134 30.11 -9.79 10.19
C ASP A 134 30.75 -8.48 9.75
N ARG A 135 31.25 -8.47 8.51
CA ARG A 135 31.84 -7.28 7.93
C ARG A 135 30.78 -6.19 7.73
N PHE A 136 29.57 -6.62 7.41
CA PHE A 136 28.45 -5.72 7.19
C PHE A 136 27.99 -5.07 8.50
N ALA A 137 28.11 -5.81 9.59
CA ALA A 137 27.69 -5.34 10.90
C ALA A 137 28.61 -4.25 11.42
N GLN A 138 29.87 -4.28 11.00
CA GLN A 138 30.86 -3.33 11.47
C GLN A 138 30.61 -1.92 10.96
N PHE A 139 29.77 -1.80 9.93
CA PHE A 139 29.44 -0.51 9.34
C PHE A 139 28.84 0.46 10.36
N PHE A 140 28.26 -0.08 11.41
CA PHE A 140 27.50 0.70 12.36
C PHE A 140 28.15 0.70 13.74
N LEU A 141 29.10 -0.20 13.93
CA LEU A 141 29.84 -0.28 15.18
C LEU A 141 30.92 0.80 15.24
N SER A 142 31.85 0.73 14.30
CA SER A 142 32.95 1.70 14.24
C SER A 142 33.52 1.82 12.84
N PRO A 143 33.05 2.81 12.07
CA PRO A 143 33.58 3.08 10.73
C PRO A 143 34.87 3.89 10.79
N LEU A 144 35.80 3.61 9.89
CA LEU A 144 37.08 4.31 9.88
C LEU A 144 36.94 5.78 9.53
N PHE A 145 36.13 6.06 8.49
CA PHE A 145 35.99 7.41 7.95
C PHE A 145 37.35 8.01 7.63
N ASP A 146 38.20 7.22 6.98
CA ASP A 146 39.54 7.66 6.61
C ASP A 146 39.48 8.88 5.70
N GLU A 147 40.33 9.86 5.98
CA GLU A 147 40.26 11.14 5.28
C GLU A 147 40.74 11.05 3.83
N SER A 148 41.78 10.26 3.58
CA SER A 148 42.26 10.07 2.22
C SER A 148 41.18 9.43 1.35
N ALA A 149 40.37 8.58 1.97
CA ALA A 149 39.20 8.01 1.31
C ALA A 149 38.10 9.05 1.18
N LYS A 150 38.01 9.93 2.17
CA LYS A 150 37.01 10.99 2.18
C LYS A 150 37.21 11.97 1.02
N ASP A 151 38.46 12.39 0.81
CA ASP A 151 38.81 13.36 -0.22
C ASP A 151 38.81 12.76 -1.62
N ARG A 152 38.74 11.44 -1.69
CA ARG A 152 38.61 10.75 -2.96
C ARG A 152 37.14 10.49 -3.29
N GLU A 153 36.43 9.84 -2.38
CA GLU A 153 35.04 9.46 -2.61
C GLU A 153 34.12 10.67 -2.77
N VAL A 154 34.59 11.84 -2.35
CA VAL A 154 33.82 13.06 -2.49
C VAL A 154 33.62 13.40 -3.98
N ASN A 155 34.56 12.94 -4.81
CA ASN A 155 34.45 13.13 -6.25
C ASN A 155 33.43 12.18 -6.86
N ALA A 156 33.24 11.03 -6.23
CA ALA A 156 32.23 10.07 -6.67
C ALA A 156 30.84 10.65 -6.46
N VAL A 157 30.65 11.31 -5.31
CA VAL A 157 29.39 11.99 -5.02
C VAL A 157 29.20 13.16 -5.97
N ASP A 158 30.28 13.90 -6.20
CA ASP A 158 30.26 15.03 -7.12
C ASP A 158 29.92 14.58 -8.54
N SER A 159 30.47 13.44 -8.93
CA SER A 159 30.22 12.89 -10.27
C SER A 159 28.82 12.30 -10.37
N GLU A 160 28.32 11.77 -9.25
CA GLU A 160 26.98 11.20 -9.22
C GLU A 160 25.92 12.29 -9.40
N HIS A 161 26.16 13.44 -8.78
CA HIS A 161 25.27 14.59 -8.93
C HIS A 161 25.44 15.22 -10.30
N GLU A 162 26.65 15.10 -10.86
CA GLU A 162 26.98 15.73 -12.13
C GLU A 162 26.18 15.14 -13.29
N LYS A 163 25.91 13.84 -13.22
CA LYS A 163 25.18 13.15 -14.29
C LYS A 163 23.68 13.44 -14.19
N ASN A 164 23.28 14.18 -13.16
CA ASN A 164 21.87 14.47 -12.93
C ASN A 164 21.53 15.95 -13.14
N VAL A 165 22.56 16.77 -13.32
CA VAL A 165 22.38 18.21 -13.47
C VAL A 165 21.53 18.53 -14.70
N MET A 166 21.69 17.75 -15.76
CA MET A 166 20.95 17.97 -16.99
C MET A 166 19.79 16.98 -17.15
N ASN A 167 19.49 16.25 -16.07
CA ASN A 167 18.35 15.35 -16.05
C ASN A 167 17.07 16.11 -15.71
N ASP A 168 16.11 16.08 -16.61
CA ASP A 168 14.86 16.82 -16.43
C ASP A 168 14.07 16.36 -15.22
N ALA A 169 14.28 15.12 -14.81
CA ALA A 169 13.60 14.57 -13.64
C ALA A 169 14.14 15.20 -12.35
N TRP A 170 15.45 15.17 -12.20
CA TRP A 170 16.09 15.72 -11.00
C TRP A 170 15.94 17.24 -10.91
N ARG A 171 15.93 17.89 -12.06
CA ARG A 171 15.77 19.34 -12.10
C ARG A 171 14.40 19.77 -11.62
N LEU A 172 13.39 18.94 -11.86
CA LEU A 172 12.03 19.21 -11.41
C LEU A 172 11.83 18.77 -9.97
N PHE A 173 12.48 17.66 -9.60
CA PHE A 173 12.39 17.13 -8.25
C PHE A 173 12.94 18.12 -7.23
N GLN A 174 14.04 18.78 -7.57
CA GLN A 174 14.67 19.74 -6.67
C GLN A 174 13.96 21.08 -6.72
N LEU A 175 13.32 21.38 -7.86
CA LEU A 175 12.62 22.63 -8.03
C LEU A 175 11.38 22.71 -7.15
N GLU A 176 10.65 21.61 -7.06
CA GLU A 176 9.48 21.53 -6.19
C GLU A 176 9.89 21.81 -4.74
N LYS A 177 11.05 21.29 -4.36
CA LYS A 177 11.58 21.49 -3.02
C LYS A 177 12.04 22.93 -2.81
N ALA A 178 12.42 23.60 -3.91
CA ALA A 178 12.95 24.96 -3.83
C ALA A 178 11.83 25.99 -3.79
N THR A 179 10.65 25.63 -4.27
CA THR A 179 9.53 26.55 -4.31
C THR A 179 8.60 26.38 -3.11
N GLY A 180 9.15 25.81 -2.03
CA GLY A 180 8.41 25.69 -0.78
C GLY A 180 9.03 26.58 0.28
N ASN A 181 8.66 26.34 1.54
CA ASN A 181 9.24 27.09 2.65
C ASN A 181 10.73 26.80 2.79
N PRO A 182 11.58 27.81 2.52
CA PRO A 182 13.03 27.67 2.43
C PRO A 182 13.69 27.15 3.72
N LYS A 183 13.01 27.25 4.84
CA LYS A 183 13.59 26.82 6.11
C LYS A 183 13.06 25.46 6.56
N HIS A 184 12.01 25.00 5.90
CA HIS A 184 11.53 23.64 6.10
C HIS A 184 12.57 22.69 5.52
N PRO A 185 12.92 21.64 6.27
CA PRO A 185 13.93 20.66 5.86
C PRO A 185 13.69 20.08 4.46
N PHE A 186 12.46 20.20 3.97
CA PHE A 186 12.08 19.69 2.67
C PHE A 186 12.79 20.40 1.52
N SER A 187 13.32 21.59 1.79
CA SER A 187 13.97 22.38 0.74
C SER A 187 15.47 22.11 0.62
N LYS A 188 15.96 21.15 1.41
CA LYS A 188 17.39 20.84 1.43
C LYS A 188 17.87 20.15 0.15
N PHE A 189 19.15 20.29 -0.13
CA PHE A 189 19.79 19.57 -1.23
C PHE A 189 20.29 18.22 -0.71
N GLY A 190 19.69 17.16 -1.20
CA GLY A 190 19.94 15.83 -0.67
C GLY A 190 21.22 15.16 -1.12
N THR A 191 21.59 15.35 -2.39
CA THR A 191 22.72 14.64 -2.96
C THR A 191 24.06 15.13 -2.42
N GLY A 192 24.34 16.43 -2.58
CA GLY A 192 25.62 16.98 -2.19
C GLY A 192 26.60 16.91 -3.35
N ASN A 193 27.63 17.75 -3.30
CA ASN A 193 28.65 17.77 -4.35
C ASN A 193 30.02 18.14 -3.80
N LYS A 194 30.97 18.38 -4.71
CA LYS A 194 32.33 18.73 -4.30
C LYS A 194 32.35 20.10 -3.61
N TYR A 195 31.34 20.91 -3.88
CA TYR A 195 31.24 22.24 -3.28
C TYR A 195 30.80 22.18 -1.82
N THR A 196 29.73 21.43 -1.57
CA THR A 196 29.15 21.37 -0.23
C THR A 196 29.95 20.49 0.72
N LEU A 197 30.66 19.52 0.18
CA LEU A 197 31.34 18.52 1.01
C LEU A 197 32.77 19.01 1.21
N GLU A 198 33.48 19.30 0.13
CA GLU A 198 34.86 19.75 0.24
C GLU A 198 35.22 21.24 0.17
N THR A 199 34.72 21.92 -0.86
CA THR A 199 35.07 23.32 -1.11
C THR A 199 34.69 24.23 0.05
N ARG A 200 33.40 24.31 0.34
CA ARG A 200 32.90 25.17 1.43
C ARG A 200 33.44 24.79 2.82
N PRO A 201 33.43 23.48 3.18
CA PRO A 201 33.98 23.15 4.50
C PRO A 201 35.48 23.46 4.64
N ASN A 202 36.17 23.65 3.53
CA ASN A 202 37.57 24.06 3.58
C ASN A 202 37.68 25.57 3.70
N GLN A 203 36.71 26.28 3.12
CA GLN A 203 36.65 27.73 3.26
C GLN A 203 36.29 28.10 4.69
N GLU A 204 35.14 27.64 5.15
CA GLU A 204 34.66 27.93 6.50
C GLU A 204 35.48 27.19 7.55
N GLY A 205 36.19 26.15 7.12
CA GLY A 205 37.11 25.44 8.00
C GLY A 205 36.46 24.34 8.82
N ILE A 206 35.64 23.51 8.17
CA ILE A 206 34.92 22.46 8.86
C ILE A 206 35.63 21.12 8.73
N ASP A 207 35.96 20.49 9.87
CA ASP A 207 36.55 19.16 9.85
C ASP A 207 35.50 18.15 9.44
N VAL A 208 35.45 17.86 8.14
CA VAL A 208 34.41 17.02 7.56
C VAL A 208 34.40 15.61 8.16
N ARG A 209 35.57 15.12 8.56
CA ARG A 209 35.67 13.77 9.11
C ARG A 209 34.95 13.64 10.44
N GLN A 210 35.15 14.61 11.33
CA GLN A 210 34.51 14.57 12.63
C GLN A 210 33.04 14.95 12.54
N GLU A 211 32.68 15.67 11.48
CA GLU A 211 31.28 15.95 11.20
C GLU A 211 30.59 14.66 10.78
N LEU A 212 31.35 13.77 10.13
CA LEU A 212 30.87 12.44 9.80
C LEU A 212 30.75 11.59 11.05
N LEU A 213 31.82 11.56 11.84
CA LEU A 213 31.85 10.79 13.08
C LEU A 213 30.75 11.20 14.04
N LYS A 214 30.47 12.49 14.08
CA LYS A 214 29.45 13.03 14.98
C LYS A 214 28.05 12.64 14.50
N PHE A 215 27.86 12.59 13.18
CA PHE A 215 26.56 12.23 12.62
C PHE A 215 26.24 10.76 12.85
N HIS A 216 27.28 9.93 12.86
CA HIS A 216 27.12 8.50 13.05
C HIS A 216 26.68 8.17 14.47
N SER A 217 27.34 8.77 15.45
CA SER A 217 27.01 8.51 16.84
C SER A 217 25.71 9.18 17.26
N ALA A 218 25.28 10.19 16.50
CA ALA A 218 24.11 10.96 16.88
C ALA A 218 22.82 10.47 16.23
N TYR A 219 22.92 9.81 15.07
CA TYR A 219 21.73 9.39 14.35
C TYR A 219 21.71 7.90 14.02
N TYR A 220 22.88 7.31 13.80
CA TYR A 220 22.94 5.87 13.55
C TYR A 220 22.89 5.11 14.87
N SER A 221 21.75 5.22 15.55
CA SER A 221 21.50 4.50 16.78
C SER A 221 20.71 3.23 16.49
N SER A 222 20.92 2.21 17.30
CA SER A 222 20.21 0.94 17.15
C SER A 222 18.69 1.14 17.25
N ASN A 223 18.30 2.20 17.95
CA ASN A 223 16.90 2.59 18.09
C ASN A 223 16.19 2.75 16.74
N LEU A 224 16.87 3.38 15.79
CA LEU A 224 16.26 3.69 14.50
C LEU A 224 16.61 2.69 13.40
N MET A 225 17.06 1.50 13.80
CA MET A 225 17.51 0.51 12.83
C MET A 225 16.55 -0.67 12.69
N ALA A 226 16.61 -1.32 11.53
CA ALA A 226 15.82 -2.51 11.24
C ALA A 226 16.60 -3.47 10.36
N VAL A 227 16.71 -4.72 10.80
CA VAL A 227 17.54 -5.70 10.11
C VAL A 227 16.75 -6.88 9.57
N VAL A 228 16.98 -7.23 8.30
CA VAL A 228 16.40 -8.42 7.70
C VAL A 228 17.49 -9.35 7.19
N VAL A 229 17.49 -10.59 7.67
CA VAL A 229 18.50 -11.55 7.26
C VAL A 229 17.87 -12.80 6.64
N LEU A 230 18.30 -13.12 5.42
CA LEU A 230 17.80 -14.30 4.72
C LEU A 230 18.94 -15.28 4.46
N GLY A 231 18.82 -16.49 4.97
CA GLY A 231 19.84 -17.50 4.80
C GLY A 231 19.30 -18.92 4.75
N ARG A 232 20.15 -19.85 4.36
CA ARG A 232 19.77 -21.26 4.31
C ARG A 232 19.68 -21.84 5.71
N GLU A 233 20.37 -21.20 6.66
CA GLU A 233 20.38 -21.62 8.05
C GLU A 233 18.97 -21.60 8.65
N SER A 234 18.77 -22.38 9.70
CA SER A 234 17.48 -22.46 10.36
C SER A 234 17.13 -21.15 11.06
N LEU A 235 15.86 -21.00 11.43
CA LEU A 235 15.39 -19.78 12.10
C LEU A 235 16.09 -19.55 13.43
N ASP A 236 16.46 -20.63 14.10
CA ASP A 236 17.11 -20.54 15.41
C ASP A 236 18.58 -20.14 15.29
N ASP A 237 19.23 -20.60 14.23
CA ASP A 237 20.64 -20.28 14.00
C ASP A 237 20.80 -18.85 13.50
N LEU A 238 19.82 -18.37 12.74
CA LEU A 238 19.82 -16.99 12.27
C LEU A 238 19.64 -16.04 13.45
N THR A 239 18.87 -16.49 14.44
CA THR A 239 18.63 -15.70 15.65
C THR A 239 19.94 -15.49 16.41
N ASN A 240 20.69 -16.57 16.59
CA ASN A 240 21.98 -16.51 17.27
C ASN A 240 22.97 -15.63 16.54
N LEU A 241 22.90 -15.65 15.20
CA LEU A 241 23.84 -14.92 14.36
C LEU A 241 23.60 -13.41 14.44
N VAL A 242 22.33 -13.01 14.53
CA VAL A 242 21.99 -11.60 14.58
C VAL A 242 22.27 -11.00 15.96
N VAL A 243 21.91 -11.72 17.02
CA VAL A 243 22.14 -11.25 18.38
C VAL A 243 23.62 -11.24 18.73
N LYS A 244 24.44 -11.87 17.90
CA LYS A 244 25.88 -11.90 18.12
C LYS A 244 26.56 -10.66 17.54
N LEU A 245 26.06 -10.21 16.39
CA LEU A 245 26.72 -9.15 15.64
C LEU A 245 26.05 -7.79 15.78
N PHE A 246 24.81 -7.76 16.28
CA PHE A 246 24.04 -6.52 16.28
C PHE A 246 23.55 -6.09 17.66
N SER A 247 23.59 -6.98 18.64
CA SER A 247 23.14 -6.65 19.99
C SER A 247 24.08 -5.67 20.67
N GLU A 248 25.27 -5.52 20.11
CA GLU A 248 26.29 -4.64 20.66
C GLU A 248 26.12 -3.21 20.16
N VAL A 249 25.46 -3.05 19.01
CA VAL A 249 25.18 -1.74 18.43
C VAL A 249 24.53 -0.80 19.45
N GLU A 250 25.21 0.30 19.76
CA GLU A 250 24.79 1.18 20.84
C GLU A 250 23.44 1.84 20.59
N ASN A 251 22.75 2.16 21.68
CA ASN A 251 21.44 2.80 21.61
C ASN A 251 21.48 4.21 22.17
N LYS A 252 21.12 5.19 21.34
CA LYS A 252 21.11 6.59 21.75
C LYS A 252 19.68 7.05 22.07
N ASN A 253 18.72 6.20 21.79
CA ASN A 253 17.30 6.54 21.95
C ASN A 253 16.92 7.82 21.22
N VAL A 254 17.36 7.94 19.98
CA VAL A 254 17.10 9.12 19.18
C VAL A 254 15.65 9.18 18.72
N PRO A 255 14.96 10.28 19.05
CA PRO A 255 13.56 10.50 18.64
C PRO A 255 13.41 10.48 17.12
N LEU A 256 12.37 9.82 16.64
CA LEU A 256 12.12 9.73 15.19
C LEU A 256 11.72 11.10 14.64
N PRO A 257 12.54 11.65 13.74
CA PRO A 257 12.29 12.97 13.15
C PRO A 257 10.98 13.04 12.37
N GLU A 258 10.03 13.81 12.89
CA GLU A 258 8.78 14.04 12.18
C GLU A 258 8.69 15.49 11.73
N PHE A 259 7.98 15.72 10.64
CA PHE A 259 7.87 17.06 10.07
C PHE A 259 6.40 17.40 9.83
N PRO A 260 5.69 17.75 10.91
CA PRO A 260 4.23 17.95 10.91
C PRO A 260 3.77 19.10 10.00
N GLU A 261 4.28 20.30 10.21
CA GLU A 261 3.86 21.44 9.41
C GLU A 261 4.26 21.25 7.95
N HIS A 262 3.35 21.57 7.05
CA HIS A 262 3.54 21.32 5.62
C HIS A 262 4.48 22.34 5.00
N PRO A 263 5.38 21.87 4.11
CA PRO A 263 6.27 22.75 3.35
C PRO A 263 5.51 23.71 2.46
N PHE A 264 4.34 23.29 2.00
CA PHE A 264 3.49 24.13 1.14
C PHE A 264 2.35 24.74 1.95
N GLN A 265 2.60 25.92 2.52
CA GLN A 265 1.56 26.65 3.23
C GLN A 265 0.90 27.67 2.31
N GLU A 266 0.15 28.60 2.89
CA GLU A 266 -0.73 29.48 2.12
C GLU A 266 -0.07 30.27 1.00
N GLU A 267 1.09 30.86 1.27
CA GLU A 267 1.75 31.71 0.28
C GLU A 267 2.32 30.90 -0.89
N HIS A 268 2.40 29.58 -0.72
CA HIS A 268 2.90 28.71 -1.78
C HIS A 268 1.74 28.11 -2.58
N LEU A 269 0.53 28.31 -2.10
CA LEU A 269 -0.66 27.75 -2.74
C LEU A 269 -1.19 28.68 -3.83
N LYS A 270 -1.95 28.10 -4.76
CA LYS A 270 -2.50 28.84 -5.90
C LYS A 270 -1.42 29.57 -6.69
N GLN A 271 -0.27 28.91 -6.84
CA GLN A 271 0.86 29.47 -7.58
C GLN A 271 1.08 28.71 -8.88
N LEU A 272 1.38 29.44 -9.94
CA LEU A 272 1.65 28.84 -11.25
C LEU A 272 3.14 28.92 -11.59
N TYR A 273 3.70 27.80 -12.04
CA TYR A 273 5.11 27.75 -12.39
C TYR A 273 5.31 27.36 -13.84
N LYS A 274 6.18 28.09 -14.54
CA LYS A 274 6.49 27.79 -15.93
C LYS A 274 7.98 27.52 -16.07
N ILE A 275 8.33 26.31 -16.51
CA ILE A 275 9.71 25.82 -16.42
C ILE A 275 10.29 25.43 -17.78
N VAL A 276 11.54 25.82 -18.01
CA VAL A 276 12.26 25.45 -19.22
C VAL A 276 13.06 24.17 -19.03
N PRO A 277 12.70 23.11 -19.76
CA PRO A 277 13.36 21.80 -19.66
C PRO A 277 14.61 21.69 -20.52
N ILE A 278 15.32 20.57 -20.40
CA ILE A 278 16.48 20.30 -21.23
C ILE A 278 16.04 19.60 -22.52
N LYS A 279 15.17 18.60 -22.36
CA LYS A 279 14.58 17.92 -23.50
C LYS A 279 13.39 18.70 -24.04
N ASP A 280 12.96 18.35 -25.25
CA ASP A 280 11.75 18.93 -25.83
C ASP A 280 10.54 18.17 -25.32
N ILE A 281 10.17 18.43 -24.07
CA ILE A 281 9.04 17.75 -23.45
C ILE A 281 7.95 18.72 -23.01
N ARG A 282 6.71 18.23 -22.97
CA ARG A 282 5.59 19.03 -22.52
C ARG A 282 4.81 18.31 -21.43
N ASN A 283 4.88 18.83 -20.21
CA ASN A 283 4.21 18.20 -19.09
C ASN A 283 3.46 19.20 -18.20
N LEU A 284 2.32 18.76 -17.67
CA LEU A 284 1.54 19.54 -16.73
C LEU A 284 1.52 18.86 -15.37
N TYR A 285 2.01 19.54 -14.35
CA TYR A 285 2.10 18.96 -13.01
C TYR A 285 1.15 19.63 -12.02
N VAL A 286 0.04 18.96 -11.75
CA VAL A 286 -0.93 19.44 -10.76
C VAL A 286 -0.68 18.75 -9.43
N THR A 287 -0.67 19.52 -8.35
CA THR A 287 -0.32 18.99 -7.03
C THR A 287 -1.21 19.55 -5.92
N PHE A 288 -1.57 18.70 -4.97
CA PHE A 288 -2.33 19.11 -3.79
C PHE A 288 -1.63 18.67 -2.51
N PRO A 289 -1.58 19.56 -1.51
CA PRO A 289 -1.02 19.22 -0.19
C PRO A 289 -2.03 18.46 0.68
N ILE A 290 -1.62 17.30 1.18
CA ILE A 290 -2.48 16.48 2.04
C ILE A 290 -1.73 16.01 3.27
N PRO A 291 -2.47 15.69 4.36
CA PRO A 291 -1.83 15.14 5.56
C PRO A 291 -1.20 13.77 5.33
N ASP A 292 -0.31 13.35 6.23
CA ASP A 292 0.33 12.05 6.13
C ASP A 292 -0.69 10.93 6.29
N LEU A 293 -1.09 10.33 5.17
CA LEU A 293 -2.11 9.29 5.17
C LEU A 293 -1.55 7.92 5.51
N GLN A 294 -0.36 7.89 6.10
CA GLN A 294 0.34 6.65 6.38
C GLN A 294 -0.41 5.74 7.35
N LYS A 295 -1.00 6.34 8.38
CA LYS A 295 -1.66 5.55 9.43
C LYS A 295 -3.00 4.97 8.98
N TYR A 296 -3.54 5.50 7.88
CA TYR A 296 -4.80 5.00 7.33
C TYR A 296 -4.54 3.94 6.26
N TYR A 297 -3.40 3.24 6.37
CA TYR A 297 -2.91 2.39 5.30
C TYR A 297 -3.77 1.15 5.03
N LYS A 298 -4.65 0.83 5.97
CA LYS A 298 -5.41 -0.40 5.92
C LYS A 298 -6.74 -0.24 5.17
N SER A 299 -7.28 0.98 5.23
CA SER A 299 -8.41 1.34 4.38
C SER A 299 -7.83 1.94 3.10
N ASN A 300 -6.70 2.62 3.26
CA ASN A 300 -5.96 3.22 2.16
C ASN A 300 -6.66 4.21 1.23
N PRO A 301 -7.36 5.19 1.81
CA PRO A 301 -8.13 6.16 1.03
C PRO A 301 -7.41 6.86 -0.12
N GLY A 302 -6.09 6.99 -0.01
CA GLY A 302 -5.30 7.63 -1.05
C GLY A 302 -5.23 6.80 -2.31
N HIS A 303 -5.05 5.49 -2.14
CA HIS A 303 -4.96 4.58 -3.27
C HIS A 303 -6.30 4.44 -3.97
N TYR A 304 -7.38 4.55 -3.19
CA TYR A 304 -8.73 4.48 -3.73
C TYR A 304 -9.01 5.65 -4.66
N LEU A 305 -8.80 6.86 -4.16
CA LEU A 305 -9.05 8.08 -4.94
C LEU A 305 -8.15 8.13 -6.17
N GLY A 306 -6.93 7.62 -6.03
CA GLY A 306 -6.00 7.58 -7.15
C GLY A 306 -6.49 6.63 -8.23
N HIS A 307 -6.85 5.42 -7.82
CA HIS A 307 -7.29 4.36 -8.73
C HIS A 307 -8.40 4.82 -9.67
N LEU A 308 -9.29 5.67 -9.18
CA LEU A 308 -10.41 6.17 -9.98
C LEU A 308 -10.00 7.36 -10.83
N ILE A 309 -9.20 8.26 -10.27
CA ILE A 309 -8.72 9.43 -11.00
C ILE A 309 -7.76 9.03 -12.12
N GLY A 310 -6.74 8.25 -11.76
CA GLY A 310 -5.73 7.82 -12.70
C GLY A 310 -6.17 6.67 -13.58
N HIS A 311 -7.45 6.33 -13.53
CA HIS A 311 -8.02 5.26 -14.34
C HIS A 311 -7.85 5.57 -15.82
N GLU A 312 -7.72 4.53 -16.64
CA GLU A 312 -7.53 4.72 -18.07
C GLU A 312 -8.62 4.01 -18.88
N GLY A 313 -9.60 3.45 -18.19
CA GLY A 313 -10.71 2.78 -18.84
C GLY A 313 -11.70 3.78 -19.42
N PRO A 314 -12.81 3.27 -19.98
CA PRO A 314 -13.84 4.11 -20.58
C PRO A 314 -14.51 5.04 -19.57
N GLY A 315 -14.61 6.32 -19.91
CA GLY A 315 -15.27 7.30 -19.05
C GLY A 315 -14.32 7.96 -18.07
N SER A 316 -13.04 7.60 -18.14
CA SER A 316 -12.04 8.13 -17.23
C SER A 316 -11.67 9.57 -17.58
N LEU A 317 -10.92 10.20 -16.68
CA LEU A 317 -10.43 11.56 -16.90
C LEU A 317 -9.52 11.61 -18.12
N LEU A 318 -8.70 10.57 -18.27
CA LEU A 318 -7.77 10.49 -19.40
C LEU A 318 -8.51 10.24 -20.71
N SER A 319 -9.48 9.33 -20.68
CA SER A 319 -10.19 8.91 -21.88
C SER A 319 -10.91 10.08 -22.57
N GLU A 320 -11.18 11.14 -21.82
CA GLU A 320 -11.78 12.34 -22.39
C GLU A 320 -10.70 13.35 -22.75
N LEU A 321 -9.73 13.51 -21.87
CA LEU A 321 -8.62 14.45 -22.10
C LEU A 321 -7.74 13.99 -23.25
N LYS A 322 -7.80 12.70 -23.59
CA LYS A 322 -7.00 12.15 -24.68
C LYS A 322 -7.80 12.10 -25.98
N SER A 323 -9.09 11.81 -25.88
CA SER A 323 -9.93 11.68 -27.07
C SER A 323 -10.29 13.02 -27.69
N LYS A 324 -9.79 14.11 -27.11
CA LYS A 324 -9.90 15.42 -27.73
C LYS A 324 -8.51 16.01 -27.94
N GLY A 325 -7.49 15.18 -27.72
CA GLY A 325 -6.12 15.51 -28.08
C GLY A 325 -5.44 16.59 -27.25
N TRP A 326 -5.50 16.47 -25.93
CA TRP A 326 -4.78 17.39 -25.06
C TRP A 326 -3.72 16.65 -24.27
N VAL A 327 -3.96 15.38 -23.98
CA VAL A 327 -3.00 14.56 -23.24
C VAL A 327 -3.04 13.08 -23.65
N ASN A 328 -1.86 12.45 -23.66
CA ASN A 328 -1.75 11.03 -23.97
C ASN A 328 -1.59 10.06 -22.81
N THR A 329 -0.99 10.55 -21.72
CA THR A 329 -0.80 9.75 -20.51
C THR A 329 -1.17 10.55 -19.26
N LEU A 330 -1.61 9.85 -18.22
CA LEU A 330 -2.00 10.51 -16.98
C LEU A 330 -1.58 9.69 -15.75
N VAL A 331 -1.12 10.39 -14.72
CA VAL A 331 -0.72 9.74 -13.47
C VAL A 331 -1.32 10.46 -12.26
N GLY A 332 -2.14 9.76 -11.49
CA GLY A 332 -2.74 10.32 -10.30
C GLY A 332 -2.35 9.55 -9.06
N GLY A 333 -2.82 10.01 -7.90
CA GLY A 333 -2.57 9.31 -6.65
C GLY A 333 -1.85 10.15 -5.60
N GLN A 334 -1.39 9.48 -4.54
CA GLN A 334 -0.72 10.15 -3.45
C GLN A 334 0.80 10.05 -3.58
N LYS A 335 1.52 11.09 -3.14
CA LYS A 335 2.97 11.09 -3.22
C LYS A 335 3.53 11.26 -1.80
N GLU A 336 4.34 10.32 -1.41
CA GLU A 336 4.97 10.36 -0.12
C GLU A 336 5.89 11.53 -0.02
N GLY A 337 5.73 12.36 0.98
CA GLY A 337 6.70 13.40 1.25
C GLY A 337 7.63 12.98 2.37
N ALA A 338 7.08 12.95 3.58
CA ALA A 338 7.80 12.48 4.76
C ALA A 338 6.82 12.23 5.89
N ARG A 339 7.33 11.88 7.07
CA ARG A 339 6.46 11.70 8.23
C ARG A 339 5.88 13.04 8.66
N GLY A 340 4.60 13.25 8.33
CA GLY A 340 3.93 14.48 8.70
C GLY A 340 3.21 15.16 7.54
N PHE A 341 3.66 14.87 6.32
CA PHE A 341 3.06 15.50 5.15
C PHE A 341 3.18 14.64 3.90
N MET A 342 2.14 14.71 3.06
CA MET A 342 2.13 14.02 1.78
C MET A 342 1.58 14.93 0.68
N PHE A 343 1.52 14.42 -0.54
CA PHE A 343 0.96 15.17 -1.66
C PHE A 343 -0.03 14.32 -2.44
N PHE A 344 -0.93 14.98 -3.17
CA PHE A 344 -1.77 14.30 -4.14
C PHE A 344 -1.58 14.95 -5.50
N ILE A 345 -1.11 14.17 -6.47
CA ILE A 345 -0.71 14.72 -7.75
C ILE A 345 -1.52 14.17 -8.93
N ILE A 346 -1.65 15.00 -9.96
CA ILE A 346 -2.20 14.57 -11.23
C ILE A 346 -1.33 15.11 -12.36
N ASN A 347 -0.44 14.25 -12.88
CA ASN A 347 0.49 14.66 -13.92
C ASN A 347 0.08 14.12 -15.29
N VAL A 348 0.22 14.95 -16.32
CA VAL A 348 -0.17 14.54 -17.67
C VAL A 348 0.85 14.93 -18.73
N ASP A 349 0.86 14.16 -19.82
CA ASP A 349 1.59 14.53 -21.02
C ASP A 349 0.79 15.60 -21.76
N LEU A 350 1.48 16.56 -22.37
CA LEU A 350 0.81 17.59 -23.14
C LEU A 350 1.07 17.41 -24.63
N THR A 351 0.04 17.67 -25.43
CA THR A 351 0.20 17.69 -26.88
C THR A 351 0.54 19.10 -27.32
N GLU A 352 0.64 19.32 -28.63
CA GLU A 352 0.86 20.66 -29.14
C GLU A 352 -0.37 21.52 -28.89
N GLU A 353 -1.54 20.89 -29.00
CA GLU A 353 -2.80 21.58 -28.77
C GLU A 353 -3.10 21.66 -27.27
N GLY A 354 -2.59 20.70 -26.52
CA GLY A 354 -2.80 20.65 -25.08
C GLY A 354 -2.13 21.79 -24.32
N LEU A 355 -0.96 22.19 -24.81
CA LEU A 355 -0.19 23.25 -24.16
C LEU A 355 -0.94 24.59 -24.16
N LEU A 356 -1.77 24.80 -25.18
CA LEU A 356 -2.52 26.04 -25.31
C LEU A 356 -3.76 26.05 -24.42
N HIS A 357 -4.27 24.88 -24.08
CA HIS A 357 -5.49 24.76 -23.29
C HIS A 357 -5.24 24.14 -21.91
N VAL A 358 -4.19 24.60 -21.23
CA VAL A 358 -3.80 24.06 -19.94
C VAL A 358 -4.88 24.25 -18.88
N GLU A 359 -5.40 25.47 -18.79
CA GLU A 359 -6.38 25.79 -17.76
C GLU A 359 -7.69 25.03 -17.97
N ASP A 360 -7.97 24.62 -19.20
CA ASP A 360 -9.16 23.84 -19.49
C ASP A 360 -8.94 22.35 -19.21
N ILE A 361 -7.68 21.94 -19.20
CA ILE A 361 -7.31 20.59 -18.77
C ILE A 361 -7.60 20.44 -17.29
N ILE A 362 -7.11 21.41 -16.51
CA ILE A 362 -7.31 21.44 -15.07
C ILE A 362 -8.79 21.53 -14.72
N LEU A 363 -9.55 22.20 -15.58
CA LEU A 363 -11.00 22.28 -15.41
C LEU A 363 -11.63 20.90 -15.46
N HIS A 364 -11.27 20.14 -16.49
CA HIS A 364 -11.78 18.77 -16.65
C HIS A 364 -11.34 17.88 -15.49
N MET A 365 -10.19 18.19 -14.92
CA MET A 365 -9.72 17.48 -13.73
C MET A 365 -10.69 17.71 -12.57
N PHE A 366 -11.01 18.98 -12.31
CA PHE A 366 -11.92 19.33 -11.23
C PHE A 366 -13.35 18.89 -11.53
N GLN A 367 -13.68 18.74 -12.81
CA GLN A 367 -14.98 18.24 -13.21
C GLN A 367 -15.13 16.76 -12.87
N TYR A 368 -14.00 16.05 -12.90
CA TYR A 368 -13.99 14.64 -12.55
C TYR A 368 -13.99 14.48 -11.03
N ILE A 369 -13.27 15.36 -10.35
CA ILE A 369 -13.21 15.35 -8.89
C ILE A 369 -14.61 15.60 -8.30
N GLN A 370 -15.36 16.49 -8.95
CA GLN A 370 -16.71 16.79 -8.51
C GLN A 370 -17.65 15.62 -8.79
N LYS A 371 -17.38 14.89 -9.87
CA LYS A 371 -18.17 13.70 -10.22
C LYS A 371 -18.05 12.64 -9.13
N LEU A 372 -16.85 12.50 -8.57
CA LEU A 372 -16.65 11.59 -7.44
C LEU A 372 -17.35 12.12 -6.20
N ARG A 373 -17.40 13.44 -6.08
CA ARG A 373 -18.03 14.08 -4.93
C ARG A 373 -19.55 13.94 -5.00
N ALA A 374 -20.09 14.00 -6.21
CA ALA A 374 -21.53 13.91 -6.42
C ALA A 374 -22.05 12.51 -6.14
N GLU A 375 -21.31 11.49 -6.57
CA GLU A 375 -21.71 10.11 -6.37
C GLU A 375 -21.19 9.57 -5.03
N GLY A 376 -20.21 10.26 -4.46
CA GLY A 376 -19.64 9.84 -3.19
C GLY A 376 -18.81 8.58 -3.30
N PRO A 377 -18.32 8.07 -2.16
CA PRO A 377 -17.54 6.83 -2.10
C PRO A 377 -18.34 5.61 -2.55
N GLN A 378 -17.68 4.64 -3.16
CA GLN A 378 -18.33 3.43 -3.62
C GLN A 378 -17.64 2.21 -3.03
N GLU A 379 -18.41 1.35 -2.37
CA GLU A 379 -17.85 0.18 -1.70
C GLU A 379 -17.44 -0.90 -2.69
N TRP A 380 -18.18 -1.02 -3.79
CA TRP A 380 -17.90 -2.04 -4.79
C TRP A 380 -16.55 -1.80 -5.45
N VAL A 381 -16.16 -0.53 -5.53
CA VAL A 381 -14.86 -0.17 -6.07
C VAL A 381 -13.75 -0.62 -5.13
N PHE A 382 -13.90 -0.30 -3.85
CA PHE A 382 -12.94 -0.68 -2.84
C PHE A 382 -12.84 -2.20 -2.70
N GLN A 383 -13.97 -2.87 -2.87
CA GLN A 383 -14.03 -4.31 -2.65
C GLN A 383 -13.22 -5.09 -3.69
N GLU A 384 -13.36 -4.73 -4.96
CA GLU A 384 -12.65 -5.43 -6.02
C GLU A 384 -11.16 -5.08 -6.01
N LEU A 385 -10.83 -3.92 -5.45
CA LEU A 385 -9.44 -3.56 -5.21
C LEU A 385 -8.87 -4.49 -4.14
N LYS A 386 -9.62 -4.60 -3.05
CA LYS A 386 -9.27 -5.48 -1.94
C LYS A 386 -9.19 -6.94 -2.40
N ASP A 387 -10.08 -7.33 -3.30
CA ASP A 387 -10.12 -8.69 -3.82
C ASP A 387 -8.89 -9.00 -4.68
N LEU A 388 -8.60 -8.11 -5.62
CA LEU A 388 -7.46 -8.30 -6.53
C LEU A 388 -6.14 -8.35 -5.78
N ASN A 389 -5.99 -7.48 -4.79
CA ASN A 389 -4.79 -7.46 -3.96
C ASN A 389 -4.59 -8.77 -3.20
N ALA A 390 -5.70 -9.39 -2.81
CA ALA A 390 -5.66 -10.67 -2.12
C ALA A 390 -5.14 -11.76 -3.04
N VAL A 391 -5.62 -11.77 -4.28
CA VAL A 391 -5.16 -12.72 -5.27
C VAL A 391 -3.70 -12.44 -5.65
N ALA A 392 -3.38 -11.17 -5.80
CA ALA A 392 -2.03 -10.76 -6.15
C ALA A 392 -1.03 -11.19 -5.08
N PHE A 393 -1.41 -11.05 -3.82
CA PHE A 393 -0.55 -11.43 -2.71
C PHE A 393 -0.44 -12.95 -2.57
N ARG A 394 -1.55 -13.65 -2.81
CA ARG A 394 -1.59 -15.10 -2.67
C ARG A 394 -0.64 -15.78 -3.65
N PHE A 395 -0.69 -15.34 -4.90
CA PHE A 395 0.15 -15.91 -5.95
C PHE A 395 1.33 -15.01 -6.27
N LYS A 396 1.90 -14.38 -5.26
CA LYS A 396 3.03 -13.47 -5.45
C LYS A 396 4.27 -14.24 -5.85
N ASP A 397 4.94 -13.76 -6.91
CA ASP A 397 6.17 -14.39 -7.38
C ASP A 397 7.26 -14.31 -6.32
N LYS A 398 8.05 -15.38 -6.22
CA LYS A 398 9.14 -15.43 -5.25
C LYS A 398 10.19 -14.37 -5.56
N GLU A 399 10.38 -13.44 -4.63
CA GLU A 399 11.32 -12.35 -4.83
C GLU A 399 12.76 -12.82 -4.73
N ARG A 400 13.64 -12.17 -5.49
CA ARG A 400 15.07 -12.42 -5.39
C ARG A 400 15.56 -11.95 -4.03
N PRO A 401 16.35 -12.79 -3.33
CA PRO A 401 16.80 -12.57 -1.96
C PRO A 401 17.38 -11.18 -1.69
N ARG A 402 18.20 -10.66 -2.59
CA ARG A 402 18.85 -9.37 -2.39
C ARG A 402 17.86 -8.21 -2.28
N GLY A 403 16.93 -8.15 -3.23
CA GLY A 403 15.94 -7.09 -3.25
C GLY A 403 14.85 -7.25 -2.21
N TYR A 404 14.61 -8.50 -1.81
CA TYR A 404 13.57 -8.82 -0.83
C TYR A 404 13.89 -8.25 0.54
N THR A 405 15.09 -8.53 1.01
CA THR A 405 15.51 -8.11 2.35
C THR A 405 15.62 -6.60 2.49
N SER A 406 15.89 -5.91 1.38
CA SER A 406 15.98 -4.47 1.39
C SER A 406 14.60 -3.84 1.49
N LYS A 407 13.66 -4.36 0.70
CA LYS A 407 12.29 -3.86 0.67
C LYS A 407 11.62 -3.98 2.03
N ILE A 408 11.76 -5.14 2.66
CA ILE A 408 11.13 -5.40 3.95
C ILE A 408 11.73 -4.54 5.07
N ALA A 409 13.06 -4.44 5.08
CA ALA A 409 13.76 -3.70 6.12
C ALA A 409 13.34 -2.23 6.16
N GLY A 410 12.88 -1.72 5.03
CA GLY A 410 12.42 -0.34 4.95
C GLY A 410 11.04 -0.15 5.55
N ILE A 411 10.17 -1.16 5.38
CA ILE A 411 8.82 -1.09 5.90
C ILE A 411 8.71 -1.80 7.24
N LEU A 412 9.86 -2.24 7.76
CA LEU A 412 9.92 -2.90 9.05
C LEU A 412 9.76 -1.87 10.18
N HIS A 413 9.82 -0.60 9.81
CA HIS A 413 9.59 0.49 10.75
C HIS A 413 8.11 0.84 10.87
N TYR A 414 7.46 0.97 9.72
CA TYR A 414 6.10 1.49 9.66
C TYR A 414 5.03 0.51 10.14
N TYR A 415 5.39 -0.77 10.21
CA TYR A 415 4.39 -1.81 10.50
C TYR A 415 4.82 -2.75 11.63
N PRO A 416 3.83 -3.39 12.28
CA PRO A 416 4.12 -4.45 13.26
C PRO A 416 4.81 -5.64 12.60
N LEU A 417 5.52 -6.44 13.39
CA LEU A 417 6.27 -7.58 12.87
C LEU A 417 5.38 -8.56 12.12
N GLU A 418 4.19 -8.80 12.66
CA GLU A 418 3.29 -9.81 12.10
C GLU A 418 2.59 -9.36 10.82
N GLU A 419 2.80 -8.11 10.42
CA GLU A 419 2.08 -7.56 9.28
C GLU A 419 2.97 -7.19 8.10
N VAL A 420 4.28 -7.15 8.31
CA VAL A 420 5.22 -6.59 7.33
C VAL A 420 5.09 -7.14 5.91
N LEU A 421 4.78 -8.42 5.78
CA LEU A 421 4.64 -9.03 4.47
C LEU A 421 3.29 -8.69 3.83
N THR A 422 2.28 -8.52 4.68
CA THR A 422 0.91 -8.34 4.21
C THR A 422 0.44 -6.89 4.28
N ALA A 423 1.22 -6.05 4.96
CA ALA A 423 0.81 -4.68 5.27
C ALA A 423 0.45 -3.85 4.04
N GLU A 424 1.30 -3.90 3.01
CA GLU A 424 1.11 -3.05 1.85
C GLU A 424 0.44 -3.76 0.68
N TYR A 425 -0.23 -4.88 0.97
CA TYR A 425 -0.98 -5.61 -0.04
C TYR A 425 -2.45 -5.67 0.32
N LEU A 426 -2.76 -6.31 1.44
CA LEU A 426 -4.13 -6.54 1.86
C LEU A 426 -4.78 -5.28 2.43
N LEU A 427 -6.08 -5.15 2.19
CA LEU A 427 -6.89 -4.09 2.79
C LEU A 427 -8.09 -4.66 3.55
N GLU A 428 -8.30 -4.24 4.79
CA GLU A 428 -9.40 -4.81 5.58
C GLU A 428 -10.78 -4.17 5.76
N GLU A 429 -10.83 -2.93 6.20
CA GLU A 429 -12.14 -2.35 6.52
C GLU A 429 -12.34 -1.10 5.65
N PHE A 430 -13.38 -1.16 4.83
CA PHE A 430 -13.76 -0.03 3.97
C PHE A 430 -14.15 1.17 4.82
N ARG A 431 -13.40 2.25 4.66
CA ARG A 431 -13.63 3.47 5.43
C ARG A 431 -13.91 4.67 4.52
N PRO A 432 -15.16 4.81 4.07
CA PRO A 432 -15.59 5.91 3.19
C PRO A 432 -15.45 7.28 3.82
N ASP A 433 -15.51 7.34 5.15
CA ASP A 433 -15.40 8.61 5.86
C ASP A 433 -14.01 9.22 5.67
N LEU A 434 -13.01 8.36 5.54
CA LEU A 434 -11.63 8.80 5.30
C LEU A 434 -11.44 9.16 3.83
N ILE A 435 -12.21 8.52 2.96
CA ILE A 435 -12.17 8.81 1.53
C ILE A 435 -12.67 10.23 1.29
N GLU A 436 -13.68 10.62 2.06
CA GLU A 436 -14.23 11.97 1.97
C GLU A 436 -13.20 13.03 2.35
N MET A 437 -12.45 12.75 3.42
CA MET A 437 -11.48 13.71 3.95
C MET A 437 -10.41 14.07 2.94
N VAL A 438 -9.82 13.07 2.30
CA VAL A 438 -8.78 13.30 1.31
C VAL A 438 -9.35 14.05 0.11
N LEU A 439 -10.52 13.61 -0.35
CA LEU A 439 -11.19 14.24 -1.49
C LEU A 439 -11.56 15.68 -1.18
N ASP A 440 -11.77 15.97 0.09
CA ASP A 440 -12.11 17.31 0.54
C ASP A 440 -10.95 18.29 0.38
N LYS A 441 -9.73 17.75 0.39
CA LYS A 441 -8.53 18.57 0.28
C LYS A 441 -8.16 18.84 -1.18
N LEU A 442 -8.85 18.16 -2.10
CA LEU A 442 -8.57 18.31 -3.52
C LEU A 442 -9.45 19.39 -4.14
N ARG A 443 -9.26 20.63 -3.70
CA ARG A 443 -10.06 21.76 -4.18
C ARG A 443 -9.14 22.86 -4.72
N PRO A 444 -9.64 23.65 -5.68
CA PRO A 444 -8.87 24.68 -6.39
C PRO A 444 -8.07 25.65 -5.51
N GLU A 445 -8.47 25.84 -4.25
CA GLU A 445 -7.77 26.78 -3.38
C GLU A 445 -6.50 26.17 -2.78
N ASN A 446 -6.13 24.98 -3.25
CA ASN A 446 -4.93 24.31 -2.77
C ASN A 446 -4.02 23.87 -3.92
N VAL A 447 -4.46 24.12 -5.15
CA VAL A 447 -3.75 23.61 -6.32
C VAL A 447 -2.39 24.29 -6.52
N ARG A 448 -1.42 23.50 -6.95
CA ARG A 448 -0.12 24.02 -7.35
C ARG A 448 0.22 23.51 -8.74
N VAL A 449 0.23 24.41 -9.70
CA VAL A 449 0.39 24.06 -11.11
C VAL A 449 1.80 24.33 -11.62
N ALA A 450 2.32 23.40 -12.41
CA ALA A 450 3.65 23.54 -13.01
C ALA A 450 3.64 23.09 -14.47
N ILE A 451 3.99 24.00 -15.37
CA ILE A 451 4.05 23.69 -16.80
C ILE A 451 5.48 23.61 -17.30
N VAL A 452 5.82 22.50 -17.93
CA VAL A 452 7.18 22.29 -18.42
C VAL A 452 7.22 22.25 -19.95
N SER A 453 7.75 23.32 -20.53
CA SER A 453 7.85 23.43 -21.99
C SER A 453 8.95 24.41 -22.39
N LYS A 454 9.55 24.19 -23.56
CA LYS A 454 10.59 25.07 -24.05
C LYS A 454 10.01 26.27 -24.81
N SER A 455 8.71 26.50 -24.60
CA SER A 455 8.05 27.69 -25.12
C SER A 455 8.12 28.80 -24.09
N PHE A 456 8.92 28.57 -23.05
CA PHE A 456 9.08 29.52 -21.96
C PHE A 456 10.50 30.04 -21.88
N GLU A 457 11.33 29.66 -22.85
CA GLU A 457 12.72 30.09 -22.89
C GLU A 457 12.82 31.58 -23.19
N GLY A 458 13.44 32.32 -22.29
CA GLY A 458 13.56 33.75 -22.44
C GLY A 458 12.42 34.49 -21.79
N LYS A 459 11.54 33.74 -21.12
CA LYS A 459 10.40 34.33 -20.43
C LYS A 459 10.45 34.02 -18.93
N THR A 460 11.66 33.97 -18.38
CA THR A 460 11.85 33.62 -16.97
C THR A 460 12.72 34.62 -16.23
N ASP A 461 12.44 34.78 -14.93
CA ASP A 461 13.27 35.61 -14.06
C ASP A 461 14.25 34.75 -13.28
N ARG A 462 13.74 33.66 -12.73
CA ARG A 462 14.40 32.92 -11.66
C ARG A 462 15.28 31.78 -12.15
N THR A 463 16.17 31.34 -11.27
CA THR A 463 17.08 30.24 -11.55
C THR A 463 17.32 29.42 -10.27
N GLU A 464 16.94 28.15 -10.32
CA GLU A 464 17.16 27.25 -9.18
C GLU A 464 18.67 27.10 -8.96
N GLU A 465 19.10 27.35 -7.72
CA GLU A 465 20.52 27.45 -7.40
C GLU A 465 21.33 26.19 -7.72
N TRP A 466 20.79 25.02 -7.41
CA TRP A 466 21.56 23.79 -7.47
C TRP A 466 21.68 23.21 -8.89
N TYR A 467 20.65 23.40 -9.70
CA TYR A 467 20.63 22.79 -11.03
C TYR A 467 20.68 23.82 -12.16
N GLY A 468 20.34 25.07 -11.83
CA GLY A 468 20.31 26.12 -12.83
C GLY A 468 19.03 26.09 -13.63
N THR A 469 18.00 25.50 -13.04
CA THR A 469 16.71 25.35 -13.71
C THR A 469 16.06 26.70 -14.01
N GLN A 470 15.71 26.91 -15.27
CA GLN A 470 15.06 28.15 -15.69
C GLN A 470 13.55 28.06 -15.50
N TYR A 471 13.03 28.96 -14.67
CA TYR A 471 11.59 28.96 -14.35
C TYR A 471 11.16 30.33 -13.87
N LYS A 472 9.87 30.48 -13.58
CA LYS A 472 9.37 31.67 -12.91
C LYS A 472 8.05 31.39 -12.19
N GLN A 473 7.86 32.10 -11.08
CA GLN A 473 6.69 31.91 -10.23
C GLN A 473 5.65 33.00 -10.46
N GLU A 474 4.44 32.59 -10.81
CA GLU A 474 3.33 33.52 -10.96
C GLU A 474 2.25 33.23 -9.93
N ALA A 475 1.23 34.08 -9.89
CA ALA A 475 0.07 33.82 -9.05
C ALA A 475 -1.11 33.51 -9.95
N ILE A 476 -1.72 32.33 -9.74
CA ILE A 476 -2.89 31.94 -10.49
C ILE A 476 -3.99 32.98 -10.27
N PRO A 477 -4.36 33.70 -11.34
CA PRO A 477 -5.42 34.70 -11.26
C PRO A 477 -6.66 34.10 -10.54
N ASP A 478 -7.07 34.64 -9.36
CA ASP A 478 -8.20 34.10 -8.54
C ASP A 478 -9.37 34.42 -9.47
N GLU A 479 -9.05 35.13 -10.55
CA GLU A 479 -9.91 35.07 -11.71
C GLU A 479 -10.25 33.64 -12.13
N VAL A 480 -9.20 32.94 -12.60
CA VAL A 480 -9.25 31.52 -12.95
C VAL A 480 -9.64 30.51 -11.86
N ILE A 481 -9.25 30.77 -10.61
CA ILE A 481 -9.57 29.87 -9.50
C ILE A 481 -11.01 29.40 -9.24
N LYS A 482 -11.94 30.34 -9.26
CA LYS A 482 -13.35 30.03 -9.05
C LYS A 482 -14.17 29.35 -10.21
N LYS A 483 -13.55 29.44 -11.39
CA LYS A 483 -14.10 28.84 -12.60
C LYS A 483 -13.86 27.35 -12.34
N TRP A 484 -12.72 27.06 -11.75
CA TRP A 484 -12.38 25.70 -11.36
C TRP A 484 -13.24 25.29 -10.18
N GLN A 485 -13.52 26.25 -9.29
CA GLN A 485 -14.37 26.01 -8.13
C GLN A 485 -15.81 25.72 -8.52
N ASN A 486 -16.26 26.32 -9.62
CA ASN A 486 -17.62 26.15 -10.08
C ASN A 486 -17.72 25.18 -11.25
N ALA A 487 -16.91 24.12 -11.20
CA ALA A 487 -16.85 23.14 -12.27
C ALA A 487 -18.17 22.39 -12.47
N ASP A 488 -18.79 22.61 -13.63
CA ASP A 488 -20.03 21.91 -13.97
C ASP A 488 -19.77 20.43 -14.25
N LEU A 489 -20.71 19.59 -13.83
CA LEU A 489 -20.55 18.14 -13.99
C LEU A 489 -20.53 17.76 -15.47
N ASN A 490 -19.39 17.24 -15.92
CA ASN A 490 -19.24 16.78 -17.28
C ASN A 490 -20.00 15.47 -17.50
N GLY A 491 -20.60 15.32 -18.67
CA GLY A 491 -21.41 14.16 -18.97
C GLY A 491 -20.62 12.95 -19.45
N LYS A 492 -19.39 13.20 -19.91
CA LYS A 492 -18.56 12.13 -20.44
C LYS A 492 -17.76 11.43 -19.34
N PHE A 493 -17.80 12.00 -18.15
CA PHE A 493 -17.12 11.40 -17.00
C PHE A 493 -18.03 10.46 -16.25
N LYS A 494 -17.68 9.17 -16.23
CA LYS A 494 -18.43 8.18 -15.48
C LYS A 494 -17.49 7.21 -14.77
N LEU A 495 -17.92 6.72 -13.62
CA LEU A 495 -17.14 5.77 -12.84
C LEU A 495 -16.95 4.46 -13.61
N PRO A 496 -15.83 3.77 -13.37
CA PRO A 496 -15.54 2.51 -14.07
C PRO A 496 -16.65 1.48 -13.96
N THR A 497 -16.81 0.66 -15.00
CA THR A 497 -17.73 -0.46 -14.94
C THR A 497 -17.05 -1.61 -14.21
N LYS A 498 -17.73 -2.75 -14.11
CA LYS A 498 -17.16 -3.87 -13.38
C LYS A 498 -16.05 -4.54 -14.17
N ASN A 499 -14.99 -4.93 -13.47
CA ASN A 499 -13.82 -5.54 -14.10
C ASN A 499 -14.08 -6.98 -14.50
N GLU A 500 -14.20 -7.22 -15.79
CA GLU A 500 -14.49 -8.56 -16.30
C GLU A 500 -13.23 -9.42 -16.41
N PHE A 501 -12.07 -8.79 -16.33
CA PHE A 501 -10.81 -9.51 -16.49
C PHE A 501 -10.31 -10.12 -15.19
N ILE A 502 -11.06 -9.91 -14.11
CA ILE A 502 -10.70 -10.49 -12.81
C ILE A 502 -10.73 -12.02 -12.88
N PRO A 503 -9.58 -12.65 -12.64
CA PRO A 503 -9.42 -14.10 -12.78
C PRO A 503 -10.20 -14.89 -11.72
N THR A 504 -10.75 -16.03 -12.13
CA THR A 504 -11.54 -16.86 -11.24
C THR A 504 -10.99 -18.28 -11.16
N ASN A 505 -10.40 -18.74 -12.27
CA ASN A 505 -9.86 -20.10 -12.32
C ASN A 505 -8.37 -20.14 -12.03
N PHE A 506 -8.04 -20.47 -10.79
CA PHE A 506 -6.64 -20.55 -10.36
C PHE A 506 -6.17 -21.99 -10.31
N GLU A 507 -6.86 -22.86 -11.06
CA GLU A 507 -6.56 -24.29 -11.07
C GLU A 507 -5.19 -24.56 -11.68
N ILE A 508 -4.41 -25.40 -11.00
CA ILE A 508 -3.09 -25.79 -11.49
C ILE A 508 -3.16 -27.15 -12.17
N LEU A 509 -3.11 -27.14 -13.50
CA LEU A 509 -3.21 -28.37 -14.29
C LEU A 509 -2.08 -29.34 -13.95
N PRO A 510 -2.43 -30.62 -13.75
CA PRO A 510 -1.46 -31.67 -13.39
C PRO A 510 -0.31 -31.77 -14.40
N LEU A 511 0.90 -32.00 -13.90
CA LEU A 511 2.06 -32.13 -14.76
C LEU A 511 1.89 -33.29 -15.73
N GLU A 512 1.85 -32.98 -17.02
CA GLU A 512 1.61 -33.98 -18.07
C GLU A 512 2.63 -35.12 -18.00
N LYS A 513 2.23 -36.28 -18.49
CA LYS A 513 3.08 -37.47 -18.45
C LYS A 513 4.31 -37.29 -19.32
N GLU A 514 4.14 -36.66 -20.48
CA GLU A 514 5.25 -36.47 -21.41
C GLU A 514 5.84 -35.06 -21.32
N ALA A 515 5.77 -34.47 -20.13
CA ALA A 515 6.32 -33.15 -19.90
C ALA A 515 7.85 -33.16 -20.00
N THR A 516 8.44 -31.97 -20.11
CA THR A 516 9.88 -31.85 -20.33
C THR A 516 10.52 -30.83 -19.40
N PRO A 517 11.78 -31.05 -19.01
CA PRO A 517 12.51 -30.12 -18.14
C PRO A 517 12.87 -28.83 -18.86
N TYR A 518 13.13 -28.93 -20.16
CA TYR A 518 13.41 -27.77 -21.00
C TYR A 518 12.38 -27.69 -22.12
N PRO A 519 12.18 -26.48 -22.68
CA PRO A 519 11.20 -26.31 -23.76
C PRO A 519 11.41 -27.28 -24.92
N ALA A 520 10.32 -27.81 -25.46
CA ALA A 520 10.39 -28.75 -26.57
C ALA A 520 9.67 -28.21 -27.81
N LEU A 521 10.18 -28.56 -28.98
CA LEU A 521 9.57 -28.12 -30.23
C LEU A 521 8.37 -28.99 -30.59
N ILE A 522 7.19 -28.51 -30.29
CA ILE A 522 5.97 -29.30 -30.47
C ILE A 522 5.28 -29.00 -31.81
N LYS A 523 5.69 -27.92 -32.46
CA LYS A 523 5.16 -27.58 -33.77
C LYS A 523 6.25 -26.95 -34.64
N ASP A 524 6.40 -27.46 -35.85
CA ASP A 524 7.44 -26.97 -36.74
C ASP A 524 6.98 -26.97 -38.20
N THR A 525 6.35 -25.86 -38.60
CA THR A 525 5.91 -25.69 -39.97
C THR A 525 6.74 -24.62 -40.66
N ALA A 526 6.31 -24.20 -41.85
CA ALA A 526 7.03 -23.17 -42.59
C ALA A 526 6.69 -21.78 -42.04
N MET A 527 5.61 -21.71 -41.26
CA MET A 527 5.13 -20.44 -40.74
C MET A 527 5.33 -20.33 -39.23
N SER A 528 5.35 -21.46 -38.55
CA SER A 528 5.42 -21.46 -37.09
C SER A 528 6.49 -22.41 -36.52
N LYS A 529 7.07 -21.99 -35.41
CA LYS A 529 8.03 -22.81 -34.67
C LYS A 529 7.74 -22.68 -33.18
N LEU A 530 6.85 -23.52 -32.68
CA LEU A 530 6.31 -23.38 -31.33
C LEU A 530 7.11 -24.14 -30.27
N TRP A 531 7.68 -23.38 -29.33
CA TRP A 531 8.36 -23.97 -28.18
C TRP A 531 7.41 -23.99 -26.98
N PHE A 532 7.40 -25.11 -26.26
CA PHE A 532 6.47 -25.28 -25.16
C PHE A 532 7.11 -25.98 -23.97
N LYS A 533 6.74 -25.53 -22.77
CA LYS A 533 7.17 -26.19 -21.54
C LYS A 533 6.18 -25.92 -20.41
N GLN A 534 5.62 -27.00 -19.87
CA GLN A 534 4.71 -26.88 -18.74
C GLN A 534 5.51 -26.57 -17.48
N ASP A 535 5.01 -25.64 -16.68
CA ASP A 535 5.70 -25.21 -15.47
C ASP A 535 5.78 -26.25 -14.34
N ASP A 536 7.00 -26.61 -13.96
CA ASP A 536 7.21 -27.65 -12.95
C ASP A 536 7.78 -27.17 -11.62
N LYS A 537 8.17 -25.90 -11.55
CA LYS A 537 8.82 -25.37 -10.37
C LYS A 537 8.09 -24.37 -9.49
N PHE A 538 7.16 -23.62 -10.07
CA PHE A 538 6.53 -22.53 -9.35
C PHE A 538 5.05 -22.79 -9.04
N PHE A 539 4.36 -23.43 -9.97
CA PHE A 539 2.98 -23.87 -9.77
C PHE A 539 2.04 -22.74 -9.37
N LEU A 540 2.09 -21.64 -10.12
CA LEU A 540 1.14 -20.55 -9.97
C LEU A 540 0.25 -20.55 -11.21
N PRO A 541 -0.97 -20.02 -11.09
CA PRO A 541 -1.91 -20.02 -12.22
C PRO A 541 -1.57 -18.92 -13.21
N LYS A 542 -0.32 -18.92 -13.68
CA LYS A 542 0.15 -17.90 -14.60
C LYS A 542 0.84 -18.54 -15.81
N ALA A 543 0.81 -17.83 -16.94
CA ALA A 543 1.47 -18.31 -18.14
C ALA A 543 2.24 -17.19 -18.82
N ASN A 544 3.35 -17.55 -19.46
CA ASN A 544 4.14 -16.58 -20.21
C ASN A 544 4.08 -16.88 -21.71
N LEU A 545 3.42 -16.00 -22.44
CA LEU A 545 3.27 -16.15 -23.89
C LEU A 545 4.20 -15.19 -24.63
N ASN A 546 5.17 -15.74 -25.35
CA ASN A 546 6.11 -14.92 -26.11
C ASN A 546 6.05 -15.20 -27.60
N PHE A 547 5.91 -14.15 -28.39
CA PHE A 547 5.84 -14.28 -29.85
C PHE A 547 6.82 -13.33 -30.54
N GLU A 548 7.53 -13.85 -31.54
CA GLU A 548 8.32 -13.00 -32.43
C GLU A 548 7.85 -13.15 -33.87
N PHE A 549 7.35 -12.06 -34.43
CA PHE A 549 6.92 -12.05 -35.83
C PHE A 549 8.03 -11.51 -36.71
N PHE A 550 8.52 -12.34 -37.63
CA PHE A 550 9.64 -11.96 -38.47
C PHE A 550 9.18 -11.56 -39.88
N SER A 551 9.70 -10.43 -40.36
CA SER A 551 9.43 -9.96 -41.70
C SER A 551 10.52 -8.99 -42.15
N PRO A 552 11.16 -9.29 -43.30
CA PRO A 552 12.27 -8.48 -43.83
C PRO A 552 11.88 -7.06 -44.20
N PHE A 553 10.58 -6.76 -44.21
CA PHE A 553 10.10 -5.43 -44.58
C PHE A 553 9.94 -4.53 -43.37
N ALA A 554 10.40 -4.98 -42.21
CA ALA A 554 10.27 -4.20 -40.99
C ALA A 554 11.45 -3.24 -40.95
N TYR A 555 12.62 -3.72 -41.34
CA TYR A 555 13.85 -2.93 -41.21
C TYR A 555 14.72 -2.85 -42.45
N VAL A 556 14.11 -2.95 -43.63
CA VAL A 556 14.86 -2.95 -44.88
C VAL A 556 15.42 -1.57 -45.19
N ASP A 557 14.73 -0.53 -44.72
CA ASP A 557 15.20 0.85 -44.87
C ASP A 557 14.68 1.71 -43.72
N PRO A 558 15.28 2.90 -43.51
CA PRO A 558 14.83 3.80 -42.44
C PRO A 558 13.33 4.13 -42.49
N LEU A 559 12.75 4.15 -43.68
CA LEU A 559 11.33 4.47 -43.83
C LEU A 559 10.43 3.40 -43.23
N HIS A 560 10.63 2.15 -43.65
CA HIS A 560 9.84 1.03 -43.14
C HIS A 560 10.06 0.81 -41.65
N SER A 561 11.23 1.21 -41.17
CA SER A 561 11.55 1.08 -39.75
C SER A 561 10.69 2.03 -38.92
N ASN A 562 10.54 3.26 -39.41
CA ASN A 562 9.71 4.26 -38.74
C ASN A 562 8.24 3.85 -38.70
N MET A 563 7.75 3.33 -39.83
CA MET A 563 6.35 2.97 -39.95
C MET A 563 5.99 1.76 -39.08
N ALA A 564 6.95 0.84 -38.93
CA ALA A 564 6.74 -0.32 -38.07
C ALA A 564 6.63 0.11 -36.62
N TYR A 565 7.37 1.16 -36.26
CA TYR A 565 7.31 1.72 -34.91
C TYR A 565 5.97 2.40 -34.69
N LEU A 566 5.57 3.26 -35.62
CA LEU A 566 4.31 3.99 -35.51
C LEU A 566 3.12 3.04 -35.53
N TYR A 567 3.21 1.99 -36.34
CA TYR A 567 2.15 0.99 -36.43
C TYR A 567 1.89 0.33 -35.08
N LEU A 568 2.95 -0.10 -34.41
CA LEU A 568 2.81 -0.75 -33.12
C LEU A 568 2.48 0.26 -32.02
N GLU A 569 2.93 1.49 -32.19
CA GLU A 569 2.67 2.54 -31.21
C GLU A 569 1.21 2.98 -31.29
N LEU A 570 0.66 2.97 -32.50
CA LEU A 570 -0.74 3.32 -32.71
C LEU A 570 -1.65 2.17 -32.31
N LEU A 571 -1.16 0.94 -32.47
CA LEU A 571 -1.92 -0.24 -32.09
C LEU A 571 -2.07 -0.34 -30.58
N LYS A 572 -0.98 -0.08 -29.87
CA LYS A 572 -1.01 -0.07 -28.40
C LYS A 572 -1.87 1.07 -27.88
N ASP A 573 -1.89 2.18 -28.62
CA ASP A 573 -2.66 3.35 -28.22
C ASP A 573 -4.15 3.08 -28.26
N SER A 574 -4.60 2.30 -29.24
CA SER A 574 -6.01 2.00 -29.39
C SER A 574 -6.48 0.97 -28.36
N LEU A 575 -5.63 -0.03 -28.11
CA LEU A 575 -5.96 -1.10 -27.17
C LEU A 575 -5.88 -0.65 -25.72
N ASN A 576 -5.32 0.53 -25.49
CA ASN A 576 -5.02 1.01 -24.14
C ASN A 576 -6.22 1.04 -23.19
N GLU A 577 -7.32 1.63 -23.64
CA GLU A 577 -8.52 1.72 -22.81
C GLU A 577 -9.04 0.33 -22.44
N TYR A 578 -9.10 -0.55 -23.44
CA TYR A 578 -9.57 -1.91 -23.24
C TYR A 578 -8.64 -2.71 -22.34
N ALA A 579 -7.34 -2.66 -22.66
CA ALA A 579 -6.36 -3.51 -22.00
C ALA A 579 -5.96 -3.02 -20.61
N TYR A 580 -6.52 -1.88 -20.19
CA TYR A 580 -6.19 -1.33 -18.88
C TYR A 580 -6.83 -2.14 -17.76
N ALA A 581 -8.09 -2.52 -17.95
CA ALA A 581 -8.81 -3.32 -16.95
C ALA A 581 -8.15 -4.68 -16.79
N ALA A 582 -7.50 -5.16 -17.84
CA ALA A 582 -6.82 -6.45 -17.81
C ALA A 582 -5.54 -6.37 -16.99
N GLU A 583 -4.82 -5.27 -17.13
CA GLU A 583 -3.56 -5.08 -16.42
C GLU A 583 -3.79 -4.98 -14.91
N LEU A 584 -4.87 -4.33 -14.52
CA LEU A 584 -5.25 -4.26 -13.11
C LEU A 584 -5.58 -5.65 -12.59
N ALA A 585 -6.09 -6.49 -13.47
CA ALA A 585 -6.46 -7.86 -13.12
C ALA A 585 -5.27 -8.81 -13.27
N GLY A 586 -4.07 -8.28 -13.14
CA GLY A 586 -2.85 -9.07 -13.19
C GLY A 586 -2.55 -9.70 -14.53
N LEU A 587 -3.04 -9.08 -15.61
CA LEU A 587 -2.82 -9.60 -16.95
C LEU A 587 -2.34 -8.50 -17.89
N SER A 588 -1.04 -8.48 -18.17
CA SER A 588 -0.45 -7.41 -18.97
C SER A 588 0.16 -7.93 -20.27
N TYR A 589 0.48 -6.99 -21.16
CA TYR A 589 1.15 -7.32 -22.41
C TYR A 589 2.03 -6.15 -22.87
N ASP A 590 3.12 -6.47 -23.54
CA ASP A 590 3.94 -5.45 -24.17
C ASP A 590 4.23 -5.82 -25.62
N LEU A 591 4.02 -4.87 -26.52
CA LEU A 591 4.20 -5.10 -27.94
C LEU A 591 5.12 -4.04 -28.51
N GLN A 592 6.26 -4.47 -29.05
CA GLN A 592 7.23 -3.52 -29.59
C GLN A 592 7.99 -4.09 -30.78
N ASN A 593 8.47 -3.20 -31.63
CA ASN A 593 9.17 -3.60 -32.85
C ASN A 593 10.66 -3.83 -32.62
N THR A 594 11.17 -4.92 -33.16
CA THR A 594 12.60 -5.20 -33.13
C THR A 594 13.19 -4.96 -34.52
N ILE A 595 14.48 -5.23 -34.67
CA ILE A 595 15.15 -5.04 -35.95
C ILE A 595 14.89 -6.21 -36.89
N TYR A 596 14.04 -7.14 -36.46
CA TYR A 596 13.69 -8.29 -37.27
C TYR A 596 12.18 -8.40 -37.48
N GLY A 597 11.44 -7.53 -36.81
CA GLY A 597 9.99 -7.51 -36.94
C GLY A 597 9.27 -7.00 -35.70
N MET A 598 8.35 -7.81 -35.19
CA MET A 598 7.58 -7.43 -34.01
C MET A 598 7.79 -8.43 -32.87
N TYR A 599 7.66 -7.94 -31.63
CA TYR A 599 7.77 -8.80 -30.46
C TYR A 599 6.54 -8.66 -29.57
N LEU A 600 5.83 -9.76 -29.37
CA LEU A 600 4.62 -9.76 -28.54
C LEU A 600 4.80 -10.64 -27.30
N SER A 601 4.57 -10.05 -26.13
CA SER A 601 4.69 -10.77 -24.88
C SER A 601 3.45 -10.58 -24.00
N VAL A 602 2.83 -11.69 -23.59
CA VAL A 602 1.70 -11.63 -22.68
C VAL A 602 2.01 -12.37 -21.39
N LYS A 603 1.86 -11.69 -20.26
CA LYS A 603 2.19 -12.28 -18.96
C LYS A 603 1.06 -12.08 -17.95
N GLY A 604 0.92 -13.03 -17.03
CA GLY A 604 -0.08 -12.94 -15.99
C GLY A 604 -0.91 -14.20 -15.82
N TYR A 605 -2.05 -14.05 -15.14
CA TYR A 605 -2.93 -15.18 -14.87
C TYR A 605 -3.45 -15.80 -16.17
N ASN A 606 -3.36 -17.12 -16.26
CA ASN A 606 -3.67 -17.85 -17.49
C ASN A 606 -5.17 -17.98 -17.76
N ASP A 607 -5.99 -17.46 -16.86
CA ASP A 607 -7.43 -17.59 -16.96
C ASP A 607 -7.97 -16.97 -18.25
N LYS A 608 -7.78 -15.67 -18.39
CA LYS A 608 -8.36 -14.94 -19.52
C LYS A 608 -7.30 -14.44 -20.50
N GLN A 609 -6.20 -15.17 -20.59
CA GLN A 609 -5.17 -14.88 -21.58
C GLN A 609 -5.65 -15.09 -23.04
N PRO A 610 -6.35 -16.20 -23.32
CA PRO A 610 -6.84 -16.35 -24.71
C PRO A 610 -7.79 -15.24 -25.12
N ILE A 611 -8.43 -14.59 -24.15
CA ILE A 611 -9.32 -13.46 -24.44
C ILE A 611 -8.52 -12.25 -24.90
N LEU A 612 -7.48 -11.90 -24.14
CA LEU A 612 -6.67 -10.73 -24.43
C LEU A 612 -5.82 -10.94 -25.68
N LEU A 613 -5.33 -12.16 -25.87
CA LEU A 613 -4.45 -12.47 -26.98
C LEU A 613 -5.14 -12.22 -28.33
N LYS A 614 -6.42 -12.62 -28.42
CA LYS A 614 -7.17 -12.42 -29.66
C LYS A 614 -7.53 -10.99 -29.91
N LYS A 615 -7.88 -10.31 -28.83
CA LYS A 615 -8.22 -8.90 -28.94
C LYS A 615 -6.97 -8.10 -29.28
N ILE A 616 -5.81 -8.74 -29.20
CA ILE A 616 -4.57 -8.13 -29.66
C ILE A 616 -4.32 -8.46 -31.12
N ILE A 617 -4.39 -9.75 -31.47
CA ILE A 617 -4.07 -10.22 -32.81
C ILE A 617 -5.03 -9.71 -33.89
N GLU A 618 -6.33 -9.91 -33.69
CA GLU A 618 -7.30 -9.51 -34.71
C GLU A 618 -7.47 -8.00 -34.74
N LYS A 619 -7.13 -7.34 -33.64
CA LYS A 619 -7.06 -5.89 -33.63
C LYS A 619 -5.82 -5.46 -34.40
N MET A 620 -4.78 -6.29 -34.30
CA MET A 620 -3.52 -6.05 -34.99
C MET A 620 -3.66 -6.28 -36.50
N ALA A 621 -4.33 -7.35 -36.87
CA ALA A 621 -4.53 -7.69 -38.28
C ALA A 621 -5.54 -6.77 -38.95
N THR A 622 -6.50 -6.28 -38.16
CA THR A 622 -7.50 -5.35 -38.68
C THR A 622 -7.42 -3.86 -38.32
N PHE A 623 -6.24 -3.33 -38.14
CA PHE A 623 -6.14 -1.97 -37.64
C PHE A 623 -6.83 -0.93 -38.50
N GLU A 624 -7.41 0.08 -37.86
CA GLU A 624 -8.13 1.15 -38.54
C GLU A 624 -7.62 2.47 -38.03
N ILE A 625 -6.61 3.01 -38.67
CA ILE A 625 -5.93 4.16 -38.10
C ILE A 625 -6.68 5.45 -37.94
N ASP A 626 -6.77 5.93 -36.71
CA ASP A 626 -7.27 7.26 -36.38
C ASP A 626 -6.13 8.23 -36.68
N GLU A 627 -6.31 9.07 -37.70
CA GLU A 627 -5.22 9.91 -38.15
C GLU A 627 -5.02 11.10 -37.22
N LYS A 628 -6.05 11.44 -36.47
CA LYS A 628 -5.89 12.43 -35.43
C LYS A 628 -4.73 11.91 -34.59
N ARG A 629 -4.91 10.70 -34.07
CA ARG A 629 -3.92 10.09 -33.19
C ARG A 629 -2.58 9.91 -33.91
N PHE A 630 -2.65 9.56 -35.18
CA PHE A 630 -1.47 9.25 -35.98
C PHE A 630 -0.44 10.36 -36.01
N GLU A 631 -0.89 11.61 -36.15
CA GLU A 631 0.04 12.72 -36.22
C GLU A 631 0.44 13.22 -34.83
N ILE A 632 -0.30 12.80 -33.81
CA ILE A 632 0.10 13.08 -32.44
C ILE A 632 1.22 12.13 -32.02
N ILE A 633 1.02 10.85 -32.26
CA ILE A 633 2.03 9.83 -31.99
C ILE A 633 3.29 10.11 -32.81
N LYS A 634 3.12 10.46 -34.07
CA LYS A 634 4.24 10.79 -34.95
C LYS A 634 5.02 12.00 -34.43
N GLU A 635 4.28 13.03 -34.03
CA GLU A 635 4.89 14.25 -33.50
C GLU A 635 5.68 13.93 -32.23
N ALA A 636 5.16 12.99 -31.45
CA ALA A 636 5.85 12.54 -30.25
C ALA A 636 7.11 11.77 -30.63
N TYR A 637 7.02 10.98 -31.70
CA TYR A 637 8.16 10.22 -32.21
C TYR A 637 9.24 11.18 -32.72
N MET A 638 8.81 12.30 -33.29
CA MET A 638 9.73 13.32 -33.79
C MET A 638 10.59 13.86 -32.65
N ARG A 639 9.94 14.23 -31.55
CA ARG A 639 10.64 14.75 -30.38
C ARG A 639 11.43 13.66 -29.69
N SER A 640 10.96 12.43 -29.79
CA SER A 640 11.63 11.28 -29.19
C SER A 640 13.02 11.09 -29.78
N LEU A 641 13.09 11.13 -31.11
CA LEU A 641 14.35 10.98 -31.83
C LEU A 641 15.26 12.17 -31.59
N ASN A 642 14.67 13.36 -31.50
CA ASN A 642 15.43 14.58 -31.24
C ASN A 642 15.98 14.63 -29.83
N ASN A 643 15.25 14.03 -28.89
CA ASN A 643 15.63 14.08 -27.48
C ASN A 643 16.78 13.17 -27.11
N PHE A 644 17.32 12.45 -28.09
CA PHE A 644 18.45 11.56 -27.83
C PHE A 644 19.73 12.39 -27.62
N ARG A 645 19.69 13.64 -28.03
CA ARG A 645 20.82 14.55 -27.87
C ARG A 645 21.10 14.86 -26.40
N ALA A 646 20.11 14.65 -25.56
CA ALA A 646 20.21 15.01 -24.15
C ALA A 646 20.45 13.79 -23.25
N GLU A 647 20.68 12.64 -23.87
CA GLU A 647 20.95 11.42 -23.11
C GLU A 647 22.38 11.42 -22.58
N GLN A 648 22.64 10.53 -21.63
CA GLN A 648 23.96 10.44 -20.99
C GLN A 648 25.07 10.11 -21.98
N PRO A 649 26.26 10.69 -21.75
CA PRO A 649 27.44 10.44 -22.59
C PRO A 649 27.81 8.96 -22.68
N HIS A 650 27.65 8.23 -21.58
CA HIS A 650 27.99 6.81 -21.56
C HIS A 650 26.96 6.00 -22.35
N GLN A 651 25.78 6.58 -22.53
CA GLN A 651 24.75 5.95 -23.35
C GLN A 651 25.03 6.17 -24.83
N HIS A 652 25.54 7.35 -25.16
CA HIS A 652 25.92 7.67 -26.53
C HIS A 652 27.04 6.75 -27.00
N ALA A 653 27.92 6.38 -26.07
CA ALA A 653 29.02 5.47 -26.38
C ALA A 653 28.49 4.09 -26.73
N MET A 654 27.57 3.58 -25.91
CA MET A 654 26.97 2.27 -26.14
C MET A 654 26.13 2.25 -27.42
N TYR A 655 25.57 3.40 -27.75
CA TYR A 655 24.73 3.52 -28.93
C TYR A 655 25.55 3.48 -30.21
N TYR A 656 26.71 4.12 -30.20
CA TYR A 656 27.57 4.18 -31.37
C TYR A 656 28.26 2.86 -31.66
N LEU A 657 28.71 2.17 -30.61
CA LEU A 657 29.38 0.90 -30.77
C LEU A 657 28.46 -0.14 -31.40
N ARG A 658 27.20 -0.14 -30.99
CA ARG A 658 26.21 -1.06 -31.54
C ARG A 658 25.96 -0.74 -33.01
N LEU A 659 26.10 0.54 -33.36
CA LEU A 659 25.92 0.98 -34.73
C LEU A 659 27.10 0.54 -35.59
N LEU A 660 28.29 0.55 -34.99
CA LEU A 660 29.51 0.19 -35.70
C LEU A 660 29.60 -1.30 -36.01
N MET A 661 29.30 -2.13 -35.02
CA MET A 661 29.58 -3.56 -35.10
C MET A 661 28.43 -4.37 -35.70
N THR A 662 27.34 -3.71 -36.08
CA THR A 662 26.20 -4.41 -36.67
C THR A 662 26.22 -4.23 -38.19
N GLU A 663 25.90 -5.31 -38.91
CA GLU A 663 25.87 -5.29 -40.37
C GLU A 663 24.92 -4.20 -40.90
N VAL A 664 23.72 -4.15 -40.35
CA VAL A 664 22.74 -3.15 -40.75
C VAL A 664 22.10 -2.50 -39.53
N ALA A 665 22.18 -1.17 -39.47
CA ALA A 665 21.60 -0.40 -38.37
C ALA A 665 21.41 1.05 -38.76
N TRP A 666 20.17 1.53 -38.64
CA TRP A 666 19.85 2.90 -39.02
C TRP A 666 20.05 3.86 -37.84
N THR A 667 20.67 5.01 -38.11
CA THR A 667 20.95 6.00 -37.08
C THR A 667 19.72 6.85 -36.77
N LYS A 668 19.77 7.55 -35.63
CA LYS A 668 18.66 8.41 -35.22
C LYS A 668 18.40 9.50 -36.26
N ASP A 669 19.48 10.08 -36.78
CA ASP A 669 19.38 11.13 -37.78
C ASP A 669 18.72 10.63 -39.07
N GLU A 670 19.13 9.44 -39.51
CA GLU A 670 18.57 8.85 -40.72
C GLU A 670 17.08 8.56 -40.58
N LEU A 671 16.66 8.29 -39.35
CA LEU A 671 15.26 7.95 -39.07
C LEU A 671 14.36 9.19 -39.09
N LYS A 672 14.75 10.21 -38.34
CA LYS A 672 13.95 11.44 -38.28
C LYS A 672 14.03 12.21 -39.60
N GLU A 673 15.05 11.90 -40.40
CA GLU A 673 15.17 12.44 -41.74
C GLU A 673 14.09 11.85 -42.64
N ALA A 674 13.83 10.56 -42.46
CA ALA A 674 12.84 9.84 -43.26
C ALA A 674 11.47 9.86 -42.60
N LEU A 675 11.37 10.50 -41.45
CA LEU A 675 10.11 10.56 -40.71
C LEU A 675 9.13 11.51 -41.39
N ASP A 676 9.65 12.57 -42.01
CA ASP A 676 8.81 13.52 -42.73
C ASP A 676 8.19 12.90 -43.97
N ASP A 677 8.77 11.79 -44.42
CA ASP A 677 8.28 11.07 -45.58
C ASP A 677 7.19 10.06 -45.21
N VAL A 678 6.87 10.00 -43.92
CA VAL A 678 5.88 9.06 -43.43
C VAL A 678 4.49 9.69 -43.39
N THR A 679 3.68 9.42 -44.40
CA THR A 679 2.31 9.90 -44.45
C THR A 679 1.33 8.77 -44.15
N LEU A 680 0.07 9.12 -43.91
CA LEU A 680 -0.93 8.13 -43.53
C LEU A 680 -1.22 7.06 -44.59
N PRO A 681 -1.42 7.46 -45.86
CA PRO A 681 -1.68 6.40 -46.86
C PRO A 681 -0.49 5.46 -47.04
N ARG A 682 0.72 5.99 -46.93
CA ARG A 682 1.92 5.18 -47.06
C ARG A 682 2.05 4.21 -45.91
N LEU A 683 1.49 4.57 -44.75
CA LEU A 683 1.55 3.73 -43.57
C LEU A 683 0.54 2.59 -43.65
N LYS A 684 -0.66 2.87 -44.15
CA LYS A 684 -1.68 1.84 -44.22
C LYS A 684 -1.51 0.99 -45.49
N ALA A 685 -0.55 1.35 -46.31
CA ALA A 685 -0.17 0.49 -47.43
C ALA A 685 0.97 -0.42 -46.97
N PHE A 686 1.49 -0.13 -45.78
CA PHE A 686 2.63 -0.85 -45.23
C PHE A 686 2.20 -2.00 -44.31
N ILE A 687 1.11 -1.79 -43.57
CA ILE A 687 0.67 -2.78 -42.59
C ILE A 687 0.27 -4.12 -43.22
N PRO A 688 -0.56 -4.11 -44.28
CA PRO A 688 -0.82 -5.43 -44.89
C PRO A 688 0.42 -5.98 -45.59
N GLN A 689 1.26 -5.10 -46.12
CA GLN A 689 2.51 -5.48 -46.74
C GLN A 689 3.42 -6.19 -45.74
N LEU A 690 3.41 -5.69 -44.51
CA LEU A 690 4.19 -6.29 -43.43
C LEU A 690 3.61 -7.63 -43.02
N LEU A 691 2.29 -7.66 -42.86
CA LEU A 691 1.60 -8.86 -42.39
C LEU A 691 1.36 -9.87 -43.52
N SER A 692 1.74 -9.51 -44.73
CA SER A 692 1.53 -10.37 -45.89
C SER A 692 2.30 -11.68 -45.76
N ARG A 693 3.57 -11.59 -45.38
CA ARG A 693 4.39 -12.77 -45.18
C ARG A 693 5.21 -12.67 -43.90
N LEU A 694 4.93 -13.58 -42.97
CA LEU A 694 5.55 -13.57 -41.64
C LEU A 694 6.13 -14.93 -41.27
N HIS A 695 6.99 -14.93 -40.26
CA HIS A 695 7.41 -16.17 -39.61
C HIS A 695 7.30 -16.02 -38.10
N ILE A 696 6.51 -16.88 -37.48
CA ILE A 696 6.25 -16.77 -36.05
C ILE A 696 6.96 -17.85 -35.26
N GLU A 697 7.85 -17.44 -34.37
CA GLU A 697 8.51 -18.36 -33.45
C GLU A 697 8.10 -18.01 -32.02
N ALA A 698 7.44 -18.95 -31.35
CA ALA A 698 6.84 -18.66 -30.07
C ALA A 698 7.36 -19.51 -28.92
N LEU A 699 7.28 -18.96 -27.71
CA LEU A 699 7.55 -19.69 -26.49
C LEU A 699 6.39 -19.54 -25.52
N LEU A 700 5.67 -20.64 -25.30
CA LEU A 700 4.54 -20.63 -24.36
C LEU A 700 4.93 -21.40 -23.10
N HIS A 701 4.94 -20.70 -21.97
CA HIS A 701 5.49 -21.27 -20.74
C HIS A 701 4.59 -21.00 -19.53
N GLY A 702 4.25 -22.06 -18.79
CA GLY A 702 3.49 -21.91 -17.57
C GLY A 702 2.41 -22.94 -17.32
N ASN A 703 1.24 -22.45 -16.90
CA ASN A 703 0.13 -23.31 -16.53
C ASN A 703 -0.72 -23.71 -17.74
N ILE A 704 -0.10 -24.36 -18.71
CA ILE A 704 -0.79 -24.81 -19.91
C ILE A 704 -0.32 -26.20 -20.31
N THR A 705 -1.22 -26.99 -20.90
CA THR A 705 -0.86 -28.32 -21.40
C THR A 705 -0.33 -28.22 -22.83
N LYS A 706 0.02 -29.37 -23.41
CA LYS A 706 0.59 -29.39 -24.75
C LYS A 706 -0.43 -28.98 -25.80
N GLN A 707 -1.63 -29.56 -25.74
CA GLN A 707 -2.67 -29.24 -26.72
C GLN A 707 -3.24 -27.86 -26.46
N ALA A 708 -3.05 -27.36 -25.24
CA ALA A 708 -3.45 -26.00 -24.90
C ALA A 708 -2.56 -25.01 -25.64
N ALA A 709 -1.27 -25.30 -25.66
CA ALA A 709 -0.30 -24.45 -26.34
C ALA A 709 -0.45 -24.52 -27.86
N LEU A 710 -0.68 -25.72 -28.37
CA LEU A 710 -0.91 -25.91 -29.81
C LEU A 710 -2.18 -25.20 -30.25
N GLY A 711 -3.16 -25.15 -29.36
CA GLY A 711 -4.41 -24.47 -29.63
C GLY A 711 -4.27 -22.97 -29.61
N ILE A 712 -3.37 -22.48 -28.75
CA ILE A 712 -3.08 -21.06 -28.68
C ILE A 712 -2.40 -20.58 -29.95
N MET A 713 -1.41 -21.32 -30.42
CA MET A 713 -0.67 -20.94 -31.62
C MET A 713 -1.54 -21.04 -32.88
N GLN A 714 -2.23 -22.16 -33.03
CA GLN A 714 -3.09 -22.42 -34.18
C GLN A 714 -4.21 -21.38 -34.31
N MET A 715 -4.60 -20.86 -33.15
CA MET A 715 -5.58 -19.79 -33.09
C MET A 715 -5.04 -18.44 -33.55
N VAL A 716 -3.76 -18.19 -33.28
CA VAL A 716 -3.09 -16.96 -33.74
C VAL A 716 -2.93 -16.92 -35.26
N GLU A 717 -2.53 -18.04 -35.84
CA GLU A 717 -2.33 -18.15 -37.29
C GLU A 717 -3.64 -17.94 -38.04
N ASP A 718 -4.67 -18.66 -37.63
CA ASP A 718 -5.97 -18.63 -38.31
C ASP A 718 -6.59 -17.23 -38.31
N THR A 719 -6.10 -16.37 -37.43
CA THR A 719 -6.57 -15.01 -37.36
C THR A 719 -5.82 -14.11 -38.35
N LEU A 720 -4.51 -14.33 -38.43
CA LEU A 720 -3.68 -13.60 -39.38
C LEU A 720 -3.94 -14.08 -40.81
N ILE A 721 -4.14 -15.39 -40.96
CA ILE A 721 -4.42 -15.98 -42.27
C ILE A 721 -5.75 -15.48 -42.82
N GLU A 722 -6.68 -15.14 -41.92
CA GLU A 722 -7.99 -14.66 -42.33
C GLU A 722 -8.02 -13.16 -42.60
N HIS A 723 -7.50 -12.38 -41.64
CA HIS A 723 -7.64 -10.93 -41.71
C HIS A 723 -6.45 -10.23 -42.38
N ALA A 724 -5.39 -10.97 -42.64
CA ALA A 724 -4.22 -10.39 -43.29
C ALA A 724 -3.78 -11.26 -44.47
N HIS A 725 -4.38 -12.43 -44.59
CA HIS A 725 -4.05 -13.40 -45.64
C HIS A 725 -2.56 -13.72 -45.62
N THR A 726 -2.04 -13.89 -44.41
CA THR A 726 -0.62 -14.14 -44.20
C THR A 726 -0.21 -15.50 -44.72
N LYS A 727 0.91 -15.53 -45.45
CA LYS A 727 1.47 -16.79 -45.95
C LYS A 727 2.88 -16.95 -45.38
N PRO A 728 3.44 -18.17 -45.46
CA PRO A 728 4.76 -18.39 -44.86
C PRO A 728 5.94 -17.77 -45.61
N LEU A 729 6.98 -17.40 -44.88
CA LEU A 729 8.22 -16.90 -45.46
C LEU A 729 9.12 -18.05 -45.91
N LEU A 730 9.99 -17.77 -46.88
CA LEU A 730 11.00 -18.73 -47.31
C LEU A 730 12.09 -18.85 -46.25
N PRO A 731 12.65 -20.05 -46.09
CA PRO A 731 13.79 -20.25 -45.19
C PRO A 731 15.00 -19.40 -45.61
N SER A 732 15.05 -19.05 -46.89
CA SER A 732 16.12 -18.22 -47.41
C SER A 732 16.02 -16.79 -46.89
N GLN A 733 14.81 -16.38 -46.53
CA GLN A 733 14.55 -14.99 -46.12
C GLN A 733 14.57 -14.81 -44.61
N LEU A 734 15.10 -15.80 -43.89
CA LEU A 734 15.10 -15.75 -42.43
C LEU A 734 16.45 -15.25 -41.92
N VAL A 735 17.16 -14.49 -42.76
CA VAL A 735 18.51 -14.04 -42.42
C VAL A 735 18.63 -13.06 -41.25
N ARG A 736 19.60 -13.31 -40.38
CA ARG A 736 19.86 -12.42 -39.25
C ARG A 736 21.21 -11.73 -39.40
N TYR A 737 21.32 -10.51 -38.88
CA TYR A 737 22.51 -9.69 -39.07
C TYR A 737 23.72 -10.25 -38.32
N ARG A 738 24.90 -10.04 -38.90
CA ARG A 738 26.15 -10.53 -38.33
C ARG A 738 26.91 -9.39 -37.68
N GLU A 739 28.01 -9.72 -37.01
CA GLU A 739 28.85 -8.70 -36.39
C GLU A 739 30.13 -8.46 -37.19
N VAL A 740 30.49 -7.19 -37.34
CA VAL A 740 31.71 -6.80 -38.04
C VAL A 740 32.95 -7.43 -37.40
N GLN A 741 33.74 -8.13 -38.22
CA GLN A 741 34.93 -8.80 -37.72
C GLN A 741 36.16 -7.90 -37.78
N LEU A 742 36.72 -7.60 -36.62
CA LEU A 742 37.89 -6.72 -36.53
C LEU A 742 39.17 -7.45 -36.90
N PRO A 743 40.12 -6.74 -37.52
CA PRO A 743 41.42 -7.31 -37.91
C PRO A 743 42.37 -7.45 -36.72
N ASP A 744 43.30 -8.40 -36.83
CA ASP A 744 44.28 -8.64 -35.77
C ASP A 744 45.15 -7.42 -35.50
N ARG A 745 45.51 -7.23 -34.24
CA ARG A 745 46.38 -6.14 -33.80
C ARG A 745 45.87 -4.76 -34.22
N GLY A 746 44.56 -4.64 -34.39
CA GLY A 746 43.98 -3.39 -34.86
C GLY A 746 43.36 -2.54 -33.77
N TRP A 747 43.19 -1.25 -34.07
CA TRP A 747 42.52 -0.33 -33.16
C TRP A 747 41.76 0.74 -33.94
N PHE A 748 40.45 0.81 -33.71
CA PHE A 748 39.61 1.81 -34.37
C PHE A 748 38.97 2.73 -33.33
N VAL A 749 38.85 4.01 -33.66
CA VAL A 749 38.27 4.99 -32.75
C VAL A 749 37.22 5.84 -33.44
N TYR A 750 35.99 5.76 -32.94
CA TYR A 750 34.90 6.62 -33.41
C TYR A 750 34.62 7.69 -32.37
N GLN A 751 34.67 8.95 -32.78
CA GLN A 751 34.55 10.06 -31.84
C GLN A 751 33.39 11.01 -32.17
N GLN A 752 32.59 11.30 -31.16
CA GLN A 752 31.53 12.30 -31.27
C GLN A 752 31.52 13.20 -30.04
N ARG A 753 30.49 14.02 -29.91
CA ARG A 753 30.40 14.97 -28.81
C ARG A 753 28.98 15.14 -28.31
N ASN A 754 28.78 14.92 -27.01
CA ASN A 754 27.49 15.16 -26.37
C ASN A 754 27.32 16.65 -26.11
N GLU A 755 26.33 17.25 -26.77
CA GLU A 755 26.17 18.71 -26.73
C GLU A 755 25.59 19.19 -25.40
N VAL A 756 24.86 18.32 -24.71
CA VAL A 756 24.25 18.69 -23.44
C VAL A 756 24.97 18.50 -22.11
N HIS A 757 25.50 17.29 -21.91
CA HIS A 757 26.17 16.96 -20.66
C HIS A 757 27.63 17.42 -20.66
N ASN A 758 28.09 17.91 -19.52
CA ASN A 758 29.45 18.41 -19.38
C ASN A 758 30.42 17.32 -18.96
N ASN A 759 30.03 16.07 -19.19
CA ASN A 759 30.88 14.93 -18.90
C ASN A 759 31.20 14.14 -20.17
N SER A 760 32.30 13.42 -20.15
CA SER A 760 32.70 12.59 -21.28
C SER A 760 32.26 11.15 -21.09
N GLY A 761 32.30 10.37 -22.17
CA GLY A 761 31.93 8.97 -22.11
C GLY A 761 32.81 8.12 -23.01
N ILE A 762 33.02 6.87 -22.62
CA ILE A 762 33.87 5.98 -23.40
C ILE A 762 33.49 4.52 -23.23
N GLU A 763 33.50 3.78 -24.34
CA GLU A 763 33.38 2.32 -24.30
C GLU A 763 34.52 1.69 -25.07
N ILE A 764 35.16 0.70 -24.47
CA ILE A 764 36.29 0.04 -25.10
C ILE A 764 36.01 -1.44 -25.31
N TYR A 765 35.68 -1.81 -26.55
CA TYR A 765 35.31 -3.17 -26.90
C TYR A 765 36.52 -3.98 -27.34
N TYR A 766 36.89 -4.98 -26.56
CA TYR A 766 37.96 -5.91 -26.94
C TYR A 766 37.37 -7.18 -27.53
N GLN A 767 37.04 -7.13 -28.82
CA GLN A 767 36.42 -8.26 -29.50
C GLN A 767 37.33 -9.49 -29.46
N THR A 768 36.80 -10.59 -28.92
CA THR A 768 37.59 -11.80 -28.79
C THR A 768 37.44 -12.93 -29.81
N ASP A 769 36.20 -13.40 -29.99
CA ASP A 769 35.95 -14.52 -30.89
C ASP A 769 34.45 -14.83 -30.92
N MET A 770 34.05 -15.76 -31.78
CA MET A 770 32.67 -16.21 -31.83
C MET A 770 32.32 -16.94 -30.53
N GLN A 771 31.05 -16.91 -30.15
CA GLN A 771 30.62 -17.52 -28.89
C GLN A 771 30.73 -19.05 -28.94
N SER A 772 31.40 -19.60 -27.93
CA SER A 772 31.52 -21.04 -27.77
C SER A 772 31.79 -21.36 -26.30
N THR A 773 31.60 -22.61 -25.92
CA THR A 773 31.80 -23.04 -24.53
C THR A 773 33.19 -22.67 -24.03
N SER A 774 34.19 -22.88 -24.87
CA SER A 774 35.57 -22.55 -24.51
C SER A 774 35.77 -21.06 -24.34
N GLU A 775 35.38 -20.29 -25.35
CA GLU A 775 35.62 -18.85 -25.38
C GLU A 775 34.77 -18.09 -24.36
N ASN A 776 33.53 -18.54 -24.16
CA ASN A 776 32.63 -17.87 -23.22
C ASN A 776 33.17 -17.90 -21.78
N MET A 777 33.55 -19.09 -21.32
CA MET A 777 34.05 -19.24 -19.96
C MET A 777 35.46 -18.67 -19.81
N PHE A 778 36.17 -18.53 -20.92
CA PHE A 778 37.43 -17.81 -20.92
C PHE A 778 37.17 -16.34 -20.56
N LEU A 779 36.21 -15.75 -21.26
CA LEU A 779 35.85 -14.35 -21.07
C LEU A 779 35.16 -14.12 -19.73
N GLU A 780 34.21 -14.98 -19.40
CA GLU A 780 33.41 -14.81 -18.18
C GLU A 780 34.24 -14.97 -16.91
N LEU A 781 35.24 -15.85 -16.95
CA LEU A 781 36.11 -16.03 -15.80
C LEU A 781 37.05 -14.84 -15.63
N PHE A 782 37.58 -14.37 -16.75
CA PHE A 782 38.48 -13.22 -16.72
C PHE A 782 37.74 -11.97 -16.25
N ALA A 783 36.50 -11.81 -16.70
CA ALA A 783 35.66 -10.69 -16.27
C ALA A 783 35.30 -10.83 -14.79
N GLN A 784 35.23 -12.08 -14.33
CA GLN A 784 34.95 -12.37 -12.93
C GLN A 784 36.11 -11.96 -12.03
N ILE A 785 37.33 -12.18 -12.52
CA ILE A 785 38.53 -11.87 -11.75
C ILE A 785 38.82 -10.37 -11.73
N ILE A 786 38.58 -9.70 -12.86
CA ILE A 786 38.82 -8.26 -12.94
C ILE A 786 37.59 -7.47 -12.47
N SER A 787 36.54 -8.20 -12.09
CA SER A 787 35.28 -7.59 -11.67
C SER A 787 35.31 -6.55 -10.56
N GLU A 788 35.91 -6.90 -9.44
CA GLU A 788 36.02 -5.99 -8.30
C GLU A 788 37.22 -5.05 -8.52
N PRO A 789 38.40 -5.58 -8.93
CA PRO A 789 39.54 -4.66 -9.08
C PRO A 789 39.31 -3.52 -10.08
N ALA A 790 38.45 -3.73 -11.07
CA ALA A 790 38.14 -2.68 -12.04
C ALA A 790 37.47 -1.49 -11.36
N PHE A 791 36.51 -1.80 -10.49
CA PHE A 791 35.79 -0.76 -9.75
C PHE A 791 36.70 -0.11 -8.73
N ASN A 792 37.53 -0.92 -8.07
CA ASN A 792 38.40 -0.43 -7.01
C ASN A 792 39.52 0.46 -7.54
N THR A 793 40.08 0.10 -8.69
CA THR A 793 41.20 0.83 -9.26
C THR A 793 40.76 2.08 -10.01
N LEU A 794 39.70 1.96 -10.81
CA LEU A 794 39.29 3.05 -11.68
C LEU A 794 38.38 4.07 -11.00
N ARG A 795 37.63 3.67 -9.99
CA ARG A 795 36.74 4.61 -9.30
C ARG A 795 37.19 4.93 -7.88
N THR A 796 37.37 3.90 -7.05
CA THR A 796 37.69 4.12 -5.65
C THR A 796 39.04 4.81 -5.47
N LYS A 797 40.02 4.42 -6.28
CA LYS A 797 41.36 5.00 -6.18
C LYS A 797 41.67 6.20 -7.07
N GLU A 798 41.34 6.10 -8.36
CA GLU A 798 41.72 7.11 -9.33
C GLU A 798 40.59 8.12 -9.48
N GLN A 799 39.37 7.70 -9.14
CA GLN A 799 38.19 8.56 -9.18
C GLN A 799 37.96 9.19 -10.57
N LEU A 800 37.96 8.34 -11.59
CA LEU A 800 37.71 8.81 -12.95
C LEU A 800 36.27 9.28 -13.10
N GLY A 801 35.33 8.51 -12.55
CA GLY A 801 33.93 8.87 -12.60
C GLY A 801 33.05 7.98 -11.75
N TYR A 802 31.81 8.42 -11.53
CA TYR A 802 30.86 7.66 -10.72
C TYR A 802 30.44 6.38 -11.43
N ILE A 803 30.33 6.46 -12.76
CA ILE A 803 29.93 5.31 -13.56
C ILE A 803 31.15 4.59 -14.13
N VAL A 804 31.44 3.41 -13.56
CA VAL A 804 32.53 2.57 -14.04
C VAL A 804 32.06 1.13 -14.15
N PHE A 805 32.01 0.62 -15.38
CA PHE A 805 31.46 -0.72 -15.61
C PHE A 805 32.44 -1.63 -16.34
N SER A 806 32.42 -2.91 -15.97
CA SER A 806 33.26 -3.91 -16.60
C SER A 806 32.50 -5.23 -16.78
N GLY A 807 32.74 -5.89 -17.90
CA GLY A 807 32.08 -7.17 -18.16
C GLY A 807 32.03 -7.55 -19.64
N PRO A 808 31.51 -8.74 -19.93
CA PRO A 808 31.37 -9.28 -21.29
C PRO A 808 30.33 -8.54 -22.12
N ARG A 809 30.57 -8.47 -23.43
CA ARG A 809 29.59 -7.93 -24.36
C ARG A 809 29.20 -9.02 -25.35
N ARG A 810 27.90 -9.20 -25.57
CA ARG A 810 27.43 -10.24 -26.48
C ARG A 810 26.46 -9.66 -27.52
N ALA A 811 26.79 -9.83 -28.80
CA ALA A 811 25.95 -9.31 -29.87
C ALA A 811 26.11 -10.12 -31.16
N ASN A 812 24.97 -10.55 -31.70
CA ASN A 812 24.92 -11.28 -32.97
C ASN A 812 25.80 -12.53 -33.02
N GLY A 813 25.97 -13.17 -31.87
CA GLY A 813 26.71 -14.41 -31.79
C GLY A 813 28.19 -14.25 -31.53
N ILE A 814 28.62 -13.00 -31.36
CA ILE A 814 30.03 -12.70 -31.11
C ILE A 814 30.18 -12.02 -29.75
N GLN A 815 31.36 -12.13 -29.14
CA GLN A 815 31.56 -11.58 -27.81
C GLN A 815 32.87 -10.83 -27.66
N GLY A 816 33.11 -10.33 -26.44
CA GLY A 816 34.33 -9.60 -26.12
C GLY A 816 34.25 -8.91 -24.78
N LEU A 817 35.37 -8.33 -24.35
CA LEU A 817 35.43 -7.61 -23.08
C LEU A 817 35.25 -6.11 -23.28
N ARG A 818 34.40 -5.49 -22.48
CA ARG A 818 34.14 -4.07 -22.63
C ARG A 818 34.27 -3.28 -21.32
N PHE A 819 34.79 -2.06 -21.44
CA PHE A 819 34.84 -1.12 -20.33
C PHE A 819 33.97 0.08 -20.64
N ILE A 820 33.25 0.58 -19.64
CA ILE A 820 32.43 1.78 -19.82
C ILE A 820 32.67 2.76 -18.68
N ILE A 821 33.09 3.97 -19.02
CA ILE A 821 33.39 4.99 -18.02
C ILE A 821 32.82 6.35 -18.41
N GLN A 822 32.11 6.98 -17.48
CA GLN A 822 31.71 8.38 -17.64
C GLN A 822 32.56 9.24 -16.71
N SER A 823 33.15 10.29 -17.28
CA SER A 823 34.13 11.08 -16.54
C SER A 823 34.09 12.55 -16.95
N GLU A 824 35.01 13.33 -16.40
CA GLU A 824 35.23 14.70 -16.86
C GLU A 824 36.62 14.79 -17.47
N LYS A 825 37.40 13.73 -17.29
CA LYS A 825 38.67 13.58 -17.99
C LYS A 825 38.39 13.28 -19.46
N PRO A 826 39.31 13.68 -20.35
CA PRO A 826 39.18 13.30 -21.76
C PRO A 826 39.24 11.78 -21.94
N PRO A 827 38.50 11.24 -22.91
CA PRO A 827 38.45 9.80 -23.16
C PRO A 827 39.81 9.18 -23.46
N HIS A 828 40.74 9.98 -23.98
CA HIS A 828 42.06 9.46 -24.32
C HIS A 828 42.89 9.21 -23.07
N TYR A 829 42.55 9.91 -21.99
CA TYR A 829 43.19 9.67 -20.70
C TYR A 829 42.54 8.47 -20.02
N LEU A 830 41.24 8.32 -20.21
CA LEU A 830 40.52 7.16 -19.72
C LEU A 830 41.03 5.92 -20.42
N GLU A 831 41.43 6.08 -21.68
CA GLU A 831 42.03 5.02 -22.47
C GLU A 831 43.30 4.49 -21.82
N SER A 832 44.18 5.41 -21.44
CA SER A 832 45.49 5.04 -20.88
C SER A 832 45.34 4.36 -19.53
N ARG A 833 44.45 4.86 -18.69
CA ARG A 833 44.29 4.33 -17.34
C ARG A 833 43.72 2.92 -17.32
N VAL A 834 42.90 2.60 -18.32
CA VAL A 834 42.37 1.24 -18.45
C VAL A 834 43.47 0.28 -18.89
N GLU A 835 44.26 0.70 -19.87
CA GLU A 835 45.39 -0.10 -20.35
C GLU A 835 46.43 -0.30 -19.26
N ALA A 836 46.60 0.72 -18.41
CA ALA A 836 47.52 0.62 -17.28
C ALA A 836 46.96 -0.36 -16.25
N PHE A 837 45.64 -0.42 -16.16
CA PHE A 837 44.96 -1.31 -15.24
C PHE A 837 45.01 -2.76 -15.72
N LEU A 838 45.01 -2.95 -17.04
CA LEU A 838 45.04 -4.28 -17.62
C LEU A 838 46.38 -4.98 -17.42
N ILE A 839 47.45 -4.20 -17.35
CA ILE A 839 48.76 -4.74 -17.06
C ILE A 839 48.85 -5.03 -15.56
N THR A 840 48.14 -4.24 -14.78
CA THR A 840 48.06 -4.45 -13.34
C THR A 840 47.33 -5.75 -13.01
N MET A 841 46.37 -6.11 -13.85
CA MET A 841 45.57 -7.31 -13.64
C MET A 841 46.33 -8.59 -13.96
N GLU A 842 46.99 -8.62 -15.12
CA GLU A 842 47.72 -9.81 -15.55
C GLU A 842 48.80 -10.18 -14.55
N LYS A 843 49.44 -9.16 -13.97
CA LYS A 843 50.48 -9.37 -12.97
C LYS A 843 49.86 -9.85 -11.66
N SER A 844 48.59 -9.51 -11.46
CA SER A 844 47.86 -9.94 -10.27
C SER A 844 47.37 -11.37 -10.40
N ILE A 845 47.32 -11.87 -11.63
CA ILE A 845 46.88 -13.24 -11.89
C ILE A 845 48.03 -14.23 -11.70
N GLU A 846 49.17 -13.91 -12.29
CA GLU A 846 50.37 -14.74 -12.17
C GLU A 846 50.82 -14.87 -10.71
N ASP A 847 50.42 -13.92 -9.89
CA ASP A 847 50.90 -13.82 -8.52
C ASP A 847 49.88 -14.27 -7.47
N MET A 848 48.65 -14.56 -7.91
CA MET A 848 47.62 -15.03 -6.97
C MET A 848 47.70 -16.55 -6.80
N THR A 849 47.33 -17.02 -5.61
CA THR A 849 47.43 -18.44 -5.30
C THR A 849 46.44 -19.27 -6.11
N GLU A 850 46.68 -20.58 -6.17
CA GLU A 850 45.80 -21.48 -6.89
C GLU A 850 44.44 -21.56 -6.22
N GLU A 851 44.42 -21.32 -4.91
CA GLU A 851 43.20 -21.34 -4.12
C GLU A 851 42.45 -20.01 -4.27
N ALA A 852 43.20 -18.96 -4.59
CA ALA A 852 42.61 -17.66 -4.88
C ALA A 852 41.95 -17.71 -6.25
N PHE A 853 42.62 -18.36 -7.20
CA PHE A 853 42.10 -18.54 -8.55
C PHE A 853 40.87 -19.45 -8.53
N GLN A 854 40.96 -20.53 -7.76
CA GLN A 854 39.84 -21.46 -7.62
C GLN A 854 38.69 -20.82 -6.87
N LYS A 855 39.01 -19.88 -6.00
CA LYS A 855 38.00 -19.12 -5.26
C LYS A 855 37.16 -18.30 -6.22
N HIS A 856 37.77 -17.88 -7.33
CA HIS A 856 37.08 -17.11 -8.35
C HIS A 856 36.23 -18.00 -9.26
N ILE A 857 36.72 -19.20 -9.53
CA ILE A 857 35.99 -20.15 -10.37
C ILE A 857 34.67 -20.52 -9.73
N GLN A 858 34.70 -20.84 -8.44
CA GLN A 858 33.51 -21.23 -7.71
C GLN A 858 32.50 -20.09 -7.64
N ALA A 859 33.02 -18.87 -7.48
CA ALA A 859 32.17 -17.68 -7.45
C ALA A 859 31.37 -17.55 -8.74
N LEU A 860 32.06 -17.61 -9.88
CA LEU A 860 31.41 -17.53 -11.18
C LEU A 860 30.42 -18.67 -11.37
N ALA A 861 30.77 -19.85 -10.86
CA ALA A 861 29.90 -21.02 -10.95
C ALA A 861 28.61 -20.82 -10.15
N ILE A 862 28.75 -20.31 -8.93
CA ILE A 862 27.59 -20.05 -8.07
C ILE A 862 26.67 -18.99 -8.70
N ARG A 863 27.27 -17.96 -9.29
CA ARG A 863 26.52 -16.87 -9.90
C ARG A 863 25.70 -17.34 -11.10
N ARG A 864 26.15 -18.40 -11.76
CA ARG A 864 25.51 -18.82 -13.00
C ARG A 864 24.70 -20.12 -12.83
N LEU A 865 24.69 -20.66 -11.62
CA LEU A 865 23.87 -21.83 -11.33
C LEU A 865 22.65 -21.42 -10.52
N ASP A 866 22.58 -20.13 -10.18
CA ASP A 866 21.48 -19.57 -9.41
C ASP A 866 20.15 -19.76 -10.15
N LYS A 867 19.25 -20.54 -9.55
CA LYS A 867 17.98 -20.86 -10.18
C LYS A 867 17.03 -19.67 -10.17
N PRO A 868 16.20 -19.55 -11.22
CA PRO A 868 15.17 -18.51 -11.29
C PRO A 868 14.13 -18.67 -10.18
N LYS A 869 13.65 -17.55 -9.64
CA LYS A 869 12.66 -17.58 -8.57
C LYS A 869 11.25 -17.36 -9.12
N LYS A 870 11.16 -16.51 -10.14
CA LYS A 870 9.87 -16.19 -10.74
C LYS A 870 9.65 -17.02 -12.00
N LEU A 871 8.42 -17.07 -12.48
CA LEU A 871 8.12 -17.80 -13.71
C LEU A 871 8.70 -17.08 -14.93
N SER A 872 8.50 -15.77 -14.98
CA SER A 872 9.02 -14.95 -16.08
C SER A 872 10.54 -14.93 -16.06
N ALA A 873 11.12 -15.14 -14.89
CA ALA A 873 12.57 -15.18 -14.75
C ALA A 873 13.13 -16.39 -15.49
N GLU A 874 12.43 -17.51 -15.43
CA GLU A 874 12.85 -18.72 -16.14
C GLU A 874 12.55 -18.60 -17.63
N SER A 875 11.42 -17.98 -17.95
CA SER A 875 11.01 -17.80 -19.35
C SER A 875 12.01 -16.93 -20.10
N ALA A 876 12.62 -15.99 -19.38
CA ALA A 876 13.58 -15.07 -19.97
C ALA A 876 14.81 -15.81 -20.52
N LYS A 877 15.30 -16.79 -19.78
CA LYS A 877 16.48 -17.54 -20.19
C LYS A 877 16.21 -18.38 -21.43
N TYR A 878 15.07 -19.04 -21.46
CA TYR A 878 14.67 -19.86 -22.61
C TYR A 878 14.53 -18.99 -23.85
N TRP A 879 13.80 -17.88 -23.70
CA TRP A 879 13.59 -16.93 -24.78
C TRP A 879 14.91 -16.33 -25.23
N GLY A 880 15.85 -16.21 -24.30
CA GLY A 880 17.18 -15.70 -24.60
C GLY A 880 17.96 -16.66 -25.47
N GLU A 881 17.69 -17.96 -25.31
CA GLU A 881 18.33 -18.97 -26.12
C GLU A 881 17.60 -19.16 -27.45
N ILE A 882 16.40 -18.58 -27.53
CA ILE A 882 15.57 -18.72 -28.72
C ILE A 882 15.78 -17.58 -29.71
N ILE A 883 15.75 -16.34 -29.23
CA ILE A 883 15.95 -15.19 -30.11
C ILE A 883 17.41 -15.11 -30.58
N SER A 884 18.33 -15.62 -29.76
CA SER A 884 19.72 -15.70 -30.14
C SER A 884 19.95 -16.89 -31.05
N GLN A 885 18.93 -17.74 -31.14
CA GLN A 885 18.92 -18.91 -32.01
C GLN A 885 20.13 -19.83 -31.82
N GLN A 886 20.51 -20.02 -30.56
CA GLN A 886 21.54 -21.00 -30.23
C GLN A 886 20.87 -22.21 -29.60
N TYR A 887 19.74 -21.98 -28.95
CA TYR A 887 18.88 -23.03 -28.40
C TYR A 887 19.61 -23.93 -27.41
N ASN A 888 20.63 -23.39 -26.75
CA ASN A 888 21.35 -24.14 -25.72
C ASN A 888 20.61 -24.05 -24.40
N PHE A 889 19.59 -24.90 -24.24
CA PHE A 889 18.73 -24.86 -23.05
C PHE A 889 19.44 -25.38 -21.80
N ASP A 890 20.41 -26.28 -22.00
CA ASP A 890 21.18 -26.82 -20.89
C ASP A 890 22.57 -26.16 -20.84
N ARG A 891 22.60 -24.87 -21.16
CA ARG A 891 23.85 -24.13 -21.27
C ARG A 891 24.61 -24.01 -19.96
N ASP A 892 23.89 -23.69 -18.89
CA ASP A 892 24.50 -23.40 -17.60
C ASP A 892 25.27 -24.60 -17.02
N ASN A 893 24.70 -25.79 -17.16
CA ASN A 893 25.36 -26.99 -16.64
C ASN A 893 26.61 -27.34 -17.44
N THR A 894 26.52 -27.23 -18.76
CA THR A 894 27.61 -27.60 -19.64
C THR A 894 28.84 -26.72 -19.45
N GLU A 895 28.62 -25.41 -19.37
CA GLU A 895 29.71 -24.44 -19.36
C GLU A 895 30.33 -24.25 -17.98
N VAL A 896 29.57 -24.52 -16.93
CA VAL A 896 30.11 -24.46 -15.57
C VAL A 896 31.01 -25.67 -15.33
N ALA A 897 30.61 -26.81 -15.89
CA ALA A 897 31.41 -28.02 -15.80
C ALA A 897 32.75 -27.84 -16.51
N TYR A 898 32.72 -27.11 -17.63
CA TYR A 898 33.94 -26.80 -18.37
C TYR A 898 34.76 -25.76 -17.62
N LEU A 899 34.06 -24.82 -16.98
CA LEU A 899 34.70 -23.73 -16.24
C LEU A 899 35.65 -24.25 -15.15
N LYS A 900 35.23 -25.31 -14.47
CA LYS A 900 35.99 -25.83 -13.33
C LYS A 900 37.23 -26.61 -13.78
N THR A 901 37.39 -26.78 -15.08
CA THR A 901 38.56 -27.49 -15.62
C THR A 901 39.67 -26.51 -15.98
N LEU A 902 39.36 -25.22 -15.98
CA LEU A 902 40.32 -24.18 -16.34
C LEU A 902 41.34 -23.94 -15.23
N THR A 903 42.57 -23.65 -15.63
CA THR A 903 43.61 -23.30 -14.67
C THR A 903 44.19 -21.92 -14.99
N LYS A 904 45.11 -21.47 -14.14
CA LYS A 904 45.74 -20.15 -14.32
C LYS A 904 46.36 -19.81 -15.67
N GLU A 905 47.16 -20.74 -16.20
CA GLU A 905 47.80 -20.54 -17.49
C GLU A 905 46.87 -20.67 -18.75
N ASP A 906 45.70 -21.24 -18.47
CA ASP A 906 44.66 -21.38 -19.47
C ASP A 906 44.18 -19.95 -19.67
N ILE A 907 44.07 -19.21 -18.57
CA ILE A 907 43.62 -17.83 -18.61
C ILE A 907 44.72 -16.88 -19.06
N ILE A 908 45.93 -17.09 -18.55
CA ILE A 908 47.10 -16.30 -18.94
C ILE A 908 47.33 -16.38 -20.45
N LYS A 909 47.33 -17.60 -20.96
CA LYS A 909 47.51 -17.84 -22.39
C LYS A 909 46.39 -17.18 -23.20
N PHE A 910 45.20 -17.16 -22.64
CA PHE A 910 44.06 -16.48 -23.27
C PHE A 910 44.27 -14.97 -23.30
N TYR A 911 44.90 -14.44 -22.25
CA TYR A 911 45.14 -13.01 -22.16
C TYR A 911 46.21 -12.55 -23.15
N LYS A 912 47.34 -13.26 -23.18
CA LYS A 912 48.46 -12.90 -24.04
C LYS A 912 48.12 -13.01 -25.51
N GLU A 913 47.07 -13.77 -25.82
CA GLU A 913 46.68 -14.00 -27.21
C GLU A 913 45.56 -13.07 -27.65
N MET A 914 44.66 -12.74 -26.73
CA MET A 914 43.43 -12.04 -27.10
C MET A 914 43.32 -10.61 -26.56
N LEU A 915 43.92 -10.34 -25.41
CA LEU A 915 43.64 -9.10 -24.70
C LEU A 915 44.85 -8.21 -24.41
N ALA A 916 46.05 -8.81 -24.38
CA ALA A 916 47.27 -8.06 -24.04
C ALA A 916 47.48 -6.88 -24.97
N VAL A 917 48.22 -5.87 -24.50
CA VAL A 917 48.46 -4.66 -25.26
C VAL A 917 49.22 -4.97 -26.55
N ASP A 918 49.99 -6.06 -26.54
CA ASP A 918 50.70 -6.51 -27.73
C ASP A 918 50.32 -7.94 -28.07
N ALA A 919 49.05 -8.28 -27.89
CA ALA A 919 48.54 -9.59 -28.24
C ALA A 919 48.41 -9.74 -29.76
N PRO A 920 48.71 -10.92 -30.29
CA PRO A 920 48.65 -11.16 -31.74
C PRO A 920 47.24 -11.05 -32.29
N ARG A 921 46.24 -11.42 -31.49
CA ARG A 921 44.85 -11.37 -31.93
C ARG A 921 44.04 -10.33 -31.15
N ARG A 922 44.63 -9.16 -30.94
CA ARG A 922 43.90 -8.08 -30.26
C ARG A 922 42.98 -7.36 -31.23
N HIS A 923 41.68 -7.40 -30.93
CA HIS A 923 40.69 -6.70 -31.74
C HIS A 923 40.03 -5.62 -30.90
N LYS A 924 40.45 -4.37 -31.08
CA LYS A 924 39.99 -3.27 -30.23
C LYS A 924 39.31 -2.17 -31.01
N VAL A 925 38.15 -1.74 -30.51
CA VAL A 925 37.43 -0.60 -31.08
C VAL A 925 36.92 0.29 -29.94
N SER A 926 37.12 1.59 -30.07
CA SER A 926 36.77 2.53 -29.02
C SER A 926 35.80 3.61 -29.49
N VAL A 927 34.85 3.95 -28.62
CA VAL A 927 33.96 5.07 -28.88
C VAL A 927 34.27 6.21 -27.91
N HIS A 928 34.53 7.40 -28.45
CA HIS A 928 34.87 8.54 -27.63
C HIS A 928 33.81 9.63 -27.71
N VAL A 929 32.97 9.72 -26.69
CA VAL A 929 31.98 10.79 -26.61
C VAL A 929 32.56 11.94 -25.79
N LEU A 930 32.76 13.08 -26.45
CA LEU A 930 33.33 14.25 -25.79
C LEU A 930 32.27 15.03 -25.03
N ALA A 931 32.69 15.72 -23.97
CA ALA A 931 31.79 16.57 -23.20
C ALA A 931 31.37 17.77 -24.03
N ARG A 932 30.36 18.50 -23.56
CA ARG A 932 29.83 19.67 -24.25
C ARG A 932 30.94 20.67 -24.60
N GLU A 933 31.88 20.83 -23.68
CA GLU A 933 32.99 21.75 -23.89
C GLU A 933 34.32 21.02 -23.78
N MET A 934 34.76 20.45 -24.89
CA MET A 934 36.01 19.71 -24.93
C MET A 934 36.64 19.80 -26.32
N ASP A 935 37.96 19.76 -26.39
CA ASP A 935 38.66 19.97 -27.66
C ASP A 935 39.29 18.69 -28.20
N SER A 936 39.95 18.82 -29.35
CA SER A 936 40.67 17.73 -30.00
C SER A 936 39.79 16.53 -30.28
N ASN A 950 51.72 8.59 -8.45
CA ASN A 950 50.87 7.73 -7.63
C ASN A 950 50.29 6.60 -8.47
N LEU A 951 50.22 6.81 -9.77
CA LEU A 951 49.56 5.85 -10.67
C LEU A 951 50.57 4.96 -11.39
N SER A 952 50.13 3.75 -11.74
CA SER A 952 50.92 2.88 -12.59
C SER A 952 50.99 3.51 -13.97
N GLN A 953 52.07 3.24 -14.70
CA GLN A 953 52.30 3.91 -15.98
C GLN A 953 51.72 3.14 -17.16
N ALA A 954 50.87 3.81 -17.92
CA ALA A 954 50.21 3.22 -19.07
C ALA A 954 51.20 2.87 -20.17
N PRO A 955 50.99 1.73 -20.83
CA PRO A 955 51.86 1.29 -21.93
C PRO A 955 51.71 2.18 -23.16
N ALA A 956 52.72 2.21 -24.02
CA ALA A 956 52.64 2.95 -25.26
C ALA A 956 51.67 2.29 -26.21
N LEU A 957 50.67 3.04 -26.65
CA LEU A 957 49.63 2.50 -27.52
C LEU A 957 49.92 2.75 -28.99
N PRO A 958 49.55 1.78 -29.85
CA PRO A 958 49.65 1.93 -31.30
C PRO A 958 48.80 3.09 -31.81
N GLN A 959 49.12 3.62 -32.97
CA GLN A 959 48.35 4.73 -33.54
C GLN A 959 46.98 4.27 -34.02
N PRO A 960 45.93 4.87 -33.46
CA PRO A 960 44.54 4.49 -33.70
C PRO A 960 43.99 4.96 -35.06
N GLU A 961 43.37 4.05 -35.79
CA GLU A 961 42.68 4.39 -37.02
C GLU A 961 41.35 5.06 -36.69
N VAL A 962 41.17 6.29 -37.14
CA VAL A 962 39.96 7.04 -36.82
C VAL A 962 38.86 6.82 -37.84
N ILE A 963 37.74 6.26 -37.38
CA ILE A 963 36.57 6.06 -38.24
C ILE A 963 35.91 7.39 -38.56
N GLN A 964 35.88 7.75 -39.84
CA GLN A 964 35.25 8.99 -40.26
C GLN A 964 33.85 8.75 -40.78
N ASN A 965 33.68 7.64 -41.50
CA ASN A 965 32.37 7.26 -42.01
C ASN A 965 32.05 5.80 -41.66
N MET A 966 30.89 5.58 -41.05
CA MET A 966 30.53 4.26 -40.56
C MET A 966 30.25 3.26 -41.67
N THR A 967 29.61 3.72 -42.75
CA THR A 967 29.35 2.87 -43.89
C THR A 967 30.59 2.30 -44.58
N GLU A 968 31.60 3.13 -44.75
CA GLU A 968 32.88 2.68 -45.31
C GLU A 968 33.78 1.85 -44.34
N PHE A 969 33.45 2.02 -43.06
CA PHE A 969 34.15 1.31 -41.98
C PHE A 969 33.75 -0.15 -42.17
N LYS A 970 32.45 -0.40 -42.24
CA LYS A 970 31.93 -1.77 -42.30
C LYS A 970 32.35 -2.51 -43.55
N ARG A 971 32.46 -1.80 -44.67
CA ARG A 971 32.78 -2.42 -45.94
C ARG A 971 34.18 -3.00 -45.98
N GLY A 972 35.08 -2.42 -45.20
CA GLY A 972 36.48 -2.82 -45.23
C GLY A 972 36.79 -4.07 -44.43
N LEU A 973 35.88 -4.43 -43.53
CA LEU A 973 36.10 -5.56 -42.64
C LEU A 973 35.16 -6.72 -42.95
N PRO A 974 35.62 -7.96 -42.70
CA PRO A 974 34.79 -9.15 -42.92
C PRO A 974 33.61 -9.19 -41.96
N LEU A 975 32.62 -10.02 -42.26
CA LEU A 975 31.49 -10.22 -41.37
C LEU A 975 31.57 -11.62 -40.75
N PHE A 976 31.46 -11.67 -39.43
CA PHE A 976 31.53 -12.92 -38.67
C PHE A 976 30.49 -13.94 -39.15
N PRO A 977 30.75 -15.23 -38.88
CA PRO A 977 29.73 -16.25 -39.12
C PRO A 977 28.59 -16.15 -38.12
N LEU A 978 27.50 -16.86 -38.37
CA LEU A 978 26.41 -16.93 -37.41
C LEU A 978 26.51 -18.23 -36.62
N VAL A 979 26.39 -18.13 -35.30
CA VAL A 979 26.54 -19.26 -34.40
C VAL A 979 25.58 -20.40 -34.75
N LYS A 980 26.13 -21.60 -34.87
CA LYS A 980 25.35 -22.78 -35.21
C LYS A 980 24.41 -23.18 -34.07
N PRO A 981 23.14 -23.44 -34.40
CA PRO A 981 22.14 -23.90 -33.43
C PRO A 981 22.54 -25.22 -32.79
N HIS A 982 22.27 -25.37 -31.49
CA HIS A 982 22.65 -26.57 -30.76
C HIS A 982 21.84 -27.80 -31.23
N ILE A 983 20.67 -27.53 -31.80
CA ILE A 983 19.80 -28.60 -32.28
C ILE A 983 19.58 -28.51 -33.79
N ASN A 984 19.77 -29.64 -34.48
CA ASN A 984 19.51 -29.71 -35.91
C ASN A 984 18.02 -29.96 -36.18
N PHE A 985 17.46 -29.20 -37.11
CA PHE A 985 16.04 -29.31 -37.41
C PHE A 985 15.79 -30.16 -38.66
N GLU B 4 -6.27 -4.62 27.99
CA GLU B 4 -7.59 -4.67 27.39
C GLU B 4 -8.30 -3.32 27.49
N VAL B 5 -9.37 -3.16 26.71
CA VAL B 5 -10.09 -1.90 26.66
C VAL B 5 -11.23 -1.85 27.69
N GLN B 6 -11.35 -0.75 28.40
CA GLN B 6 -12.44 -0.54 29.34
C GLN B 6 -12.70 0.94 29.57
N LEU B 7 -13.95 1.28 29.87
CA LEU B 7 -14.33 2.66 30.16
C LEU B 7 -14.97 2.75 31.55
N VAL B 8 -14.55 3.74 32.32
CA VAL B 8 -15.06 3.92 33.67
C VAL B 8 -15.67 5.30 33.88
N GLU B 9 -16.95 5.33 34.23
CA GLU B 9 -17.63 6.59 34.54
C GLU B 9 -17.49 6.93 36.02
N SER B 10 -17.47 8.22 36.32
CA SER B 10 -17.41 8.68 37.70
C SER B 10 -18.09 10.05 37.83
N GLY B 11 -18.48 10.39 39.04
CA GLY B 11 -19.11 11.67 39.31
C GLY B 11 -20.61 11.59 39.43
N GLY B 12 -21.15 10.37 39.42
CA GLY B 12 -22.56 10.16 39.57
C GLY B 12 -23.00 10.37 41.01
N GLY B 13 -23.97 11.26 41.22
CA GLY B 13 -24.46 11.56 42.54
C GLY B 13 -25.81 12.26 42.54
N LEU B 14 -26.28 12.63 43.72
CA LEU B 14 -27.58 13.29 43.86
C LEU B 14 -27.43 14.82 43.86
N VAL B 15 -28.12 15.47 42.92
CA VAL B 15 -27.98 16.91 42.68
C VAL B 15 -29.31 17.51 42.17
N GLN B 16 -29.40 18.83 42.04
CA GLN B 16 -30.69 19.55 41.99
C GLN B 16 -30.56 20.79 41.13
N PRO B 17 -31.65 21.16 40.42
CA PRO B 17 -31.66 22.27 39.48
C PRO B 17 -30.92 23.50 40.01
N GLY B 18 -30.17 24.14 39.13
CA GLY B 18 -29.36 25.29 39.50
C GLY B 18 -27.96 24.84 39.87
N GLY B 19 -27.82 23.57 40.22
CA GLY B 19 -26.55 23.02 40.61
C GLY B 19 -25.81 22.40 39.45
N SER B 20 -24.51 22.17 39.62
CA SER B 20 -23.68 21.62 38.56
C SER B 20 -23.09 20.26 38.91
N LEU B 21 -22.82 19.46 37.89
CA LEU B 21 -22.23 18.14 38.08
C LEU B 21 -21.38 17.79 36.86
N ARG B 22 -20.22 17.16 37.09
CA ARG B 22 -19.32 16.82 36.00
C ARG B 22 -18.92 15.35 35.99
N LEU B 23 -19.45 14.60 35.03
CA LEU B 23 -19.14 13.18 34.90
C LEU B 23 -17.83 13.00 34.13
N SER B 24 -17.01 12.04 34.57
CA SER B 24 -15.71 11.80 33.95
C SER B 24 -15.62 10.38 33.39
N CYS B 25 -15.08 10.25 32.18
CA CYS B 25 -14.96 8.95 31.54
C CYS B 25 -13.49 8.54 31.40
N ALA B 26 -13.01 7.75 32.35
CA ALA B 26 -11.63 7.28 32.33
C ALA B 26 -11.43 6.21 31.27
N ALA B 27 -10.61 6.53 30.26
CA ALA B 27 -10.34 5.60 29.17
C ALA B 27 -9.11 4.76 29.47
N SER B 28 -9.25 3.44 29.32
CA SER B 28 -8.15 2.52 29.61
C SER B 28 -8.02 1.48 28.50
N GLY B 29 -6.82 1.40 27.92
CA GLY B 29 -6.55 0.45 26.86
C GLY B 29 -6.44 1.09 25.50
N PHE B 30 -6.67 2.40 25.45
CA PHE B 30 -6.59 3.14 24.21
C PHE B 30 -6.49 4.64 24.48
N ASN B 31 -6.30 5.42 23.43
CA ASN B 31 -6.21 6.88 23.55
C ASN B 31 -7.48 7.57 23.08
N VAL B 32 -7.92 8.57 23.84
CA VAL B 32 -9.05 9.40 23.44
C VAL B 32 -8.66 10.21 22.20
N SER B 33 -7.36 10.41 22.05
CA SER B 33 -6.79 11.16 20.93
C SER B 33 -7.26 10.65 19.56
N SER B 34 -7.48 9.35 19.45
CA SER B 34 -7.83 8.72 18.18
C SER B 34 -9.33 8.51 18.03
N TYR B 35 -9.93 7.82 19.00
CA TYR B 35 -11.35 7.49 18.93
C TYR B 35 -12.23 8.64 19.41
N SER B 36 -13.46 8.70 18.89
CA SER B 36 -14.44 9.67 19.37
C SER B 36 -15.16 9.10 20.59
N ILE B 37 -15.43 9.95 21.57
CA ILE B 37 -16.10 9.51 22.79
C ILE B 37 -17.53 10.03 22.83
N HIS B 38 -18.46 9.17 23.22
CA HIS B 38 -19.88 9.52 23.25
C HIS B 38 -20.44 9.48 24.68
N TRP B 39 -21.50 10.25 24.90
CA TRP B 39 -22.26 10.17 26.14
C TRP B 39 -23.71 9.79 25.83
N VAL B 40 -24.11 8.60 26.24
CA VAL B 40 -25.48 8.14 26.03
C VAL B 40 -26.16 7.91 27.38
N ARG B 41 -27.29 8.58 27.59
CA ARG B 41 -28.03 8.42 28.83
C ARG B 41 -29.31 7.63 28.64
N GLN B 42 -29.78 6.98 29.70
CA GLN B 42 -31.01 6.21 29.64
C GLN B 42 -31.92 6.57 30.81
N ALA B 43 -33.03 7.23 30.49
CA ALA B 43 -34.03 7.60 31.48
C ALA B 43 -34.62 6.35 32.14
N PRO B 44 -35.09 6.49 33.39
CA PRO B 44 -35.69 5.36 34.11
C PRO B 44 -36.86 4.75 33.37
N GLY B 45 -36.69 3.53 32.87
CA GLY B 45 -37.76 2.79 32.22
C GLY B 45 -37.81 2.95 30.72
N LYS B 46 -37.34 4.09 30.21
CA LYS B 46 -37.40 4.38 28.79
C LYS B 46 -36.12 3.99 28.05
N GLY B 47 -36.11 4.20 26.74
CA GLY B 47 -35.01 3.75 25.90
C GLY B 47 -33.74 4.56 25.98
N LEU B 48 -32.96 4.54 24.90
CA LEU B 48 -31.67 5.22 24.87
C LEU B 48 -31.78 6.59 24.22
N GLU B 49 -31.07 7.56 24.80
CA GLU B 49 -31.00 8.90 24.23
C GLU B 49 -29.57 9.39 24.16
N TRP B 50 -29.07 9.56 22.94
CA TRP B 50 -27.74 10.12 22.73
C TRP B 50 -27.59 11.59 23.11
N VAL B 51 -26.75 11.85 24.10
CA VAL B 51 -26.56 13.21 24.59
C VAL B 51 -25.47 14.12 24.02
N ALA B 52 -24.26 13.57 23.91
CA ALA B 52 -23.12 14.34 23.42
C ALA B 52 -22.11 13.41 22.77
N SER B 53 -21.17 14.00 22.04
CA SER B 53 -20.13 13.24 21.35
C SER B 53 -18.97 14.15 20.97
N ILE B 54 -17.75 13.69 21.20
CA ILE B 54 -16.57 14.51 20.94
C ILE B 54 -15.48 13.75 20.18
N SER B 55 -14.96 14.37 19.14
CA SER B 55 -13.83 13.80 18.39
C SER B 55 -12.57 14.56 18.75
N SER B 56 -11.76 13.98 19.63
CA SER B 56 -10.56 14.65 20.13
C SER B 56 -9.52 14.89 19.04
N TYR B 57 -9.58 14.08 17.98
CA TYR B 57 -8.62 14.20 16.89
C TYR B 57 -8.92 15.42 16.01
N TYR B 58 -10.11 15.45 15.42
CA TYR B 58 -10.49 16.53 14.52
C TYR B 58 -11.07 17.73 15.27
N GLY B 59 -11.22 17.58 16.58
CA GLY B 59 -11.62 18.68 17.44
C GLY B 59 -12.97 19.31 17.16
N SER B 60 -14.01 18.48 17.07
CA SER B 60 -15.36 18.98 16.86
C SER B 60 -16.35 18.20 17.73
N THR B 61 -17.27 18.93 18.36
CA THR B 61 -18.21 18.33 19.29
C THR B 61 -19.63 18.36 18.75
N SER B 62 -20.51 17.55 19.33
CA SER B 62 -21.89 17.44 18.88
C SER B 62 -22.84 17.15 20.03
N TYR B 63 -23.89 17.97 20.15
CA TYR B 63 -24.86 17.83 21.23
C TYR B 63 -26.26 17.53 20.69
N ALA B 64 -27.12 16.97 21.54
CA ALA B 64 -28.49 16.69 21.16
C ALA B 64 -29.38 17.89 21.47
N ASP B 65 -30.46 18.05 20.69
CA ASP B 65 -31.36 19.20 20.83
C ASP B 65 -31.99 19.26 22.23
N SER B 66 -32.18 18.10 22.84
CA SER B 66 -32.74 18.01 24.18
C SER B 66 -31.92 18.80 25.19
N VAL B 67 -30.62 18.87 24.94
CA VAL B 67 -29.72 19.60 25.83
C VAL B 67 -28.52 20.18 25.06
N LYS B 68 -28.50 21.49 24.95
CA LYS B 68 -27.43 22.17 24.21
C LYS B 68 -26.76 23.25 25.06
N GLY B 69 -27.57 24.05 25.74
CA GLY B 69 -27.05 25.15 26.54
C GLY B 69 -26.61 24.73 27.92
N ARG B 70 -27.12 23.59 28.39
CA ARG B 70 -26.87 23.17 29.77
C ARG B 70 -25.70 22.19 29.92
N PHE B 71 -25.41 21.40 28.89
CA PHE B 71 -24.27 20.48 28.98
C PHE B 71 -23.10 20.94 28.13
N THR B 72 -21.90 20.49 28.49
CA THR B 72 -20.70 20.77 27.73
C THR B 72 -19.76 19.57 27.78
N ILE B 73 -19.34 19.10 26.61
CA ILE B 73 -18.44 17.96 26.53
C ILE B 73 -16.99 18.44 26.41
N SER B 74 -16.06 17.64 26.90
CA SER B 74 -14.64 17.99 26.85
C SER B 74 -13.78 16.74 26.91
N ALA B 75 -12.57 16.84 26.36
CA ALA B 75 -11.66 15.71 26.35
C ALA B 75 -10.26 16.14 26.79
N ASP B 76 -9.73 15.45 27.81
CA ASP B 76 -8.36 15.69 28.25
C ASP B 76 -7.46 14.62 27.65
N THR B 77 -6.51 15.06 26.83
CA THR B 77 -5.73 14.15 25.99
C THR B 77 -4.81 13.21 26.74
N SER B 78 -3.94 13.75 27.58
CA SER B 78 -2.87 12.97 28.20
C SER B 78 -3.32 12.16 29.41
N LYS B 79 -4.45 12.52 29.99
CA LYS B 79 -4.96 11.82 31.16
C LYS B 79 -6.03 10.82 30.72
N ASN B 80 -6.28 10.80 29.41
CA ASN B 80 -7.25 9.88 28.80
C ASN B 80 -8.62 9.93 29.47
N THR B 81 -9.19 11.13 29.56
CA THR B 81 -10.50 11.29 30.19
C THR B 81 -11.38 12.26 29.40
N ALA B 82 -12.62 11.85 29.16
CA ALA B 82 -13.62 12.73 28.59
C ALA B 82 -14.61 13.14 29.68
N TYR B 83 -15.04 14.40 29.66
CA TYR B 83 -15.94 14.91 30.70
C TYR B 83 -17.30 15.29 30.15
N LEU B 84 -18.27 15.44 31.06
CA LEU B 84 -19.58 15.95 30.71
C LEU B 84 -20.04 16.97 31.77
N GLN B 85 -19.80 18.25 31.47
CA GLN B 85 -20.18 19.31 32.40
C GLN B 85 -21.68 19.59 32.34
N MET B 86 -22.36 19.37 33.46
CA MET B 86 -23.80 19.55 33.54
C MET B 86 -24.14 20.61 34.60
N ASN B 87 -24.31 21.86 34.17
CA ASN B 87 -24.36 22.97 35.11
C ASN B 87 -25.76 23.53 35.44
N SER B 88 -26.75 23.19 34.62
CA SER B 88 -28.13 23.59 34.91
C SER B 88 -29.08 22.44 34.58
N LEU B 89 -29.61 21.80 35.62
CA LEU B 89 -30.28 20.51 35.45
C LEU B 89 -31.79 20.54 35.66
N ARG B 90 -32.50 19.78 34.84
CA ARG B 90 -33.94 19.61 35.01
C ARG B 90 -34.17 18.24 35.62
N ALA B 91 -35.43 17.89 35.83
CA ALA B 91 -35.80 16.55 36.25
C ALA B 91 -35.70 15.47 35.18
N GLU B 92 -35.63 15.91 33.93
CA GLU B 92 -35.50 15.00 32.79
C GLU B 92 -34.12 14.35 32.77
N ASP B 93 -33.15 15.04 33.36
CA ASP B 93 -31.75 14.61 33.30
C ASP B 93 -31.47 13.43 34.22
N THR B 94 -32.36 13.17 35.16
CA THR B 94 -32.22 12.02 36.05
C THR B 94 -32.20 10.73 35.24
N ALA B 95 -31.01 10.17 35.04
CA ALA B 95 -30.84 8.98 34.22
C ALA B 95 -29.50 8.31 34.45
N VAL B 96 -29.24 7.23 33.73
CA VAL B 96 -27.95 6.54 33.79
C VAL B 96 -27.10 6.94 32.59
N TYR B 97 -25.92 7.48 32.84
CA TYR B 97 -25.08 8.02 31.78
C TYR B 97 -23.90 7.11 31.44
N TYR B 98 -23.90 6.60 30.20
CA TYR B 98 -22.80 5.77 29.73
C TYR B 98 -21.83 6.57 28.86
N CYS B 99 -20.56 6.17 28.87
CA CYS B 99 -19.60 6.71 27.93
C CYS B 99 -19.12 5.60 27.01
N ALA B 100 -19.06 5.89 25.71
CA ALA B 100 -18.67 4.89 24.73
C ALA B 100 -17.78 5.48 23.65
N ARG B 101 -17.01 4.61 22.99
CA ARG B 101 -16.08 5.04 21.96
C ARG B 101 -16.47 4.50 20.59
N ASP B 102 -15.85 5.03 19.54
CA ASP B 102 -15.97 4.45 18.21
C ASP B 102 -15.23 3.12 18.19
N ARG B 103 -15.70 2.20 17.35
CA ARG B 103 -14.99 0.94 17.17
C ARG B 103 -13.80 1.17 16.24
N VAL B 104 -13.95 2.15 15.35
CA VAL B 104 -12.91 2.49 14.39
C VAL B 104 -12.12 3.73 14.84
N MET B 105 -10.93 3.91 14.26
CA MET B 105 -10.09 5.04 14.61
C MET B 105 -10.27 6.21 13.65
N TYR B 106 -10.15 7.42 14.18
CA TYR B 106 -10.20 8.65 13.40
C TYR B 106 -11.45 8.78 12.54
N TYR B 107 -12.62 8.64 13.15
CA TYR B 107 -13.87 8.84 12.41
C TYR B 107 -13.99 10.31 12.01
N TRP B 108 -14.07 10.56 10.71
CA TRP B 108 -14.15 11.93 10.21
C TRP B 108 -15.49 12.56 10.56
N SER B 109 -15.47 13.46 11.52
CA SER B 109 -16.69 14.06 12.08
C SER B 109 -17.46 14.89 11.06
N PHE B 110 -16.72 15.54 10.17
CA PHE B 110 -17.32 16.46 9.21
C PHE B 110 -17.89 15.72 8.00
N SER B 111 -18.14 14.42 8.17
CA SER B 111 -18.68 13.60 7.09
C SER B 111 -20.08 14.06 6.70
N LYS B 112 -20.29 14.22 5.40
CA LYS B 112 -21.60 14.61 4.88
C LYS B 112 -22.54 13.40 4.90
N TYR B 113 -21.97 12.22 4.76
CA TYR B 113 -22.74 10.99 4.93
C TYR B 113 -22.64 10.50 6.37
N GLY B 114 -23.55 9.62 6.76
CA GLY B 114 -23.50 9.02 8.08
C GLY B 114 -23.05 7.58 7.99
N TYR B 115 -22.04 7.22 8.79
CA TYR B 115 -21.54 5.86 8.79
C TYR B 115 -21.60 5.24 10.18
N PRO B 116 -22.64 4.46 10.44
CA PRO B 116 -22.84 3.81 11.75
C PRO B 116 -21.90 2.65 11.98
N TYR B 117 -20.63 2.93 12.19
CA TYR B 117 -19.73 1.94 12.77
C TYR B 117 -20.17 1.76 14.21
N GLY B 118 -20.06 0.55 14.73
CA GLY B 118 -20.54 0.25 16.07
C GLY B 118 -19.77 0.97 17.17
N MET B 119 -20.30 0.88 18.39
CA MET B 119 -19.60 1.37 19.58
C MET B 119 -19.26 0.17 20.45
N ASP B 120 -18.09 -0.41 20.20
CA ASP B 120 -17.74 -1.72 20.75
C ASP B 120 -17.56 -1.73 22.27
N TYR B 121 -17.16 -0.61 22.85
CA TYR B 121 -16.90 -0.58 24.29
C TYR B 121 -17.68 0.50 25.01
N TRP B 122 -18.49 0.07 25.98
CA TRP B 122 -19.25 0.98 26.82
C TRP B 122 -18.77 0.88 28.27
N GLY B 123 -19.01 1.93 29.05
CA GLY B 123 -18.77 1.86 30.48
C GLY B 123 -19.99 1.26 31.14
N GLN B 124 -19.95 1.11 32.47
CA GLN B 124 -21.08 0.56 33.18
C GLN B 124 -22.01 1.69 33.64
N GLY B 125 -21.59 2.92 33.39
CA GLY B 125 -22.42 4.09 33.63
C GLY B 125 -22.53 4.53 35.07
N THR B 126 -22.62 5.84 35.28
CA THR B 126 -22.89 6.39 36.60
C THR B 126 -24.30 6.96 36.66
N LEU B 127 -24.91 6.87 37.84
CA LEU B 127 -26.29 7.32 38.02
C LEU B 127 -26.35 8.74 38.55
N VAL B 128 -27.04 9.61 37.82
CA VAL B 128 -27.32 10.94 38.33
C VAL B 128 -28.77 10.97 38.78
N THR B 129 -29.04 11.73 39.84
CA THR B 129 -30.38 11.78 40.38
C THR B 129 -30.74 13.17 40.83
N VAL B 130 -31.81 13.73 40.31
CA VAL B 130 -32.08 15.14 40.54
C VAL B 130 -33.24 15.31 41.49
N PHE B 131 -32.99 15.88 42.65
CA PHE B 131 -33.99 15.87 43.69
C PHE B 131 -34.38 17.15 44.42
N ASN B 132 -35.63 17.23 44.83
CA ASN B 132 -36.14 18.35 45.56
C ASN B 132 -36.27 18.15 47.03
N GLN B 133 -36.29 16.89 47.39
CA GLN B 133 -36.45 16.48 48.78
C GLN B 133 -35.99 15.03 48.93
N ILE B 134 -35.51 14.69 50.11
CA ILE B 134 -35.24 13.31 50.44
C ILE B 134 -36.08 12.90 51.63
N LYS B 135 -37.13 12.15 51.37
CA LYS B 135 -38.03 11.75 52.43
C LYS B 135 -37.91 10.25 52.73
N GLY B 136 -38.26 9.88 53.97
CA GLY B 136 -38.28 8.50 54.39
C GLY B 136 -39.62 7.85 54.08
N PRO B 137 -39.59 6.59 53.66
CA PRO B 137 -40.79 5.87 53.24
C PRO B 137 -41.84 5.67 54.34
N SER B 138 -43.05 6.17 54.10
CA SER B 138 -44.18 5.80 54.93
C SER B 138 -44.58 4.37 54.55
N VAL B 139 -44.71 3.50 55.55
CA VAL B 139 -45.02 2.12 55.25
C VAL B 139 -46.30 1.63 55.93
N PHE B 140 -47.37 1.52 55.13
CA PHE B 140 -48.62 0.93 55.56
C PHE B 140 -48.65 -0.55 55.16
N PRO B 141 -49.28 -1.40 55.98
CA PRO B 141 -49.32 -2.84 55.68
C PRO B 141 -50.47 -3.21 54.74
N LEU B 142 -50.74 -4.51 54.65
CA LEU B 142 -51.91 -5.02 53.94
C LEU B 142 -52.33 -6.34 54.59
N ALA B 143 -53.63 -6.62 54.58
CA ALA B 143 -54.17 -7.76 55.31
C ALA B 143 -54.68 -8.88 54.42
N PRO B 144 -54.28 -10.12 54.73
CA PRO B 144 -54.77 -11.32 54.03
C PRO B 144 -56.07 -11.85 54.65
N SER B 145 -57.00 -12.26 53.81
CA SER B 145 -58.31 -12.71 54.27
C SER B 145 -58.42 -14.23 54.30
N GLY B 152 -56.42 -21.50 48.49
CA GLY B 152 -55.42 -22.27 49.19
C GLY B 152 -54.22 -21.43 49.62
N THR B 153 -53.89 -20.42 48.82
CA THR B 153 -52.79 -19.52 49.14
C THR B 153 -53.30 -18.13 49.47
N ALA B 154 -52.59 -17.42 50.33
CA ALA B 154 -52.95 -16.06 50.71
C ALA B 154 -51.80 -15.10 50.45
N ALA B 155 -52.10 -13.98 49.81
CA ALA B 155 -51.07 -13.02 49.42
C ALA B 155 -50.83 -11.97 50.49
N LEU B 156 -49.64 -11.98 51.09
CA LEU B 156 -49.27 -10.99 52.08
C LEU B 156 -48.35 -9.96 51.42
N GLY B 157 -47.99 -8.90 52.14
CA GLY B 157 -47.09 -7.91 51.59
C GLY B 157 -46.95 -6.60 52.36
N CYS B 158 -46.22 -5.66 51.76
CA CYS B 158 -46.03 -4.33 52.32
C CYS B 158 -46.39 -3.25 51.31
N LEU B 159 -46.62 -2.04 51.79
CA LEU B 159 -46.82 -0.89 50.92
C LEU B 159 -45.82 0.21 51.24
N VAL B 160 -44.93 0.50 50.29
CA VAL B 160 -43.95 1.56 50.46
C VAL B 160 -44.43 2.80 49.73
N LYS B 161 -45.28 3.58 50.39
CA LYS B 161 -45.78 4.81 49.79
C LYS B 161 -44.99 6.01 50.29
N ASP B 162 -44.84 7.01 49.42
CA ASP B 162 -44.15 8.25 49.76
C ASP B 162 -42.66 8.30 50.16
N TYR B 163 -41.82 7.67 49.35
CA TYR B 163 -40.37 7.81 49.49
C TYR B 163 -39.70 8.43 48.26
N PHE B 164 -38.61 9.14 48.45
CA PHE B 164 -37.85 9.73 47.36
C PHE B 164 -36.46 10.09 47.86
N GLU B 166 -34.20 7.35 45.78
CA GLU B 166 -35.18 6.98 44.77
C GLU B 166 -35.35 5.46 44.60
N PRO B 167 -34.28 4.67 44.77
CA PRO B 167 -34.57 3.23 44.84
C PRO B 167 -34.68 2.74 46.27
N VAL B 168 -35.78 2.06 46.58
CA VAL B 168 -35.99 1.50 47.91
C VAL B 168 -35.70 0.00 47.90
N THR B 169 -35.02 -0.49 48.94
CA THR B 169 -34.70 -1.90 49.05
C THR B 169 -35.67 -2.63 49.96
N VAL B 170 -36.38 -3.61 49.41
CA VAL B 170 -37.30 -4.42 50.19
C VAL B 170 -36.92 -5.89 50.12
N SER B 171 -36.77 -6.51 51.28
CA SER B 171 -36.54 -7.96 51.34
C SER B 171 -37.55 -8.57 52.31
N TRP B 172 -37.47 -9.88 52.52
CA TRP B 172 -38.40 -10.53 53.43
C TRP B 172 -37.74 -11.52 54.39
N ASN B 173 -37.80 -11.17 55.67
CA ASN B 173 -37.17 -11.96 56.73
C ASN B 173 -35.70 -12.23 56.46
N SER B 174 -34.92 -11.15 56.41
CA SER B 174 -33.48 -11.21 56.18
C SER B 174 -33.13 -11.86 54.83
N GLY B 175 -34.09 -11.87 53.92
CA GLY B 175 -33.90 -12.48 52.62
C GLY B 175 -33.96 -14.00 52.67
N ALA B 176 -34.48 -14.53 53.77
CA ALA B 176 -34.66 -15.97 53.90
C ALA B 176 -35.94 -16.41 53.19
N LEU B 177 -36.79 -15.44 52.89
CA LEU B 177 -38.01 -15.67 52.12
C LEU B 177 -37.84 -15.09 50.71
N THR B 178 -37.67 -15.96 49.71
CA THR B 178 -37.43 -15.50 48.35
C THR B 178 -38.37 -16.12 47.32
N SER B 179 -39.44 -16.77 47.79
CA SER B 179 -40.40 -17.38 46.88
C SER B 179 -41.70 -16.60 46.86
N GLY B 180 -41.93 -15.86 45.78
CA GLY B 180 -43.13 -15.05 45.63
C GLY B 180 -42.88 -13.58 45.91
N VAL B 181 -41.62 -13.23 46.13
CA VAL B 181 -41.25 -11.86 46.48
C VAL B 181 -41.33 -10.88 45.31
N HIS B 182 -42.55 -10.65 44.82
CA HIS B 182 -42.77 -9.75 43.69
C HIS B 182 -42.75 -8.29 44.12
N THR B 183 -41.55 -7.74 44.25
CA THR B 183 -41.40 -6.33 44.56
C THR B 183 -41.67 -5.48 43.32
N PHE B 184 -42.83 -4.83 43.30
CA PHE B 184 -43.26 -4.04 42.15
C PHE B 184 -42.35 -2.83 41.89
N PRO B 185 -42.23 -2.44 40.61
CA PRO B 185 -41.52 -1.23 40.23
C PRO B 185 -42.17 0.01 40.82
N ALA B 186 -41.37 0.98 41.23
CA ALA B 186 -41.89 2.22 41.79
C ALA B 186 -42.57 3.06 40.74
N VAL B 187 -43.68 3.68 41.11
CA VAL B 187 -44.39 4.57 40.19
C VAL B 187 -44.49 5.97 40.77
N LEU B 188 -43.95 6.95 40.04
CA LEU B 188 -43.98 8.34 40.47
C LEU B 188 -45.40 8.88 40.55
N GLN B 189 -45.86 9.14 41.77
CA GLN B 189 -47.17 9.74 41.98
C GLN B 189 -47.14 11.19 41.51
N SER B 190 -48.32 11.77 41.28
CA SER B 190 -48.40 13.17 40.87
C SER B 190 -48.16 14.10 42.04
N SER B 191 -47.85 13.52 43.20
CA SER B 191 -47.45 14.29 44.37
C SER B 191 -45.96 14.59 44.31
N GLY B 192 -45.33 14.17 43.21
CA GLY B 192 -43.89 14.29 43.05
C GLY B 192 -43.18 13.23 43.88
N LEU B 193 -43.94 12.24 44.32
CA LEU B 193 -43.45 11.23 45.25
C LEU B 193 -43.43 9.85 44.62
N TYR B 194 -42.55 8.98 45.11
CA TYR B 194 -42.54 7.59 44.64
C TYR B 194 -43.33 6.70 45.59
N SER B 195 -43.90 5.64 45.04
CA SER B 195 -44.69 4.69 45.81
C SER B 195 -44.78 3.34 45.12
N LEU B 196 -44.34 2.29 45.81
CA LEU B 196 -44.49 0.93 45.32
C LEU B 196 -45.09 0.05 46.39
N SER B 197 -45.35 -1.20 46.03
CA SER B 197 -45.85 -2.19 46.98
C SER B 197 -45.16 -3.52 46.73
N SER B 198 -44.83 -4.22 47.82
CA SER B 198 -44.10 -5.48 47.72
C SER B 198 -44.90 -6.64 48.32
N VAL B 199 -45.55 -7.41 47.44
CA VAL B 199 -46.37 -8.53 47.88
C VAL B 199 -45.62 -9.86 47.75
N VAL B 200 -46.03 -10.83 48.55
CA VAL B 200 -45.47 -12.18 48.46
C VAL B 200 -46.52 -13.23 48.81
N THR B 201 -46.61 -14.26 47.98
CA THR B 201 -47.61 -15.31 48.13
C THR B 201 -47.15 -16.44 49.03
N VAL B 202 -47.98 -16.76 50.02
CA VAL B 202 -47.77 -17.90 50.91
C VAL B 202 -49.04 -18.75 50.86
N PRO B 203 -49.10 -19.85 51.60
CA PRO B 203 -50.29 -20.72 51.59
C PRO B 203 -51.30 -20.31 52.64
N SER B 204 -52.52 -20.86 52.62
CA SER B 204 -53.51 -20.46 53.64
C SER B 204 -53.39 -21.37 54.87
N SER B 205 -52.21 -21.96 55.05
CA SER B 205 -51.95 -22.82 56.20
C SER B 205 -50.79 -22.29 57.03
N SER B 206 -50.36 -21.07 56.71
CA SER B 206 -49.24 -20.44 57.42
C SER B 206 -49.74 -19.35 58.36
N LEU B 207 -51.02 -19.42 58.72
CA LEU B 207 -51.62 -18.44 59.62
C LEU B 207 -51.22 -19.02 60.97
N GLY B 208 -49.92 -18.96 61.27
CA GLY B 208 -49.40 -19.50 62.51
C GLY B 208 -48.89 -18.38 63.41
N THR B 209 -47.80 -17.73 63.03
CA THR B 209 -47.09 -17.97 61.77
C THR B 209 -45.58 -17.94 61.96
N GLN B 210 -44.86 -18.20 60.87
CA GLN B 210 -43.44 -17.89 60.83
C GLN B 210 -43.33 -16.38 60.63
N THR B 211 -42.45 -15.73 61.38
CA THR B 211 -42.37 -14.27 61.42
C THR B 211 -42.16 -13.66 60.04
N CYS B 214 -41.24 -8.09 56.04
CA CYS B 214 -41.05 -6.88 55.24
C CYS B 214 -40.06 -5.93 55.90
N ASN B 215 -39.00 -5.59 55.19
CA ASN B 215 -37.98 -4.69 55.70
C ASN B 215 -37.90 -3.80 54.47
N VAL B 216 -38.33 -2.56 54.65
CA VAL B 216 -38.10 -1.42 53.77
C VAL B 216 -36.75 -0.77 54.07
N ASN B 217 -36.02 -0.41 53.01
CA ASN B 217 -34.73 0.23 53.16
C ASN B 217 -34.54 1.38 52.16
N HIS B 218 -34.17 2.53 52.68
CA HIS B 218 -33.98 3.74 51.87
C HIS B 218 -32.89 4.61 52.47
N LYS B 219 -31.66 4.40 52.03
CA LYS B 219 -30.49 5.03 52.65
C LYS B 219 -30.28 6.55 52.40
N PRO B 220 -30.78 7.09 51.28
CA PRO B 220 -30.66 8.56 51.13
C PRO B 220 -31.21 9.37 52.32
N SER B 221 -32.14 8.79 53.07
CA SER B 221 -32.65 9.44 54.28
C SER B 221 -32.42 8.57 55.52
N ASN B 222 -31.51 7.59 55.38
CA ASN B 222 -31.15 6.69 56.48
C ASN B 222 -32.35 5.94 57.06
N THR B 223 -33.33 5.64 56.22
CA THR B 223 -34.56 5.00 56.69
C THR B 223 -34.50 3.48 56.55
N LYS B 224 -34.71 2.78 57.66
CA LYS B 224 -34.71 1.32 57.68
C LYS B 224 -35.96 0.80 58.40
N VAL B 225 -37.10 0.87 57.73
CA VAL B 225 -38.38 0.60 58.38
C VAL B 225 -38.81 -0.87 58.36
N ASP B 226 -39.25 -1.35 59.53
CA ASP B 226 -39.79 -2.69 59.69
C ASP B 226 -41.20 -2.65 60.26
N LYS B 227 -42.21 -2.75 59.39
CA LYS B 227 -43.59 -2.73 59.84
C LYS B 227 -44.19 -4.14 59.89
N MET C 5 -35.34 5.91 13.65
CA MET C 5 -36.29 6.87 14.22
C MET C 5 -37.48 6.13 14.84
N THR C 6 -38.35 5.60 13.99
CA THR C 6 -39.49 4.80 14.47
C THR C 6 -39.22 3.31 14.24
N GLN C 7 -39.37 2.53 15.30
CA GLN C 7 -39.01 1.12 15.28
C GLN C 7 -40.18 0.23 15.71
N SER C 8 -40.57 -0.71 14.85
CA SER C 8 -41.69 -1.60 15.13
C SER C 8 -41.30 -3.06 14.95
N PRO C 9 -41.87 -3.96 15.78
CA PRO C 9 -42.84 -3.67 16.85
C PRO C 9 -42.18 -3.13 18.12
N SER C 10 -42.99 -2.58 19.01
CA SER C 10 -42.47 -2.06 20.28
C SER C 10 -42.07 -3.21 21.19
N SER C 11 -42.90 -4.25 21.23
CA SER C 11 -42.59 -5.45 21.99
C SER C 11 -42.85 -6.69 21.13
N LEU C 12 -42.10 -7.76 21.42
CA LEU C 12 -42.22 -8.99 20.65
C LEU C 12 -42.11 -10.19 21.58
N SER C 13 -42.89 -11.24 21.30
CA SER C 13 -42.90 -12.42 22.15
C SER C 13 -42.91 -13.70 21.34
N ALA C 14 -41.87 -14.52 21.50
CA ALA C 14 -41.78 -15.80 20.82
C ALA C 14 -41.01 -16.79 21.69
N SER C 15 -41.25 -18.09 21.45
CA SER C 15 -40.56 -19.13 22.18
C SER C 15 -39.14 -19.32 21.64
N VAL C 16 -38.28 -19.95 22.43
CA VAL C 16 -36.90 -20.18 22.01
C VAL C 16 -36.89 -21.12 20.80
N GLY C 17 -36.01 -20.83 19.85
CA GLY C 17 -35.91 -21.59 18.63
C GLY C 17 -36.65 -20.95 17.47
N ASP C 18 -37.53 -19.99 17.79
CA ASP C 18 -38.31 -19.31 16.76
C ASP C 18 -37.44 -18.35 15.93
N ARG C 19 -38.04 -17.83 14.86
CA ARG C 19 -37.37 -16.86 14.01
C ARG C 19 -37.93 -15.46 14.25
N VAL C 20 -37.10 -14.58 14.82
CA VAL C 20 -37.52 -13.23 15.15
C VAL C 20 -36.99 -12.21 14.16
N THR C 21 -37.88 -11.35 13.67
CA THR C 21 -37.50 -10.28 12.75
C THR C 21 -37.95 -8.92 13.29
N ILE C 22 -37.00 -8.04 13.57
CA ILE C 22 -37.28 -6.70 14.07
C ILE C 22 -36.93 -5.66 13.01
N THR C 23 -37.83 -4.71 12.78
CA THR C 23 -37.66 -3.75 11.70
C THR C 23 -37.47 -2.31 12.20
N CYS C 24 -36.38 -1.68 11.77
CA CYS C 24 -36.15 -0.26 12.01
C CYS C 24 -36.49 0.51 10.73
N ARG C 25 -36.65 1.82 10.84
CA ARG C 25 -37.04 2.62 9.68
C ARG C 25 -36.36 3.99 9.66
N ALA C 26 -36.20 4.53 8.45
CA ALA C 26 -35.59 5.85 8.27
C ALA C 26 -36.62 6.96 8.43
N VAL C 30 -30.53 12.36 5.64
CA VAL C 30 -30.70 10.92 5.78
C VAL C 30 -29.41 10.18 5.40
N SER C 31 -29.04 9.22 6.23
CA SER C 31 -27.96 8.30 5.90
C SER C 31 -28.58 6.97 5.48
N SER C 32 -27.78 6.09 4.90
CA SER C 32 -28.33 4.86 4.34
C SER C 32 -27.82 3.60 5.03
N ALA C 33 -27.65 3.65 6.35
CA ALA C 33 -27.20 2.50 7.12
C ALA C 33 -27.61 2.58 8.58
N VAL C 34 -27.41 1.50 9.32
CA VAL C 34 -27.85 1.41 10.70
C VAL C 34 -27.00 0.41 11.50
N ALA C 35 -27.00 0.56 12.82
CA ALA C 35 -26.35 -0.39 13.71
C ALA C 35 -27.37 -0.98 14.67
N TRP C 36 -26.99 -2.08 15.34
CA TRP C 36 -27.90 -2.75 16.27
C TRP C 36 -27.21 -3.05 17.60
N TYR C 37 -27.93 -2.78 18.70
CA TYR C 37 -27.40 -3.02 20.03
C TYR C 37 -28.36 -3.85 20.88
N GLN C 38 -27.79 -4.73 21.70
CA GLN C 38 -28.56 -5.55 22.63
C GLN C 38 -28.30 -5.11 24.07
N GLN C 39 -29.36 -4.84 24.80
CA GLN C 39 -29.21 -4.41 26.19
C GLN C 39 -30.05 -5.25 27.15
N LYS C 40 -29.36 -5.91 28.08
CA LYS C 40 -30.03 -6.61 29.17
C LYS C 40 -30.45 -5.57 30.21
N PRO C 41 -31.58 -5.82 30.91
CA PRO C 41 -32.13 -4.88 31.90
C PRO C 41 -31.10 -4.46 32.95
N GLY C 42 -30.80 -3.17 32.99
CA GLY C 42 -29.94 -2.62 34.02
C GLY C 42 -28.50 -2.35 33.62
N LYS C 43 -27.95 -3.19 32.74
CA LYS C 43 -26.53 -3.10 32.43
C LYS C 43 -26.28 -2.52 31.03
N ALA C 44 -25.02 -2.26 30.73
CA ALA C 44 -24.61 -1.57 29.50
C ALA C 44 -25.01 -2.31 28.23
N PRO C 45 -25.35 -1.56 27.17
CA PRO C 45 -25.73 -2.12 25.87
C PRO C 45 -24.53 -2.77 25.16
N LYS C 46 -24.76 -3.92 24.54
CA LYS C 46 -23.72 -4.60 23.77
C LYS C 46 -23.94 -4.43 22.28
N LEU C 47 -22.85 -4.25 21.55
CA LEU C 47 -22.92 -4.08 20.09
C LEU C 47 -23.16 -5.43 19.40
N LEU C 48 -24.08 -5.44 18.45
CA LEU C 48 -24.40 -6.65 17.70
C LEU C 48 -23.95 -6.54 16.25
N ILE C 49 -24.45 -5.53 15.55
CA ILE C 49 -24.22 -5.39 14.12
C ILE C 49 -23.91 -3.94 13.75
N TYR C 50 -22.90 -3.75 12.90
CA TYR C 50 -22.57 -2.43 12.38
C TYR C 50 -22.60 -2.41 10.85
N SER C 51 -22.75 -1.23 10.28
CA SER C 51 -22.80 -1.05 8.83
C SER C 51 -23.91 -1.82 8.11
N SER C 53 -24.97 -4.74 7.77
CA SER C 53 -24.82 -6.07 7.20
C SER C 53 -23.89 -6.91 8.08
N SER C 54 -22.64 -6.46 8.22
CA SER C 54 -21.62 -7.22 8.93
C SER C 54 -21.83 -7.15 10.44
N LEU C 55 -21.60 -8.26 11.13
CA LEU C 55 -21.82 -8.32 12.57
C LEU C 55 -20.53 -8.24 13.38
N TYR C 56 -20.66 -7.84 14.64
CA TYR C 56 -19.53 -7.64 15.53
C TYR C 56 -18.92 -8.96 15.99
N SER C 57 -17.67 -8.91 16.44
CA SER C 57 -16.97 -10.10 16.90
C SER C 57 -17.58 -10.67 18.17
N GLY C 58 -17.63 -12.00 18.26
CA GLY C 58 -18.20 -12.66 19.42
C GLY C 58 -19.69 -12.89 19.28
N VAL C 59 -20.33 -12.06 18.46
CA VAL C 59 -21.76 -12.18 18.23
C VAL C 59 -22.08 -13.42 17.38
N PRO C 60 -22.93 -14.30 17.91
CA PRO C 60 -23.33 -15.55 17.24
C PRO C 60 -23.85 -15.34 15.82
N SER C 61 -23.66 -16.32 14.97
CA SER C 61 -24.02 -16.20 13.55
C SER C 61 -25.53 -16.30 13.33
N ARG C 62 -26.29 -16.48 14.40
CA ARG C 62 -27.74 -16.54 14.30
C ARG C 62 -28.33 -15.15 14.12
N PHE C 63 -27.51 -14.13 14.36
CA PHE C 63 -27.92 -12.74 14.16
C PHE C 63 -27.64 -12.29 12.73
N SER C 64 -28.63 -11.67 12.10
CA SER C 64 -28.50 -11.26 10.71
C SER C 64 -28.78 -9.77 10.54
N GLY C 65 -28.04 -9.14 9.64
CA GLY C 65 -28.25 -7.74 9.31
C GLY C 65 -28.70 -7.57 7.87
N SER C 66 -29.95 -7.21 7.69
CA SER C 66 -30.54 -7.11 6.35
C SER C 66 -31.08 -5.72 6.06
N ARG C 67 -31.25 -5.42 4.78
CA ARG C 67 -31.76 -4.12 4.35
C ARG C 67 -32.57 -4.26 3.07
N SER C 68 -33.85 -3.92 3.15
CA SER C 68 -34.75 -3.98 2.01
C SER C 68 -35.38 -2.63 1.75
N GLY C 69 -34.73 -1.82 0.92
CA GLY C 69 -35.23 -0.50 0.58
C GLY C 69 -34.97 0.53 1.66
N THR C 70 -36.03 0.96 2.32
CA THR C 70 -35.93 2.00 3.34
C THR C 70 -35.97 1.43 4.76
N ASP C 71 -36.23 0.13 4.86
CA ASP C 71 -36.32 -0.54 6.16
C ASP C 71 -35.15 -1.49 6.39
N PHE C 72 -34.58 -1.43 7.59
CA PHE C 72 -33.53 -2.38 7.98
C PHE C 72 -34.11 -3.38 8.97
N THR C 73 -33.63 -4.63 8.90
CA THR C 73 -34.17 -5.68 9.76
C THR C 73 -33.10 -6.46 10.50
N LEU C 74 -33.27 -6.60 11.80
CA LEU C 74 -32.45 -7.50 12.62
C LEU C 74 -33.15 -8.85 12.73
N THR C 75 -32.45 -9.93 12.39
CA THR C 75 -33.06 -11.25 12.36
C THR C 75 -32.30 -12.27 13.18
N ILE C 76 -32.98 -12.84 14.17
CA ILE C 76 -32.45 -13.97 14.92
C ILE C 76 -32.99 -15.26 14.32
N SER C 77 -32.12 -16.04 13.71
CA SER C 77 -32.53 -17.27 13.04
C SER C 77 -33.14 -18.26 14.03
N SER C 78 -32.32 -18.74 14.95
CA SER C 78 -32.80 -19.64 16.00
C SER C 78 -32.66 -18.96 17.36
N LEU C 79 -33.79 -18.50 17.90
CA LEU C 79 -33.80 -17.76 19.16
C LEU C 79 -33.29 -18.61 20.33
N GLN C 80 -32.52 -17.98 21.21
CA GLN C 80 -31.95 -18.65 22.36
C GLN C 80 -32.44 -17.99 23.65
N PRO C 81 -32.44 -18.74 24.77
CA PRO C 81 -32.89 -18.19 26.04
C PRO C 81 -32.04 -17.02 26.55
N GLU C 82 -30.81 -16.89 26.05
CA GLU C 82 -29.94 -15.79 26.44
C GLU C 82 -30.11 -14.60 25.52
N ASP C 83 -31.02 -14.72 24.55
CA ASP C 83 -31.25 -13.66 23.58
C ASP C 83 -32.50 -12.83 23.89
N PHE C 84 -33.09 -13.08 25.06
CA PHE C 84 -34.28 -12.33 25.46
C PHE C 84 -33.90 -11.00 26.10
N ALA C 85 -33.93 -9.94 25.29
CA ALA C 85 -33.57 -8.60 25.74
C ALA C 85 -34.27 -7.53 24.90
N THR C 86 -33.84 -6.29 25.07
CA THR C 86 -34.35 -5.19 24.26
C THR C 86 -33.32 -4.79 23.22
N TYR C 87 -33.74 -4.69 21.96
CA TYR C 87 -32.84 -4.37 20.87
C TYR C 87 -33.10 -2.98 20.29
N TYR C 88 -32.06 -2.15 20.28
CA TYR C 88 -32.16 -0.80 19.76
C TYR C 88 -31.44 -0.68 18.42
N CYS C 89 -32.02 0.06 17.49
CA CYS C 89 -31.33 0.39 16.24
C CYS C 89 -30.75 1.79 16.33
N GLN C 90 -29.53 1.97 15.85
CA GLN C 90 -28.83 3.24 15.97
C GLN C 90 -28.35 3.74 14.62
N GLN C 91 -28.71 4.98 14.29
CA GLN C 91 -28.32 5.57 13.02
C GLN C 91 -27.37 6.74 13.21
N SER C 92 -26.23 6.69 12.52
CA SER C 92 -25.30 7.81 12.49
C SER C 92 -25.60 8.68 11.28
N SER C 93 -25.64 9.99 11.50
CA SER C 93 -26.06 10.93 10.44
C SER C 93 -24.98 12.03 10.28
N PRO C 94 -25.19 12.95 9.34
CA PRO C 94 -24.39 14.14 9.13
C PRO C 94 -24.34 15.03 10.38
N SER C 95 -23.36 15.93 10.43
CA SER C 95 -23.14 16.83 11.56
C SER C 95 -22.84 16.07 12.84
N PHE C 96 -22.18 14.92 12.69
CA PHE C 96 -21.67 14.14 13.84
C PHE C 96 -22.77 13.75 14.81
N LEU C 97 -23.94 13.40 14.28
CA LEU C 97 -25.11 13.11 15.10
C LEU C 97 -25.36 11.61 15.25
N ILE C 98 -26.07 11.25 16.33
CA ILE C 98 -26.42 9.87 16.61
C ILE C 98 -27.86 9.76 17.08
N THR C 99 -28.67 8.94 16.40
CA THR C 99 -30.06 8.74 16.77
C THR C 99 -30.37 7.27 17.05
N PHE C 100 -31.05 7.01 18.16
CA PHE C 100 -31.48 5.66 18.48
C PHE C 100 -32.96 5.47 18.16
N GLY C 101 -33.43 4.23 18.26
CA GLY C 101 -34.85 3.95 18.16
C GLY C 101 -35.41 3.79 19.57
N GLN C 102 -36.73 3.70 19.68
CA GLN C 102 -37.35 3.53 20.99
C GLN C 102 -37.08 2.12 21.53
N GLY C 103 -36.72 1.23 20.62
CA GLY C 103 -36.33 -0.12 21.00
C GLY C 103 -37.44 -1.15 20.88
N THR C 104 -37.05 -2.41 20.75
CA THR C 104 -37.99 -3.52 20.72
C THR C 104 -37.63 -4.55 21.77
N LYS C 105 -38.52 -4.76 22.74
CA LYS C 105 -38.28 -5.74 23.79
C LYS C 105 -38.78 -7.12 23.37
N VAL C 106 -37.88 -8.09 23.36
CA VAL C 106 -38.25 -9.46 23.02
C VAL C 106 -38.51 -10.28 24.27
N GLU C 107 -39.75 -10.71 24.44
CA GLU C 107 -40.16 -11.43 25.65
C GLU C 107 -40.42 -12.90 25.36
N ILE C 108 -40.65 -13.68 26.41
CA ILE C 108 -40.88 -15.11 26.29
C ILE C 108 -42.36 -15.44 26.11
N LYS C 109 -42.68 -16.19 25.07
CA LYS C 109 -44.04 -16.61 24.81
C LYS C 109 -44.35 -17.94 25.49
N ARG C 110 -45.49 -18.00 26.17
CA ARG C 110 -45.88 -19.22 26.88
C ARG C 110 -47.40 -19.34 27.00
N THR C 111 -47.86 -20.44 27.59
CA THR C 111 -49.29 -20.70 27.74
C THR C 111 -50.00 -19.63 28.54
N VAL C 112 -51.22 -19.31 28.10
CA VAL C 112 -52.05 -18.32 28.79
C VAL C 112 -52.46 -18.82 30.17
N ALA C 113 -52.30 -17.96 31.18
CA ALA C 113 -52.65 -18.32 32.55
C ALA C 113 -53.53 -17.27 33.20
N ALA C 114 -54.39 -17.72 34.11
CA ALA C 114 -55.30 -16.83 34.83
C ALA C 114 -54.60 -16.17 36.02
N PRO C 115 -54.88 -14.88 36.25
CA PRO C 115 -54.29 -14.13 37.36
C PRO C 115 -54.98 -14.38 38.69
N SER C 116 -54.21 -14.78 39.70
CA SER C 116 -54.74 -14.87 41.06
C SER C 116 -54.96 -13.46 41.59
N VAL C 117 -56.22 -13.05 41.62
CA VAL C 117 -56.57 -11.67 41.95
C VAL C 117 -56.98 -11.51 43.40
N PHE C 118 -56.39 -10.52 44.08
CA PHE C 118 -56.75 -10.21 45.46
C PHE C 118 -57.01 -8.72 45.62
N ILE C 119 -57.53 -8.34 46.79
CA ILE C 119 -57.74 -6.92 47.09
C ILE C 119 -57.43 -6.66 48.56
N PHE C 120 -57.07 -5.43 48.89
CA PHE C 120 -56.67 -5.09 50.26
C PHE C 120 -57.21 -3.72 50.68
N PRO C 121 -57.64 -3.62 51.95
CA PRO C 121 -58.20 -2.38 52.51
C PRO C 121 -57.13 -1.45 53.07
N PRO C 122 -57.42 -0.13 53.10
CA PRO C 122 -56.55 0.87 53.71
C PRO C 122 -56.31 0.65 55.19
N SER C 125 -51.80 -0.67 61.70
CA SER C 125 -51.95 0.78 61.73
C SER C 125 -52.71 1.13 60.46
N GLN C 126 -52.84 2.43 60.22
CA GLN C 126 -53.54 2.89 59.05
C GLN C 126 -52.94 4.14 58.46
N LEU C 127 -53.72 4.82 57.63
CA LEU C 127 -53.26 6.03 57.00
C LEU C 127 -53.57 7.09 58.03
N LYS C 128 -53.62 8.34 57.59
CA LYS C 128 -53.85 9.45 58.49
C LYS C 128 -53.62 10.78 57.77
N THR C 131 -56.42 10.79 52.34
CA THR C 131 -55.31 9.84 52.26
C THR C 131 -55.82 8.40 52.33
N ALA C 132 -56.43 7.95 51.23
CA ALA C 132 -56.99 6.60 51.12
C ALA C 132 -56.21 5.75 50.12
N SER C 133 -55.78 4.57 50.56
CA SER C 133 -54.95 3.70 49.74
C SER C 133 -55.42 2.25 49.74
N VAL C 134 -55.92 1.79 48.60
CA VAL C 134 -56.35 0.40 48.45
C VAL C 134 -55.67 -0.24 47.25
N VAL C 135 -55.27 -1.51 47.40
CA VAL C 135 -54.50 -2.20 46.38
C VAL C 135 -55.28 -3.33 45.72
N CYS C 136 -55.12 -3.49 44.41
CA CYS C 136 -55.71 -4.60 43.67
C CYS C 136 -54.61 -5.38 42.97
N LEU C 137 -54.31 -6.57 43.49
CA LEU C 137 -53.19 -7.37 43.00
C LEU C 137 -53.61 -8.38 41.94
N LEU C 138 -52.79 -8.54 40.92
CA LEU C 138 -52.99 -9.53 39.87
C LEU C 138 -51.72 -10.35 39.70
N ASN C 139 -51.67 -11.53 40.33
CA ASN C 139 -50.41 -12.27 40.42
C ASN C 139 -50.23 -13.48 39.51
N ASN C 140 -49.05 -13.57 38.91
CA ASN C 140 -48.67 -14.71 38.09
C ASN C 140 -49.61 -15.02 36.93
N PHE C 141 -49.71 -14.09 35.99
CA PHE C 141 -50.44 -14.36 34.75
C PHE C 141 -49.78 -14.09 33.40
N TYR C 142 -50.40 -14.62 32.35
CA TYR C 142 -49.93 -14.42 30.98
C TYR C 142 -51.13 -14.51 30.04
N PRO C 143 -51.18 -13.62 29.03
CA PRO C 143 -50.23 -12.57 28.70
C PRO C 143 -50.34 -11.35 29.62
N ARG C 144 -49.57 -10.30 29.30
CA ARG C 144 -49.51 -9.11 30.15
C ARG C 144 -50.78 -8.28 30.08
N GLU C 145 -51.36 -8.19 28.88
CA GLU C 145 -52.57 -7.40 28.67
C GLU C 145 -53.69 -7.75 29.62
N ALA C 146 -54.22 -6.74 30.30
CA ALA C 146 -55.33 -6.92 31.24
C ALA C 146 -56.11 -5.61 31.37
N LYS C 147 -57.25 -5.68 32.06
CA LYS C 147 -58.07 -4.50 32.27
C LYS C 147 -58.61 -4.44 33.69
N VAL C 148 -58.25 -3.40 34.42
CA VAL C 148 -58.67 -3.24 35.81
C VAL C 148 -59.48 -1.96 36.01
N GLN C 149 -60.73 -2.13 36.41
CA GLN C 149 -61.60 -1.00 36.73
C GLN C 149 -62.24 -1.23 38.10
N TRP C 150 -62.51 -0.11 38.76
CA TRP C 150 -62.95 -0.07 40.14
C TRP C 150 -64.39 0.34 40.30
N LYS C 151 -64.94 -0.03 41.45
CA LYS C 151 -66.29 0.31 41.86
C LYS C 151 -66.53 1.81 41.83
N LEU C 156 -66.59 3.51 38.49
CA LEU C 156 -65.22 4.04 38.53
C LEU C 156 -65.03 5.33 37.74
N GLN C 157 -63.86 5.94 37.87
CA GLN C 157 -63.62 7.27 37.33
C GLN C 157 -62.32 7.42 36.53
N SER C 158 -62.05 8.65 36.12
CA SER C 158 -60.91 8.97 35.26
C SER C 158 -59.57 9.34 35.91
N GLY C 159 -58.54 8.63 35.46
CA GLY C 159 -57.14 8.87 35.81
C GLY C 159 -56.91 9.06 37.30
N ASN C 160 -57.63 8.31 38.12
CA ASN C 160 -57.46 8.37 39.56
C ASN C 160 -56.20 7.66 40.02
N SER C 161 -55.60 6.89 39.12
CA SER C 161 -54.62 5.91 39.56
C SER C 161 -53.59 5.43 38.54
N GLN C 162 -52.34 5.34 39.00
CA GLN C 162 -51.28 4.70 38.25
C GLN C 162 -51.38 3.18 38.39
N GLU C 163 -50.89 2.46 37.38
CA GLU C 163 -50.89 1.00 37.41
C GLU C 163 -49.49 0.46 37.14
N SER C 164 -49.03 -0.45 38.01
CA SER C 164 -47.66 -0.95 37.93
C SER C 164 -47.59 -2.41 37.52
N VAL C 165 -46.74 -2.71 36.54
CA VAL C 165 -46.54 -4.08 36.07
C VAL C 165 -45.08 -4.50 36.22
N THR C 166 -44.86 -5.75 36.60
CA THR C 166 -43.51 -6.29 36.75
C THR C 166 -43.02 -6.90 35.45
N GLU C 167 -41.74 -7.23 35.40
CA GLU C 167 -41.18 -7.97 34.28
C GLU C 167 -41.40 -9.46 34.51
N GLN C 168 -41.22 -10.26 33.46
CA GLN C 168 -41.47 -11.69 33.53
C GLN C 168 -40.65 -12.37 34.62
N ASP C 169 -41.32 -13.20 35.41
CA ASP C 169 -40.67 -13.94 36.50
C ASP C 169 -39.57 -14.84 35.94
N SER C 170 -38.51 -15.00 36.71
CA SER C 170 -37.35 -15.77 36.27
C SER C 170 -37.64 -17.27 36.19
N LYS C 171 -38.70 -17.70 36.86
CA LYS C 171 -39.05 -19.16 36.92
C LYS C 171 -40.19 -19.65 36.09
N ASP C 172 -41.29 -18.89 36.04
CA ASP C 172 -42.52 -19.39 35.37
C ASP C 172 -42.80 -18.43 34.21
N SER C 173 -41.98 -17.40 34.06
CA SER C 173 -42.10 -16.43 32.96
C SER C 173 -43.49 -15.78 32.92
N THR C 174 -44.00 -15.41 34.09
CA THR C 174 -45.29 -14.75 34.18
C THR C 174 -45.14 -13.32 34.67
N TYR C 175 -46.23 -12.56 34.63
CA TYR C 175 -46.21 -11.17 35.06
C TYR C 175 -46.90 -10.99 36.41
N SER C 176 -47.07 -9.73 36.80
CA SER C 176 -47.81 -9.36 38.01
C SER C 176 -48.19 -7.89 37.94
N LEU C 177 -49.45 -7.59 38.23
CA LEU C 177 -49.94 -6.22 38.11
C LEU C 177 -50.54 -5.72 39.43
N SER C 178 -50.34 -4.44 39.70
CA SER C 178 -50.92 -3.81 40.88
C SER C 178 -51.49 -2.44 40.54
N SER C 179 -52.80 -2.37 40.36
CA SER C 179 -53.48 -1.12 40.08
C SER C 179 -53.70 -0.34 41.37
N THR C 180 -53.00 0.77 41.52
CA THR C 180 -53.10 1.61 42.70
C THR C 180 -54.50 2.22 42.83
N LEU C 181 -54.77 2.80 44.01
CA LEU C 181 -55.92 3.69 44.24
C LEU C 181 -55.99 4.03 45.73
N LYS C 185 -58.83 10.91 49.77
CA LYS C 185 -59.67 10.70 50.94
C LYS C 185 -60.85 11.66 50.96
N ALA C 186 -61.57 11.73 49.85
CA ALA C 186 -62.72 12.63 49.74
C ALA C 186 -64.02 11.83 49.61
N ASP C 187 -63.91 10.61 49.11
CA ASP C 187 -65.08 9.75 48.93
C ASP C 187 -65.05 8.55 49.87
N TYR C 188 -63.86 8.19 50.34
CA TYR C 188 -63.70 7.07 51.25
C TYR C 188 -64.47 7.30 52.55
N GLU C 189 -64.66 6.23 53.31
CA GLU C 189 -65.39 6.32 54.57
C GLU C 189 -66.74 6.99 54.36
N LYS C 190 -67.20 6.99 53.11
CA LYS C 190 -68.48 7.59 52.78
C LYS C 190 -69.30 6.41 52.23
N HIS C 191 -68.60 5.39 51.75
CA HIS C 191 -69.24 4.21 51.21
C HIS C 191 -68.54 3.00 51.83
N CYS C 196 -63.36 -4.86 42.72
CA CYS C 196 -62.31 -4.74 41.72
C CYS C 196 -62.46 -5.81 40.64
N GLU C 197 -63.29 -5.52 39.64
CA GLU C 197 -63.52 -6.44 38.54
C GLU C 197 -62.37 -6.39 37.54
N VAL C 198 -61.85 -7.55 37.16
CA VAL C 198 -60.74 -7.65 36.23
C VAL C 198 -61.11 -8.49 35.00
N THR C 199 -61.24 -7.82 33.86
CA THR C 199 -61.60 -8.49 32.62
C THR C 199 -60.35 -8.97 31.89
N HIS C 200 -59.95 -10.22 32.12
CA HIS C 200 -58.75 -10.76 31.51
C HIS C 200 -59.03 -11.93 30.58
N GLN C 201 -58.11 -12.16 29.65
CA GLN C 201 -58.20 -13.22 28.65
C GLN C 201 -58.23 -14.62 29.26
N GLY C 202 -57.33 -14.88 30.19
CA GLY C 202 -57.16 -16.21 30.75
C GLY C 202 -58.28 -16.69 31.66
N LEU C 203 -59.24 -15.80 31.95
CA LEU C 203 -60.36 -16.15 32.80
C LEU C 203 -61.63 -16.40 31.97
N SER C 204 -62.55 -17.14 32.56
CA SER C 204 -63.83 -17.45 31.90
C SER C 204 -64.59 -16.17 31.59
N SER C 205 -64.75 -15.35 32.61
CA SER C 205 -65.43 -14.05 32.51
C SER C 205 -64.94 -13.20 33.67
N PRO C 206 -65.08 -11.85 33.57
CA PRO C 206 -64.59 -10.93 34.60
C PRO C 206 -64.85 -11.38 36.04
N VAL C 207 -63.78 -11.75 36.74
CA VAL C 207 -63.87 -12.15 38.14
C VAL C 207 -63.72 -10.93 39.04
N THR C 208 -64.12 -11.05 40.30
CA THR C 208 -64.08 -9.92 41.22
C THR C 208 -63.91 -10.34 42.67
N LYS C 209 -62.95 -9.73 43.35
CA LYS C 209 -62.84 -9.85 44.79
C LYS C 209 -63.32 -8.55 45.42
N SER C 210 -64.44 -8.63 46.15
CA SER C 210 -65.18 -7.43 46.55
C SER C 210 -65.31 -7.27 48.06
N PHE C 211 -64.76 -6.19 48.60
CA PHE C 211 -64.83 -5.90 50.04
C PHE C 211 -64.99 -4.43 50.33
N ASN C 212 -66.12 -4.03 50.91
CA ASN C 212 -66.43 -2.62 51.03
C ASN C 212 -67.07 -2.36 52.39
N ARG C 213 -66.51 -1.39 53.09
CA ARG C 213 -66.94 -1.03 54.44
C ARG C 213 -66.87 0.48 54.64
N GLY D 1 -2.97 5.60 -15.09
CA GLY D 1 -2.49 4.79 -13.98
C GLY D 1 -2.22 5.61 -12.74
N ILE D 2 -1.65 4.97 -11.72
CA ILE D 2 -1.33 5.67 -10.47
C ILE D 2 0.16 5.59 -10.16
N VAL D 3 0.58 6.39 -9.19
CA VAL D 3 1.99 6.53 -8.83
C VAL D 3 2.64 5.21 -8.43
N GLU D 4 3.97 5.19 -8.44
CA GLU D 4 4.71 3.97 -8.17
C GLU D 4 6.08 4.28 -7.56
N TYR D 14 22.71 4.84 -7.39
CA TYR D 14 23.10 4.66 -6.00
C TYR D 14 22.03 5.20 -5.05
N GLN D 15 21.67 6.46 -5.23
CA GLN D 15 20.65 7.09 -4.39
C GLN D 15 19.31 7.17 -5.11
N LEU D 16 18.30 7.61 -4.35
CA LEU D 16 16.92 7.62 -4.83
C LEU D 16 16.75 7.90 -6.32
N1 EPE E . 22.93 -14.80 -25.45
C2 EPE E . 24.25 -15.02 -24.82
C3 EPE E . 24.23 -16.28 -23.98
N4 EPE E . 23.09 -16.31 -23.08
C5 EPE E . 21.79 -15.93 -23.59
C6 EPE E . 21.88 -14.65 -24.44
C7 EPE E . 23.20 -16.97 -21.80
C8 EPE E . 24.28 -16.33 -20.93
O8 EPE E . 23.77 -15.18 -20.31
C9 EPE E . 22.99 -13.57 -26.27
C10 EPE E . 23.37 -13.94 -27.69
S EPE E . 23.09 -12.59 -28.87
O1S EPE E . 23.50 -13.02 -30.20
O2S EPE E . 23.86 -11.42 -28.47
O3S EPE E . 21.66 -12.24 -28.89
ZN ZN F . 25.40 7.90 -3.90
#